data_3WA3
#
_entry.id   3WA3
#
_cell.length_a   191.607
_cell.length_b   63.036
_cell.length_c   158.006
_cell.angle_alpha   90.000
_cell.angle_beta   117.440
_cell.angle_gamma   90.000
#
_symmetry.space_group_name_H-M   'C 1 2 1'
#
loop_
_entity.id
_entity.type
_entity.pdbx_description
1 polymer 'Phenylethylamine oxidase'
2 non-polymer 'COPPER (II) ION'
3 non-polymer 'SODIUM ION'
4 non-polymer 'TRIETHYLENE GLYCOL'
5 non-polymer 'TETRAETHYLENE GLYCOL'
6 non-polymer 'PENTAETHYLENE GLYCOL'
7 non-polymer 1,2-ETHANEDIOL
8 non-polymer DI(HYDROXYETHYL)ETHER
9 non-polymer 'NITROGEN MOLECULE'
10 water water
#
_entity_poly.entity_id   1
_entity_poly.type   'polypeptide(L)'
_entity_poly.pdbx_seq_one_letter_code
;ASPFRLASAGEISEVQGILRTAGLLGPEKRIAYLGVLDPARGAGSEAEDRRFRVFIHDVSGARPQEVTVSVTNGTVISAV
ELDTAATGELPVLEEEFEVVEQLLATDERWLKALAARNLDVSKVRVAPLSAGVFEYAEERGRRILRGLAFVQDFPEDSAW
AHPVDGLVAYVDVVSKEVTRVIDTGVFPVPAEHGNYTDPELTGPLRTTQKPISITQPEGPSFTVTGGNHIEWEKWSLDVG
FDVREGVVLHNIAFRDGDRLRPIINRASIAEMVVPYGDPSPIRSWQNYFDTGEYLVGQYANSLELGCDCLGDITYLSPVI
SDAFGNPREIRNGICMHEEDWGILAKHSDLWSGINYTRRNRRMVISFFTTIGN(TPQ)DYGFYWYLYLDGTIEFEAKATG
VVFTSAFPEGGSDNISQLAPGLGAPFHQHIFSARLDMAIDGFTNRVEEEDVVRQTMGPGNERGNAFSRKRTVLTRESEAV
READARTGRTWIISNPESKNRLNEPVGYKLHAHNQPTLLADPGSSIARRAAFATKDLWVTRYADDERYPTGDFVNQHSGG
AGLPSYIAQDRDIDGQDIVVWHTFGLTHFPRVEDWPIMPVDTVGFKLRPEGFFDRSPVLDVPANP
;
_entity_poly.pdbx_strand_id   A,B
#
loop_
_chem_comp.id
_chem_comp.type
_chem_comp.name
_chem_comp.formula
1PE non-polymer 'PENTAETHYLENE GLYCOL' 'C10 H22 O6'
CU non-polymer 'COPPER (II) ION' 'Cu 2'
EDO non-polymer 1,2-ETHANEDIOL 'C2 H6 O2'
HDZ non-polymer 'NITROGEN MOLECULE' N2
NA non-polymer 'SODIUM ION' 'Na 1'
PEG non-polymer DI(HYDROXYETHYL)ETHER 'C4 H10 O3'
PG4 non-polymer 'TETRAETHYLENE GLYCOL' 'C8 H18 O5'
PGE non-polymer 'TRIETHYLENE GLYCOL' 'C6 H14 O4'
#
# COMPACT_ATOMS: atom_id res chain seq x y z
N ALA A 1 36.00 3.27 8.74
CA ALA A 1 35.44 3.78 7.48
C ALA A 1 34.10 4.49 7.71
N SER A 2 33.86 5.59 6.98
CA SER A 2 32.65 6.37 7.19
C SER A 2 31.44 5.69 6.58
N PRO A 3 30.34 5.60 7.34
CA PRO A 3 29.15 5.02 6.71
C PRO A 3 28.58 5.89 5.59
N PHE A 4 29.05 7.13 5.46
CA PHE A 4 28.58 8.00 4.38
C PHE A 4 29.48 8.01 3.14
N ARG A 5 30.49 7.15 3.10
CA ARG A 5 31.34 7.10 1.91
C ARG A 5 30.53 6.76 0.65
N LEU A 6 31.03 7.18 -0.51
CA LEU A 6 30.45 6.85 -1.79
C LEU A 6 30.51 5.35 -2.01
N ALA A 7 29.51 4.82 -2.70
CA ALA A 7 29.50 3.40 -3.10
C ALA A 7 30.76 3.10 -3.89
N SER A 8 31.36 1.95 -3.63
CA SER A 8 32.53 1.55 -4.40
C SER A 8 32.07 0.52 -5.43
N ALA A 9 32.87 0.29 -6.47
CA ALA A 9 32.53 -0.74 -7.46
C ALA A 9 32.29 -2.08 -6.81
N GLY A 10 33.12 -2.39 -5.82
CA GLY A 10 33.03 -3.66 -5.11
C GLY A 10 31.68 -3.87 -4.42
N GLU A 11 31.16 -2.79 -3.83
CA GLU A 11 29.86 -2.88 -3.20
C GLU A 11 28.77 -3.19 -4.22
N ILE A 12 28.83 -2.52 -5.39
CA ILE A 12 27.86 -2.78 -6.45
C ILE A 12 27.97 -4.23 -6.88
N SER A 13 29.20 -4.71 -7.06
CA SER A 13 29.39 -6.10 -7.49
C SER A 13 28.79 -7.09 -6.49
N GLU A 14 28.90 -6.77 -5.21
CA GLU A 14 28.34 -7.64 -4.16
CA GLU A 14 28.36 -7.63 -4.15
C GLU A 14 26.82 -7.60 -4.14
N VAL A 15 26.25 -6.43 -4.38
CA VAL A 15 24.81 -6.41 -4.55
C VAL A 15 24.35 -7.30 -5.69
N GLN A 16 24.97 -7.17 -6.86
CA GLN A 16 24.70 -8.05 -8.00
C GLN A 16 24.72 -9.52 -7.56
N GLY A 17 25.77 -9.91 -6.84
CA GLY A 17 25.95 -11.29 -6.41
C GLY A 17 24.88 -11.75 -5.45
N ILE A 18 24.56 -10.92 -4.47
CA ILE A 18 23.48 -11.20 -3.52
C ILE A 18 22.15 -11.38 -4.26
N LEU A 19 21.82 -10.44 -5.15
CA LEU A 19 20.58 -10.54 -5.89
C LEU A 19 20.60 -11.81 -6.73
N ARG A 20 21.76 -12.12 -7.28
CA ARG A 20 22.01 -13.41 -7.93
C ARG A 20 21.89 -14.58 -6.97
N THR A 21 22.80 -14.67 -5.98
CA THR A 21 22.80 -15.79 -5.02
C THR A 21 21.41 -16.03 -4.42
N ALA A 22 20.64 -14.94 -4.24
CA ALA A 22 19.26 -15.00 -3.73
C ALA A 22 18.17 -15.27 -4.78
N GLY A 23 18.53 -15.28 -6.06
CA GLY A 23 17.57 -15.56 -7.12
C GLY A 23 16.69 -14.45 -7.67
N LEU A 24 17.08 -13.20 -7.45
CA LEU A 24 16.27 -12.04 -7.85
C LEU A 24 16.84 -11.28 -9.03
N LEU A 25 17.97 -11.73 -9.55
CA LEU A 25 18.56 -10.99 -10.65
C LEU A 25 18.77 -11.97 -11.76
N GLY A 26 17.65 -12.51 -12.25
CA GLY A 26 17.65 -13.44 -13.34
C GLY A 26 18.25 -12.78 -14.55
N PRO A 27 18.20 -13.48 -15.69
CA PRO A 27 18.65 -13.02 -17.00
C PRO A 27 17.71 -11.97 -17.56
N GLU A 28 16.44 -12.00 -17.14
CA GLU A 28 15.40 -11.15 -17.71
C GLU A 28 15.09 -9.91 -16.85
N LYS A 29 15.89 -9.70 -15.83
CA LYS A 29 15.65 -8.59 -14.94
C LYS A 29 16.42 -7.37 -15.45
N ARG A 30 15.96 -6.17 -15.08
CA ARG A 30 16.69 -4.94 -15.39
C ARG A 30 16.66 -4.06 -14.14
N ILE A 31 17.84 -3.68 -13.63
CA ILE A 31 17.88 -2.75 -12.50
C ILE A 31 17.55 -1.34 -12.98
N ALA A 32 16.47 -0.77 -12.45
CA ALA A 32 16.00 0.55 -12.84
C ALA A 32 16.52 1.62 -11.89
N TYR A 33 16.92 1.21 -10.69
CA TYR A 33 17.46 2.12 -9.68
C TYR A 33 18.26 1.29 -8.68
N LEU A 34 19.45 1.78 -8.28
CA LEU A 34 20.24 1.15 -7.21
C LEU A 34 20.94 2.28 -6.48
N GLY A 35 20.85 2.27 -5.15
CA GLY A 35 21.57 3.28 -4.40
C GLY A 35 21.80 2.85 -2.95
N VAL A 36 22.89 3.31 -2.36
CA VAL A 36 23.17 3.07 -0.96
C VAL A 36 22.16 3.84 -0.10
N LEU A 37 21.72 3.22 0.98
CA LEU A 37 20.86 3.89 1.93
C LEU A 37 21.68 4.65 2.95
N ASP A 38 21.13 5.74 3.45
CA ASP A 38 21.80 6.45 4.52
C ASP A 38 21.68 5.65 5.82
N PRO A 39 22.58 5.91 6.76
CA PRO A 39 22.52 5.24 8.06
C PRO A 39 21.26 5.64 8.82
N ALA A 40 20.70 4.71 9.59
CA ALA A 40 19.49 5.01 10.34
C ALA A 40 19.85 5.95 11.48
N ARG A 41 18.84 6.68 11.98
CA ARG A 41 19.04 7.61 13.07
C ARG A 41 19.72 6.93 14.26
N GLY A 42 20.72 7.61 14.82
CA GLY A 42 21.41 7.13 16.01
C GLY A 42 22.19 5.84 15.88
N ALA A 43 21.88 5.04 14.86
CA ALA A 43 22.55 3.75 14.63
C ALA A 43 24.07 3.88 14.54
N GLY A 44 24.53 5.09 14.24
CA GLY A 44 25.94 5.36 14.05
C GLY A 44 26.77 5.50 15.32
N SER A 45 26.53 4.64 16.29
CA SER A 45 27.39 4.51 17.46
C SER A 45 28.83 4.31 16.99
N GLU A 46 29.06 3.17 16.32
CA GLU A 46 30.35 2.81 15.70
C GLU A 46 30.32 1.39 15.08
N ALA A 47 29.62 1.20 13.95
CA ALA A 47 29.46 -0.16 13.37
C ALA A 47 29.03 -0.25 11.88
N GLU A 48 29.86 -0.89 11.05
CA GLU A 48 29.61 -1.02 9.59
C GLU A 48 28.23 -1.63 9.26
N ASP A 49 27.51 -0.98 8.35
CA ASP A 49 26.21 -1.51 7.95
C ASP A 49 25.73 -0.81 6.69
N ARG A 50 26.15 -1.35 5.56
CA ARG A 50 25.91 -0.73 4.27
C ARG A 50 24.78 -1.48 3.57
N ARG A 51 23.69 -0.76 3.33
CA ARG A 51 22.55 -1.38 2.70
C ARG A 51 22.29 -0.65 1.40
N PHE A 52 21.81 -1.39 0.43
CA PHE A 52 21.47 -0.83 -0.87
C PHE A 52 20.00 -1.12 -1.19
N ARG A 53 19.33 -0.12 -1.75
N ARG A 53 19.36 -0.13 -1.80
CA ARG A 53 17.96 -0.31 -2.22
CA ARG A 53 17.97 -0.29 -2.21
C ARG A 53 17.97 -0.41 -3.74
C ARG A 53 17.96 -0.40 -3.73
N VAL A 54 17.17 -1.34 -4.26
CA VAL A 54 17.17 -1.63 -5.69
C VAL A 54 15.74 -1.80 -6.19
N PHE A 55 15.46 -1.23 -7.36
CA PHE A 55 14.18 -1.40 -8.06
C PHE A 55 14.50 -2.29 -9.28
N ILE A 56 13.85 -3.46 -9.40
CA ILE A 56 14.16 -4.41 -10.46
C ILE A 56 12.96 -4.65 -11.40
N HIS A 57 13.14 -4.28 -12.66
CA HIS A 57 12.14 -4.41 -13.71
C HIS A 57 12.23 -5.81 -14.33
N ASP A 58 11.15 -6.26 -14.93
CA ASP A 58 11.12 -7.57 -15.61
C ASP A 58 10.61 -7.40 -17.05
N VAL A 59 11.44 -7.73 -18.03
CA VAL A 59 11.05 -7.49 -19.42
C VAL A 59 10.17 -8.61 -19.95
N SER A 60 10.03 -9.69 -19.17
CA SER A 60 9.20 -10.81 -19.58
C SER A 60 7.72 -10.60 -19.22
N GLY A 61 7.44 -9.54 -18.48
CA GLY A 61 6.07 -9.24 -18.11
C GLY A 61 5.70 -9.59 -16.68
N ALA A 62 6.64 -10.14 -15.92
CA ALA A 62 6.34 -10.47 -14.53
C ALA A 62 6.41 -9.19 -13.73
N ARG A 63 6.00 -9.27 -12.46
CA ARG A 63 5.95 -8.10 -11.59
C ARG A 63 7.35 -7.66 -11.20
N PRO A 64 7.56 -6.35 -11.13
CA PRO A 64 8.85 -5.78 -10.71
C PRO A 64 8.98 -5.93 -9.21
N GLN A 65 10.17 -5.66 -8.68
CA GLN A 65 10.39 -5.80 -7.25
C GLN A 65 11.16 -4.62 -6.67
N GLU A 66 10.87 -4.30 -5.42
CA GLU A 66 11.74 -3.45 -4.62
C GLU A 66 12.49 -4.34 -3.64
N VAL A 67 13.80 -4.19 -3.62
CA VAL A 67 14.66 -5.08 -2.82
C VAL A 67 15.66 -4.25 -2.03
N THR A 68 15.87 -4.60 -0.76
CA THR A 68 16.93 -3.98 0.03
C THR A 68 17.88 -5.09 0.42
N VAL A 69 19.17 -4.84 0.17
CA VAL A 69 20.24 -5.81 0.40
C VAL A 69 21.24 -5.25 1.44
N SER A 70 21.75 -6.08 2.35
CA SER A 70 22.93 -5.65 3.13
C SER A 70 24.22 -6.18 2.49
N VAL A 71 25.08 -5.31 1.96
CA VAL A 71 26.36 -5.81 1.38
C VAL A 71 27.38 -6.15 2.46
N THR A 72 27.27 -5.49 3.61
CA THR A 72 28.11 -5.80 4.76
C THR A 72 27.99 -7.27 5.14
N ASN A 73 26.74 -7.76 5.14
CA ASN A 73 26.43 -9.12 5.61
C ASN A 73 26.15 -10.12 4.48
N GLY A 74 25.95 -9.63 3.27
CA GLY A 74 25.70 -10.53 2.15
C GLY A 74 24.28 -11.10 2.13
N THR A 75 23.33 -10.40 2.73
CA THR A 75 21.95 -10.88 2.86
C THR A 75 20.93 -9.98 2.20
N VAL A 76 19.79 -10.56 1.80
CA VAL A 76 18.63 -9.81 1.33
C VAL A 76 17.82 -9.46 2.56
N ILE A 77 17.55 -8.18 2.76
CA ILE A 77 16.85 -7.71 3.95
C ILE A 77 15.33 -7.73 3.74
N SER A 78 14.91 -7.38 2.52
CA SER A 78 13.51 -7.41 2.14
C SER A 78 13.41 -7.46 0.63
N ALA A 79 12.39 -8.12 0.13
CA ALA A 79 12.12 -8.19 -1.30
C ALA A 79 10.62 -8.26 -1.51
N VAL A 80 10.06 -7.30 -2.22
CA VAL A 80 8.61 -7.14 -2.33
C VAL A 80 8.19 -7.04 -3.79
N GLU A 81 7.22 -7.85 -4.21
CA GLU A 81 6.66 -7.70 -5.56
C GLU A 81 5.74 -6.48 -5.60
N LEU A 82 5.91 -5.65 -6.64
CA LEU A 82 5.18 -4.41 -6.77
C LEU A 82 3.97 -4.57 -7.68
N ASP A 83 2.84 -3.99 -7.27
CA ASP A 83 1.69 -3.89 -8.14
C ASP A 83 1.73 -2.48 -8.70
N THR A 84 2.10 -2.34 -9.97
CA THR A 84 2.41 -1.01 -10.52
C THR A 84 1.20 -0.11 -10.75
N ALA A 85 0.02 -0.70 -10.95
CA ALA A 85 -1.21 0.07 -11.08
C ALA A 85 -1.48 0.80 -9.79
N ALA A 86 -1.14 0.15 -8.67
CA ALA A 86 -1.27 0.79 -7.37
C ALA A 86 -0.14 1.77 -7.04
N THR A 87 1.11 1.29 -7.00
CA THR A 87 2.19 2.14 -6.46
C THR A 87 3.10 2.85 -7.46
N GLY A 88 2.82 2.69 -8.75
CA GLY A 88 3.56 3.39 -9.80
C GLY A 88 4.47 2.46 -10.59
N GLU A 89 4.80 2.89 -11.80
CA GLU A 89 5.78 2.17 -12.62
C GLU A 89 7.20 2.59 -12.22
N LEU A 90 8.19 1.79 -12.63
CA LEU A 90 9.58 1.99 -12.24
C LEU A 90 10.20 3.07 -13.13
N PRO A 91 11.32 3.69 -12.69
CA PRO A 91 11.89 4.76 -13.53
C PRO A 91 12.21 4.31 -14.94
N VAL A 92 12.18 5.25 -15.88
CA VAL A 92 12.50 5.00 -17.27
C VAL A 92 13.90 4.37 -17.34
N LEU A 93 14.06 3.31 -18.15
CA LEU A 93 15.34 2.58 -18.27
C LEU A 93 16.17 3.19 -19.39
N GLU A 94 17.49 3.26 -19.19
CA GLU A 94 18.31 3.84 -20.24
C GLU A 94 18.13 3.03 -21.54
N GLU A 95 17.92 1.73 -21.40
CA GLU A 95 17.76 0.84 -22.55
C GLU A 95 16.51 1.14 -23.38
N GLU A 96 15.62 1.98 -22.85
CA GLU A 96 14.40 2.35 -23.57
C GLU A 96 14.59 3.59 -24.45
N PHE A 97 15.81 4.15 -24.42
CA PHE A 97 16.20 5.28 -25.27
C PHE A 97 15.67 5.18 -26.70
N GLU A 98 15.82 3.99 -27.28
CA GLU A 98 15.58 3.84 -28.71
C GLU A 98 14.31 3.04 -29.00
N VAL A 99 13.69 2.53 -27.94
CA VAL A 99 12.60 1.57 -28.11
CA VAL A 99 12.61 1.56 -28.15
C VAL A 99 11.35 2.20 -28.72
N VAL A 100 11.05 3.44 -28.31
CA VAL A 100 9.83 4.08 -28.84
C VAL A 100 10.00 4.29 -30.35
N GLU A 101 11.11 4.88 -30.75
CA GLU A 101 11.45 4.99 -32.18
C GLU A 101 11.38 3.67 -32.95
N GLN A 102 11.99 2.62 -32.38
CA GLN A 102 12.03 1.31 -33.05
C GLN A 102 10.64 0.69 -33.21
N LEU A 103 9.81 0.78 -32.17
CA LEU A 103 8.47 0.22 -32.24
C LEU A 103 7.60 0.98 -33.24
N LEU A 104 7.80 2.29 -33.31
CA LEU A 104 6.97 3.10 -34.17
C LEU A 104 7.36 2.91 -35.62
N ALA A 105 8.61 2.54 -35.84
CA ALA A 105 9.15 2.52 -37.18
C ALA A 105 8.51 1.41 -38.06
N THR A 106 7.86 0.46 -37.41
CA THR A 106 7.20 -0.63 -38.13
C THR A 106 5.66 -0.55 -38.03
N ASP A 107 5.16 0.49 -37.40
CA ASP A 107 3.73 0.62 -37.21
C ASP A 107 3.12 1.29 -38.41
N GLU A 108 2.07 0.68 -38.96
CA GLU A 108 1.49 1.23 -40.18
C GLU A 108 0.85 2.61 -40.02
N ARG A 109 0.31 2.91 -38.84
CA ARG A 109 -0.27 4.23 -38.58
C ARG A 109 0.83 5.29 -38.54
N TRP A 110 1.92 4.95 -37.86
CA TRP A 110 3.04 5.87 -37.75
C TRP A 110 3.63 6.11 -39.12
N LEU A 111 3.86 5.03 -39.84
CA LEU A 111 4.42 5.18 -41.19
C LEU A 111 3.50 6.01 -42.10
N LYS A 112 2.18 5.83 -41.93
CA LYS A 112 1.25 6.60 -42.77
C LYS A 112 1.35 8.10 -42.51
N ALA A 113 1.45 8.45 -41.23
CA ALA A 113 1.64 9.83 -40.83
C ALA A 113 2.96 10.42 -41.36
N LEU A 114 4.06 9.66 -41.30
CA LEU A 114 5.34 10.16 -41.81
C LEU A 114 5.26 10.32 -43.33
N ALA A 115 4.62 9.37 -43.99
CA ALA A 115 4.52 9.37 -45.45
C ALA A 115 3.71 10.56 -45.95
N ALA A 116 2.68 10.95 -45.21
CA ALA A 116 1.88 12.11 -45.57
C ALA A 116 2.74 13.36 -45.56
N ARG A 117 3.75 13.36 -44.69
CA ARG A 117 4.61 14.53 -44.50
C ARG A 117 5.92 14.38 -45.26
N ASN A 118 6.03 13.31 -46.04
CA ASN A 118 7.21 13.05 -46.88
C ASN A 118 8.49 13.01 -46.08
N LEU A 119 8.41 12.40 -44.91
CA LEU A 119 9.56 12.26 -44.03
C LEU A 119 10.16 10.85 -44.09
N ASP A 120 11.48 10.77 -44.22
CA ASP A 120 12.18 9.49 -44.30
C ASP A 120 12.22 8.88 -42.90
N VAL A 121 11.63 7.71 -42.70
CA VAL A 121 11.57 7.12 -41.34
C VAL A 121 12.98 6.92 -40.74
N SER A 122 13.97 6.70 -41.60
CA SER A 122 15.33 6.50 -41.08
C SER A 122 15.92 7.77 -40.47
N LYS A 123 15.31 8.91 -40.77
CA LYS A 123 15.75 10.20 -40.23
C LYS A 123 14.89 10.71 -39.07
N VAL A 124 13.85 9.97 -38.70
CA VAL A 124 12.94 10.43 -37.66
C VAL A 124 13.37 9.93 -36.28
N ARG A 125 13.76 10.87 -35.41
CA ARG A 125 14.12 10.54 -34.03
C ARG A 125 12.90 10.61 -33.16
N VAL A 126 12.81 9.70 -32.18
CA VAL A 126 11.73 9.72 -31.22
C VAL A 126 12.32 9.39 -29.85
N ALA A 127 11.97 10.17 -28.82
CA ALA A 127 12.49 9.92 -27.46
C ALA A 127 11.53 9.10 -26.61
N PRO A 128 12.05 8.45 -25.55
CA PRO A 128 11.17 7.82 -24.57
C PRO A 128 10.61 8.91 -23.67
N LEU A 129 9.46 9.47 -24.04
CA LEU A 129 8.87 10.54 -23.24
C LEU A 129 7.97 9.93 -22.16
N SER A 130 8.03 10.42 -20.92
CA SER A 130 7.18 9.85 -19.87
C SER A 130 5.72 10.13 -20.14
N ALA A 131 4.84 9.23 -19.67
CA ALA A 131 3.45 9.27 -20.11
C ALA A 131 2.52 10.02 -19.19
N GLY A 132 2.86 10.05 -17.90
CA GLY A 132 1.90 10.54 -16.92
C GLY A 132 0.64 9.68 -16.88
N VAL A 133 -0.42 10.25 -16.31
CA VAL A 133 -1.69 9.55 -16.18
C VAL A 133 -2.78 10.45 -16.69
N PHE A 134 -3.50 9.97 -17.69
CA PHE A 134 -4.56 10.76 -18.31
C PHE A 134 -5.87 9.96 -18.47
N GLU A 135 -6.48 9.90 -19.66
CA GLU A 135 -7.82 9.32 -19.81
C GLU A 135 -7.81 7.89 -20.35
N TYR A 136 -6.62 7.33 -20.55
CA TYR A 136 -6.47 6.05 -21.28
C TYR A 136 -6.46 4.86 -20.35
N ALA A 137 -7.59 4.16 -20.22
CA ALA A 137 -7.73 3.14 -19.19
C ALA A 137 -6.76 1.98 -19.42
N GLU A 138 -6.44 1.74 -20.70
CA GLU A 138 -5.54 0.64 -21.06
C GLU A 138 -4.12 0.82 -20.48
N GLU A 139 -3.79 2.05 -20.05
CA GLU A 139 -2.44 2.34 -19.54
C GLU A 139 -2.24 1.99 -18.07
N ARG A 140 -3.32 1.88 -17.30
CA ARG A 140 -3.20 1.62 -15.87
CA ARG A 140 -3.22 1.61 -15.86
C ARG A 140 -2.57 0.26 -15.61
N GLY A 141 -1.40 0.26 -14.99
CA GLY A 141 -0.70 -0.98 -14.70
C GLY A 141 0.18 -1.46 -15.81
N ARG A 142 0.26 -0.68 -16.90
CA ARG A 142 1.16 -0.96 -17.99
C ARG A 142 2.29 0.08 -18.04
N ARG A 143 3.47 -0.38 -18.43
CA ARG A 143 4.61 0.50 -18.63
C ARG A 143 4.54 1.16 -20.03
N ILE A 144 4.14 2.43 -20.06
CA ILE A 144 3.84 3.15 -21.30
C ILE A 144 4.89 4.22 -21.52
N LEU A 145 5.30 4.42 -22.78
CA LEU A 145 6.05 5.64 -23.11
C LEU A 145 5.34 6.33 -24.26
N ARG A 146 5.50 7.67 -24.35
CA ARG A 146 4.93 8.39 -25.49
C ARG A 146 6.07 8.84 -26.37
N GLY A 147 5.75 9.24 -27.59
CA GLY A 147 6.80 9.60 -28.53
C GLY A 147 6.40 10.74 -29.42
N LEU A 148 7.29 11.74 -29.53
CA LEU A 148 7.15 12.84 -30.50
C LEU A 148 8.33 12.78 -31.46
N ALA A 149 8.05 13.10 -32.71
CA ALA A 149 8.99 12.97 -33.81
C ALA A 149 9.75 14.26 -34.04
N PHE A 150 11.05 14.10 -34.30
CA PHE A 150 11.97 15.19 -34.68
C PHE A 150 12.83 14.70 -35.82
N VAL A 151 12.96 15.48 -36.89
CA VAL A 151 13.73 15.06 -38.06
C VAL A 151 15.19 15.46 -37.97
N GLN A 152 16.09 14.49 -38.18
CA GLN A 152 17.51 14.78 -38.36
C GLN A 152 17.82 14.65 -39.84
N ASP A 153 18.18 15.76 -40.48
CA ASP A 153 18.48 15.76 -41.91
C ASP A 153 19.71 14.94 -42.26
N PHE A 154 20.62 14.83 -41.30
CA PHE A 154 21.84 14.03 -41.40
C PHE A 154 22.28 13.66 -39.97
N PRO A 155 23.21 12.69 -39.81
CA PRO A 155 23.40 12.14 -38.45
C PRO A 155 23.86 13.14 -37.39
N GLU A 156 24.52 14.23 -37.77
CA GLU A 156 24.98 15.21 -36.80
C GLU A 156 24.11 16.45 -36.75
N ASP A 157 22.94 16.37 -37.38
CA ASP A 157 21.99 17.48 -37.38
C ASP A 157 21.28 17.56 -36.02
N SER A 158 20.97 18.78 -35.60
CA SER A 158 20.13 18.97 -34.41
C SER A 158 18.65 18.72 -34.69
N ALA A 159 18.13 17.59 -34.20
CA ALA A 159 16.77 17.22 -34.54
C ALA A 159 15.76 18.22 -33.98
N TRP A 160 16.14 18.95 -32.94
CA TRP A 160 15.22 19.88 -32.28
C TRP A 160 14.78 21.00 -33.22
N ALA A 161 15.55 21.25 -34.27
CA ALA A 161 15.20 22.28 -35.23
C ALA A 161 14.01 21.84 -36.05
N HIS A 162 13.69 20.53 -36.06
CA HIS A 162 12.71 19.99 -37.01
C HIS A 162 11.63 19.13 -36.33
N PRO A 163 10.86 19.72 -35.41
CA PRO A 163 9.78 18.97 -34.75
C PRO A 163 8.68 18.65 -35.73
N VAL A 164 8.05 17.49 -35.58
CA VAL A 164 6.93 17.11 -36.43
C VAL A 164 5.66 17.27 -35.61
N ASP A 165 4.99 18.40 -35.77
CA ASP A 165 3.82 18.69 -34.92
C ASP A 165 2.58 18.02 -35.50
N GLY A 166 1.56 17.90 -34.68
CA GLY A 166 0.31 17.30 -35.12
C GLY A 166 0.31 15.79 -35.00
N LEU A 167 1.36 15.23 -34.38
CA LEU A 167 1.55 13.78 -34.36
C LEU A 167 2.15 13.34 -33.05
N VAL A 168 1.55 12.31 -32.44
CA VAL A 168 2.07 11.72 -31.22
C VAL A 168 1.65 10.25 -31.18
N ALA A 169 2.42 9.42 -30.50
CA ALA A 169 2.12 8.00 -30.42
C ALA A 169 2.37 7.51 -29.04
N TYR A 170 1.66 6.45 -28.64
CA TYR A 170 1.91 5.87 -27.34
C TYR A 170 2.29 4.41 -27.56
N VAL A 171 3.11 3.92 -26.66
CA VAL A 171 3.68 2.59 -26.79
C VAL A 171 3.56 1.84 -25.46
N ASP A 172 3.14 0.57 -25.52
CA ASP A 172 3.27 -0.35 -24.38
C ASP A 172 4.65 -1.01 -24.52
N VAL A 173 5.59 -0.65 -23.65
CA VAL A 173 6.96 -1.12 -23.77
C VAL A 173 7.09 -2.64 -23.62
N VAL A 174 6.44 -3.21 -22.61
CA VAL A 174 6.62 -4.65 -22.36
C VAL A 174 5.99 -5.51 -23.45
N SER A 175 4.77 -5.19 -23.85
CA SER A 175 4.11 -5.97 -24.88
C SER A 175 4.63 -5.62 -26.28
N LYS A 176 5.35 -4.49 -26.39
CA LYS A 176 5.87 -4.00 -27.67
C LYS A 176 4.76 -3.63 -28.65
N GLU A 177 3.65 -3.17 -28.11
CA GLU A 177 2.55 -2.71 -28.94
C GLU A 177 2.53 -1.20 -29.00
N VAL A 178 2.11 -0.71 -30.16
CA VAL A 178 1.79 0.69 -30.29
C VAL A 178 0.30 0.83 -30.00
N THR A 179 -0.03 1.42 -28.86
CA THR A 179 -1.42 1.45 -28.45
C THR A 179 -2.20 2.45 -29.26
N ARG A 180 -1.64 3.66 -29.45
CA ARG A 180 -2.35 4.70 -30.16
CA ARG A 180 -2.35 4.71 -30.16
C ARG A 180 -1.38 5.50 -31.01
N VAL A 181 -1.89 5.93 -32.16
CA VAL A 181 -1.20 6.93 -32.97
C VAL A 181 -2.19 8.04 -33.28
N ILE A 182 -1.88 9.25 -32.82
CA ILE A 182 -2.79 10.38 -32.98
C ILE A 182 -2.22 11.38 -33.98
N ASP A 183 -3.00 11.67 -35.02
CA ASP A 183 -2.57 12.64 -36.02
C ASP A 183 -3.65 13.71 -36.16
N THR A 184 -3.38 14.92 -35.64
CA THR A 184 -4.39 16.00 -35.61
C THR A 184 -4.32 16.85 -36.86
N GLY A 185 -3.30 16.59 -37.68
CA GLY A 185 -3.18 17.27 -38.95
C GLY A 185 -1.76 17.72 -39.27
N VAL A 186 -1.54 18.07 -40.52
CA VAL A 186 -0.20 18.41 -40.98
C VAL A 186 0.20 19.85 -40.65
N PHE A 187 1.30 19.99 -39.92
CA PHE A 187 1.98 21.28 -39.74
C PHE A 187 3.29 21.21 -40.53
N PRO A 188 3.69 22.31 -41.18
CA PRO A 188 4.99 22.31 -41.83
C PRO A 188 6.07 21.96 -40.82
N VAL A 189 7.01 21.11 -41.19
CA VAL A 189 8.19 20.87 -40.35
C VAL A 189 9.19 22.01 -40.57
N PRO A 190 9.58 22.73 -39.49
CA PRO A 190 10.47 23.88 -39.61
C PRO A 190 11.72 23.53 -40.39
N ALA A 191 12.10 24.40 -41.34
CA ALA A 191 13.17 24.07 -42.25
C ALA A 191 14.61 24.43 -41.84
N GLU A 192 14.79 25.53 -41.14
CA GLU A 192 16.15 25.98 -40.83
C GLU A 192 16.83 25.01 -39.91
N HIS A 193 18.14 24.85 -40.05
CA HIS A 193 18.86 23.99 -39.12
C HIS A 193 19.18 24.78 -37.85
N GLY A 194 19.48 24.05 -36.79
CA GLY A 194 19.88 24.69 -35.55
C GLY A 194 21.27 24.21 -35.12
N ASN A 195 22.18 24.06 -36.09
CA ASN A 195 23.49 23.49 -35.84
C ASN A 195 24.49 24.54 -35.40
N TYR A 196 24.59 24.69 -34.06
CA TYR A 196 25.35 25.77 -33.42
C TYR A 196 26.87 25.55 -33.51
N THR A 197 27.30 24.46 -34.16
CA THR A 197 28.71 24.35 -34.55
C THR A 197 28.99 24.58 -36.03
N ASP A 198 27.95 24.86 -36.81
CA ASP A 198 28.11 25.13 -38.25
C ASP A 198 28.56 26.59 -38.47
N PRO A 199 29.70 26.79 -39.14
CA PRO A 199 30.21 28.15 -39.36
C PRO A 199 29.24 29.05 -40.13
N GLU A 200 28.35 28.47 -40.93
CA GLU A 200 27.36 29.30 -41.63
C GLU A 200 26.36 29.95 -40.67
N LEU A 201 26.16 29.32 -39.52
CA LEU A 201 25.23 29.83 -38.51
C LEU A 201 25.98 30.61 -37.41
N THR A 202 27.20 30.20 -37.10
CA THR A 202 27.91 30.86 -36.02
C THR A 202 28.55 32.16 -36.48
N GLY A 203 28.90 32.22 -37.76
CA GLY A 203 29.76 33.28 -38.26
C GLY A 203 31.20 32.93 -37.88
N PRO A 204 32.15 33.76 -38.30
CA PRO A 204 33.55 33.53 -37.93
C PRO A 204 33.70 33.56 -36.40
N LEU A 205 34.49 32.67 -35.80
CA LEU A 205 34.51 32.69 -34.32
C LEU A 205 35.24 33.95 -33.83
N ARG A 206 34.80 34.48 -32.67
CA ARG A 206 35.50 35.61 -32.07
C ARG A 206 36.95 35.30 -31.81
N THR A 207 37.82 36.29 -32.06
CA THR A 207 39.24 36.19 -31.78
C THR A 207 39.64 37.18 -30.70
N THR A 208 38.63 37.77 -30.07
CA THR A 208 38.84 38.84 -29.09
C THR A 208 38.95 38.35 -27.63
N GLN A 209 38.63 37.10 -27.34
CA GLN A 209 38.65 36.67 -25.92
C GLN A 209 40.05 36.30 -25.48
N LYS A 210 40.61 37.12 -24.60
CA LYS A 210 41.95 36.86 -24.07
C LYS A 210 41.78 35.92 -22.87
N PRO A 211 42.78 35.07 -22.60
CA PRO A 211 42.60 34.06 -21.55
C PRO A 211 42.37 34.64 -20.16
N ILE A 212 41.60 33.92 -19.35
CA ILE A 212 41.49 34.23 -17.93
C ILE A 212 42.03 33.00 -17.21
N SER A 213 43.10 33.20 -16.44
CA SER A 213 43.77 32.10 -15.80
C SER A 213 43.54 32.13 -14.31
N ILE A 214 42.93 31.08 -13.79
CA ILE A 214 42.71 30.93 -12.36
C ILE A 214 43.53 29.77 -11.85
N THR A 215 44.48 30.02 -10.96
CA THR A 215 45.37 28.97 -10.47
C THR A 215 45.48 29.07 -8.95
N GLN A 216 45.92 27.99 -8.32
CA GLN A 216 46.19 27.97 -6.89
C GLN A 216 47.59 27.41 -6.68
N PRO A 217 48.56 28.31 -6.57
CA PRO A 217 49.95 27.86 -6.60
C PRO A 217 50.33 26.95 -5.43
N GLU A 218 49.61 27.03 -4.32
CA GLU A 218 49.90 26.16 -3.19
C GLU A 218 48.81 25.10 -3.08
N GLY A 219 48.01 24.94 -4.14
CA GLY A 219 46.86 24.04 -4.14
C GLY A 219 45.65 24.56 -3.36
N PRO A 220 44.65 23.72 -3.24
CA PRO A 220 43.38 24.20 -2.66
C PRO A 220 43.39 24.22 -1.14
N SER A 221 42.48 25.01 -0.55
CA SER A 221 42.39 25.14 0.88
C SER A 221 41.53 24.05 1.53
N PHE A 222 40.83 23.25 0.74
CA PHE A 222 40.06 22.14 1.31
C PHE A 222 40.86 20.83 1.28
N THR A 223 40.50 19.92 2.19
CA THR A 223 41.06 18.56 2.15
C THR A 223 39.92 17.59 1.87
N VAL A 224 40.26 16.45 1.29
CA VAL A 224 39.31 15.39 1.03
C VAL A 224 39.87 14.15 1.71
N THR A 225 39.10 13.60 2.64
CA THR A 225 39.52 12.36 3.34
C THR A 225 38.44 11.31 3.23
N GLY A 226 38.83 10.04 3.34
CA GLY A 226 37.89 8.97 3.16
C GLY A 226 37.11 9.01 1.88
N GLY A 227 37.73 9.49 0.80
CA GLY A 227 37.08 9.57 -0.51
C GLY A 227 36.10 10.72 -0.73
N ASN A 228 35.35 11.11 0.28
CA ASN A 228 34.35 12.15 0.07
C ASN A 228 34.06 13.07 1.26
N HIS A 229 34.90 13.05 2.28
CA HIS A 229 34.69 13.97 3.41
C HIS A 229 35.48 15.24 3.15
N ILE A 230 34.79 16.39 3.15
CA ILE A 230 35.41 17.68 2.88
C ILE A 230 35.64 18.46 4.16
N GLU A 231 36.81 19.06 4.32
CA GLU A 231 37.02 20.03 5.39
C GLU A 231 37.50 21.32 4.72
N TRP A 232 36.80 22.42 4.96
CA TRP A 232 37.15 23.69 4.32
C TRP A 232 36.69 24.89 5.13
N GLU A 233 37.63 25.74 5.55
CA GLU A 233 37.27 27.03 6.16
C GLU A 233 36.17 26.88 7.21
N LYS A 234 36.39 25.90 8.10
CA LYS A 234 35.54 25.57 9.24
C LYS A 234 34.34 24.70 8.89
N TRP A 235 34.04 24.56 7.61
CA TRP A 235 32.98 23.65 7.21
C TRP A 235 33.48 22.21 7.16
N SER A 236 32.56 21.32 7.48
CA SER A 236 32.76 19.87 7.46
C SER A 236 31.52 19.29 6.83
N LEU A 237 31.67 18.35 5.89
CA LEU A 237 30.52 17.69 5.23
C LEU A 237 31.00 16.48 4.44
N ASP A 238 30.06 15.67 3.98
CA ASP A 238 30.34 14.51 3.14
C ASP A 238 29.58 14.65 1.83
N VAL A 239 30.27 14.37 0.73
CA VAL A 239 29.67 14.55 -0.58
C VAL A 239 29.19 13.18 -1.02
N GLY A 240 27.88 13.00 -1.06
CA GLY A 240 27.28 11.78 -1.60
C GLY A 240 26.85 11.90 -3.04
N PHE A 241 26.48 10.77 -3.63
CA PHE A 241 25.96 10.77 -5.00
C PHE A 241 25.02 9.61 -5.19
N ASP A 242 23.81 9.93 -5.65
CA ASP A 242 22.77 8.93 -5.83
C ASP A 242 22.27 9.02 -7.26
N VAL A 243 21.96 7.90 -7.88
CA VAL A 243 21.63 7.90 -9.29
CA VAL A 243 21.60 7.92 -9.30
C VAL A 243 20.34 8.69 -9.58
N ARG A 244 19.45 8.76 -8.59
CA ARG A 244 18.24 9.55 -8.76
C ARG A 244 18.48 11.04 -8.49
N GLU A 245 19.02 11.36 -7.31
CA GLU A 245 19.06 12.74 -6.85
C GLU A 245 20.28 13.47 -7.40
N GLY A 246 21.34 12.73 -7.71
CA GLY A 246 22.63 13.34 -8.05
C GLY A 246 23.46 13.60 -6.82
N VAL A 247 24.20 14.71 -6.79
CA VAL A 247 25.03 15.04 -5.65
C VAL A 247 24.14 15.35 -4.46
N VAL A 248 24.45 14.74 -3.30
CA VAL A 248 23.70 14.96 -2.06
C VAL A 248 24.73 15.38 -1.03
N LEU A 249 24.45 16.34 -0.17
CA LEU A 249 25.41 16.71 0.84
C LEU A 249 24.94 16.18 2.19
N HIS A 250 25.82 15.54 2.92
CA HIS A 250 25.49 14.99 4.24
C HIS A 250 26.29 15.72 5.32
N ASN A 251 25.71 15.81 6.52
CA ASN A 251 26.48 16.21 7.71
C ASN A 251 27.12 17.56 7.55
N ILE A 252 26.39 18.52 6.95
CA ILE A 252 26.92 19.88 6.84
C ILE A 252 27.03 20.47 8.25
N ALA A 253 28.24 20.87 8.64
CA ALA A 253 28.50 21.33 10.00
C ALA A 253 29.59 22.40 9.94
N PHE A 254 29.69 23.22 10.99
CA PHE A 254 30.62 24.34 11.01
C PHE A 254 31.37 24.28 12.35
N ARG A 255 32.70 24.37 12.30
CA ARG A 255 33.56 24.25 13.49
C ARG A 255 33.69 25.65 14.09
N ASP A 256 32.87 25.96 15.08
CA ASP A 256 32.85 27.28 15.69
C ASP A 256 33.70 27.14 16.94
N GLY A 257 34.93 27.64 16.90
CA GLY A 257 35.82 27.40 18.03
C GLY A 257 36.22 25.93 18.06
N ASP A 258 36.07 25.25 19.20
CA ASP A 258 36.35 23.81 19.20
C ASP A 258 35.09 22.99 19.30
N ARG A 259 34.00 23.50 18.72
CA ARG A 259 32.80 22.71 18.67
C ARG A 259 32.40 22.57 17.22
N LEU A 260 32.22 21.32 16.83
CA LEU A 260 31.58 21.01 15.55
C LEU A 260 30.05 21.16 15.67
N ARG A 261 29.51 22.18 15.02
CA ARG A 261 28.08 22.42 15.15
C ARG A 261 27.31 21.99 13.90
N PRO A 262 26.43 20.99 14.03
CA PRO A 262 25.66 20.60 12.84
C PRO A 262 24.77 21.74 12.39
N ILE A 263 24.48 21.74 11.09
CA ILE A 263 23.56 22.71 10.49
C ILE A 263 22.51 21.97 9.66
N ILE A 264 22.96 21.18 8.69
CA ILE A 264 22.03 20.45 7.86
C ILE A 264 22.43 18.99 7.81
N ASN A 265 21.52 18.08 8.15
CA ASN A 265 21.87 16.67 8.12
C ASN A 265 21.97 16.06 6.71
N ARG A 266 21.05 16.45 5.82
CA ARG A 266 21.13 16.01 4.44
C ARG A 266 20.53 17.07 3.57
N ALA A 267 21.20 17.42 2.46
CA ALA A 267 20.61 18.39 1.53
C ALA A 267 20.61 17.75 0.14
N SER A 268 19.47 17.82 -0.53
CA SER A 268 19.39 17.25 -1.88
C SER A 268 18.32 17.93 -2.70
N ILE A 269 18.38 17.78 -4.01
CA ILE A 269 17.28 18.11 -4.84
C ILE A 269 16.50 16.81 -4.99
N ALA A 270 15.38 16.72 -4.30
CA ALA A 270 14.67 15.43 -4.20
C ALA A 270 13.65 15.20 -5.32
N GLU A 271 13.39 16.25 -6.12
CA GLU A 271 12.58 16.13 -7.31
C GLU A 271 12.78 17.35 -8.17
N MET A 272 12.57 17.19 -9.49
CA MET A 272 12.59 18.31 -10.39
C MET A 272 11.72 17.93 -11.57
N VAL A 273 10.79 18.81 -11.91
CA VAL A 273 9.80 18.48 -12.91
C VAL A 273 9.63 19.62 -13.90
N VAL A 274 9.41 19.25 -15.16
CA VAL A 274 9.21 20.25 -16.21
C VAL A 274 7.81 20.12 -16.79
N PRO A 275 6.83 20.86 -16.23
CA PRO A 275 5.47 20.84 -16.79
C PRO A 275 5.31 21.79 -17.98
N TYR A 276 4.58 21.34 -18.99
CA TYR A 276 4.38 22.14 -20.19
C TYR A 276 2.99 22.76 -20.21
N GLY A 277 2.92 23.98 -20.73
CA GLY A 277 1.69 24.78 -20.70
C GLY A 277 1.03 24.97 -22.05
N ASP A 278 1.25 24.02 -22.96
CA ASP A 278 0.66 24.06 -24.30
C ASP A 278 -0.58 23.15 -24.29
N PRO A 279 -1.78 23.69 -24.53
CA PRO A 279 -2.95 22.80 -24.47
C PRO A 279 -3.15 21.95 -25.71
N SER A 280 -2.28 22.04 -26.72
CA SER A 280 -2.42 21.07 -27.81
C SER A 280 -2.38 19.66 -27.31
N PRO A 281 -3.28 18.78 -27.81
CA PRO A 281 -3.23 17.39 -27.38
C PRO A 281 -1.96 16.66 -27.78
N ILE A 282 -1.20 17.22 -28.71
CA ILE A 282 0.09 16.64 -29.08
C ILE A 282 1.09 16.71 -27.90
N ARG A 283 0.94 17.72 -27.05
CA ARG A 283 1.87 17.93 -25.91
C ARG A 283 1.24 18.13 -24.53
N SER A 284 -0.10 18.13 -24.42
CA SER A 284 -0.70 18.62 -23.16
C SER A 284 -0.53 17.64 -22.01
N TRP A 285 -0.07 16.43 -22.35
CA TRP A 285 0.24 15.39 -21.38
C TRP A 285 1.66 15.49 -20.84
N GLN A 286 2.49 16.37 -21.42
CA GLN A 286 3.91 16.26 -21.09
C GLN A 286 4.36 17.01 -19.82
N ASN A 287 4.93 16.24 -18.91
CA ASN A 287 5.48 16.76 -17.67
C ASN A 287 6.65 15.85 -17.34
N TYR A 288 7.87 16.36 -17.51
CA TYR A 288 9.01 15.47 -17.36
C TYR A 288 9.60 15.58 -15.96
N PHE A 289 9.45 14.52 -15.15
CA PHE A 289 10.05 14.51 -13.84
C PHE A 289 11.48 14.07 -14.03
N ASP A 290 12.34 15.03 -14.33
CA ASP A 290 13.71 14.71 -14.69
C ASP A 290 14.35 13.88 -13.59
N THR A 291 14.07 14.22 -12.33
CA THR A 291 14.65 13.47 -11.22
C THR A 291 13.89 12.15 -10.99
N GLY A 292 12.58 12.23 -10.72
CA GLY A 292 11.86 11.04 -10.32
C GLY A 292 11.57 9.99 -11.38
N GLU A 293 11.41 10.41 -12.64
CA GLU A 293 11.18 9.49 -13.74
C GLU A 293 12.44 9.07 -14.42
N TYR A 294 13.36 10.01 -14.63
CA TYR A 294 14.54 9.75 -15.46
C TYR A 294 15.84 9.46 -14.72
N LEU A 295 15.96 10.03 -13.50
CA LEU A 295 17.08 9.84 -12.57
C LEU A 295 18.25 10.71 -13.02
N VAL A 296 18.37 11.91 -12.42
CA VAL A 296 19.36 12.86 -12.97
C VAL A 296 20.81 12.45 -12.74
N GLY A 297 21.11 11.72 -11.67
CA GLY A 297 22.48 11.27 -11.43
C GLY A 297 23.01 10.36 -12.51
N GLN A 298 22.13 9.52 -13.06
CA GLN A 298 22.49 8.50 -14.05
C GLN A 298 23.10 9.15 -15.27
N TYR A 299 22.64 10.37 -15.57
CA TYR A 299 23.05 11.08 -16.78
C TYR A 299 24.01 12.23 -16.48
N ALA A 300 24.64 12.21 -15.30
CA ALA A 300 25.69 13.18 -15.01
C ALA A 300 26.78 13.13 -16.08
N ASN A 301 27.19 14.32 -16.52
CA ASN A 301 28.20 14.43 -17.56
C ASN A 301 29.60 14.20 -16.99
N SER A 302 30.52 13.71 -17.84
CA SER A 302 31.93 13.76 -17.48
CA SER A 302 31.95 13.73 -17.51
C SER A 302 32.47 15.15 -17.78
N LEU A 303 33.00 15.82 -16.75
CA LEU A 303 33.30 17.27 -16.84
C LEU A 303 34.74 17.54 -17.22
N GLU A 304 34.94 18.31 -18.28
CA GLU A 304 36.26 18.48 -18.90
C GLU A 304 37.00 19.68 -18.27
N LEU A 305 38.25 19.47 -17.87
CA LEU A 305 39.00 20.50 -17.16
C LEU A 305 39.30 21.70 -18.06
N GLY A 306 39.16 22.90 -17.51
CA GLY A 306 39.40 24.12 -18.25
C GLY A 306 38.18 24.52 -19.05
N CYS A 307 37.25 23.58 -19.19
CA CYS A 307 36.05 23.78 -19.95
C CYS A 307 34.84 23.90 -19.03
N ASP A 308 34.55 22.85 -18.27
CA ASP A 308 33.36 22.83 -17.41
C ASP A 308 33.64 23.33 -16.00
N CYS A 309 34.83 23.02 -15.48
CA CYS A 309 35.24 23.49 -14.16
C CYS A 309 36.65 24.08 -14.33
N LEU A 310 36.73 25.36 -14.01
CA LEU A 310 37.97 26.10 -14.21
C LEU A 310 38.69 26.36 -12.90
N GLY A 311 40.02 26.28 -12.93
CA GLY A 311 40.82 26.49 -11.74
C GLY A 311 41.41 25.19 -11.22
N ASP A 312 41.63 25.13 -9.91
CA ASP A 312 42.20 23.95 -9.27
C ASP A 312 41.06 23.05 -8.81
N ILE A 313 40.79 22.00 -9.58
CA ILE A 313 39.59 21.19 -9.37
C ILE A 313 39.97 19.82 -8.85
N THR A 314 39.26 19.40 -7.80
CA THR A 314 39.32 18.05 -7.31
C THR A 314 38.06 17.35 -7.76
N TYR A 315 38.21 16.25 -8.47
CA TYR A 315 37.06 15.52 -8.99
C TYR A 315 36.74 14.32 -8.14
N LEU A 316 35.45 14.04 -8.05
CA LEU A 316 34.99 12.70 -7.67
C LEU A 316 34.41 12.02 -8.90
N SER A 317 34.58 10.70 -8.96
CA SER A 317 34.06 9.90 -10.04
C SER A 317 33.14 8.85 -9.44
N PRO A 318 31.86 9.20 -9.29
CA PRO A 318 30.97 8.27 -8.60
C PRO A 318 30.62 7.02 -9.41
N VAL A 319 30.39 5.96 -8.66
CA VAL A 319 30.11 4.65 -9.22
C VAL A 319 28.61 4.41 -9.10
N ILE A 320 27.99 3.98 -10.20
CA ILE A 320 26.58 3.62 -10.17
C ILE A 320 26.47 2.20 -10.73
N SER A 321 25.27 1.61 -10.70
CA SER A 321 25.03 0.30 -11.34
C SER A 321 24.43 0.45 -12.73
N ASP A 322 24.84 -0.38 -13.70
CA ASP A 322 24.10 -0.48 -14.97
C ASP A 322 22.88 -1.38 -14.77
N ALA A 323 22.18 -1.68 -15.84
CA ALA A 323 20.95 -2.45 -15.72
C ALA A 323 21.15 -3.89 -15.26
N PHE A 324 22.39 -4.37 -15.30
CA PHE A 324 22.69 -5.75 -14.97
C PHE A 324 23.42 -5.93 -13.66
N GLY A 325 23.68 -4.82 -12.96
CA GLY A 325 24.34 -4.87 -11.68
C GLY A 325 25.84 -4.73 -11.77
N ASN A 326 26.35 -4.37 -12.96
CA ASN A 326 27.78 -4.12 -13.14
C ASN A 326 28.09 -2.69 -12.75
N PRO A 327 29.15 -2.47 -11.96
CA PRO A 327 29.44 -1.08 -11.58
C PRO A 327 29.99 -0.32 -12.78
N ARG A 328 29.68 0.98 -12.84
CA ARG A 328 30.36 1.81 -13.81
C ARG A 328 30.58 3.18 -13.22
N GLU A 329 31.69 3.78 -13.60
CA GLU A 329 32.09 5.02 -13.00
C GLU A 329 31.66 6.15 -13.91
N ILE A 330 31.28 7.27 -13.33
CA ILE A 330 31.00 8.48 -14.08
C ILE A 330 32.27 9.30 -13.90
N ARG A 331 33.20 9.17 -14.85
CA ARG A 331 34.52 9.77 -14.68
C ARG A 331 34.41 11.29 -14.61
N ASN A 332 35.02 11.88 -13.60
CA ASN A 332 35.00 13.34 -13.42
C ASN A 332 33.60 13.92 -13.41
N GLY A 333 32.69 13.22 -12.73
CA GLY A 333 31.31 13.65 -12.68
C GLY A 333 30.99 14.72 -11.66
N ILE A 334 31.86 14.94 -10.67
CA ILE A 334 31.61 15.94 -9.65
C ILE A 334 32.81 16.83 -9.54
N CYS A 335 32.62 18.14 -9.59
CA CYS A 335 33.72 19.10 -9.43
C CYS A 335 33.69 19.64 -8.03
N MET A 336 34.84 19.79 -7.41
CA MET A 336 34.93 20.45 -6.12
C MET A 336 36.10 21.44 -6.21
N HIS A 337 35.85 22.69 -5.85
CA HIS A 337 36.87 23.72 -5.89
C HIS A 337 36.42 24.89 -5.05
N GLU A 338 37.36 25.74 -4.69
CA GLU A 338 37.02 27.00 -4.08
C GLU A 338 37.20 28.17 -5.05
N GLU A 339 36.34 29.18 -4.91
CA GLU A 339 36.30 30.34 -5.80
C GLU A 339 36.41 31.60 -4.95
N ASP A 340 37.13 32.59 -5.45
CA ASP A 340 37.07 33.93 -4.87
C ASP A 340 35.65 34.41 -5.03
N TRP A 341 35.15 35.14 -4.04
CA TRP A 341 33.80 35.69 -4.15
C TRP A 341 33.72 37.14 -3.72
N GLY A 342 34.67 37.93 -4.20
CA GLY A 342 34.53 39.38 -4.05
C GLY A 342 34.84 39.82 -2.63
N ILE A 343 34.22 40.93 -2.25
CA ILE A 343 34.45 41.48 -0.92
C ILE A 343 33.55 40.78 0.10
N LEU A 344 34.16 40.38 1.22
CA LEU A 344 33.49 39.76 2.35
C LEU A 344 32.95 40.82 3.31
N ALA A 345 33.80 41.78 3.68
CA ALA A 345 33.44 42.82 4.64
C ALA A 345 34.38 43.97 4.39
N LYS A 346 33.87 45.19 4.52
CA LYS A 346 34.73 46.36 4.26
C LYS A 346 34.23 47.57 5.03
N HIS A 347 35.13 48.28 5.67
CA HIS A 347 34.76 49.56 6.25
C HIS A 347 35.94 50.49 6.37
N SER A 348 35.73 51.77 6.02
CA SER A 348 36.74 52.81 6.16
C SER A 348 36.18 53.79 7.18
N ASP A 349 36.80 53.86 8.35
CA ASP A 349 36.22 54.63 9.43
C ASP A 349 36.97 55.90 9.68
N LEU A 350 36.27 57.02 9.57
CA LEU A 350 36.90 58.31 9.75
C LEU A 350 37.38 58.59 11.16
N TRP A 351 36.61 58.11 12.12
CA TRP A 351 36.93 58.39 13.51
C TRP A 351 38.14 57.55 13.98
N SER A 352 38.15 56.27 13.64
CA SER A 352 39.24 55.41 14.11
C SER A 352 40.47 55.46 13.21
N GLY A 353 40.28 55.85 11.96
CA GLY A 353 41.37 55.93 11.00
C GLY A 353 41.70 54.58 10.39
N ILE A 354 40.94 53.57 10.78
CA ILE A 354 41.18 52.21 10.32
C ILE A 354 40.45 51.90 9.03
N ASN A 355 41.22 51.44 8.03
CA ASN A 355 40.63 50.98 6.79
C ASN A 355 40.79 49.47 6.68
N TYR A 356 39.66 48.79 6.51
CA TYR A 356 39.62 47.35 6.60
C TYR A 356 38.89 46.79 5.41
N THR A 357 39.50 45.79 4.76
CA THR A 357 38.83 45.07 3.70
C THR A 357 39.23 43.61 3.77
N ARG A 358 38.23 42.74 3.62
CA ARG A 358 38.47 41.30 3.54
C ARG A 358 37.76 40.70 2.36
N ARG A 359 38.32 39.64 1.79
CA ARG A 359 37.69 38.98 0.64
C ARG A 359 36.95 37.71 1.03
N ASN A 360 35.93 37.39 0.26
CA ASN A 360 35.09 36.25 0.53
C ASN A 360 35.55 35.12 -0.40
N ARG A 361 35.16 33.89 -0.10
CA ARG A 361 35.35 32.78 -1.02
C ARG A 361 34.23 31.77 -0.76
N ARG A 362 33.99 30.89 -1.73
CA ARG A 362 33.02 29.85 -1.54
C ARG A 362 33.58 28.52 -1.97
N MET A 363 33.13 27.47 -1.28
CA MET A 363 33.44 26.10 -1.69
C MET A 363 32.31 25.69 -2.65
N VAL A 364 32.64 25.10 -3.80
CA VAL A 364 31.67 24.72 -4.80
C VAL A 364 31.68 23.21 -4.98
N ILE A 365 30.50 22.61 -4.93
CA ILE A 365 30.36 21.18 -5.19
C ILE A 365 29.32 21.05 -6.25
N SER A 366 29.66 20.54 -7.43
CA SER A 366 28.78 20.62 -8.57
C SER A 366 28.79 19.44 -9.47
N PHE A 367 27.69 19.28 -10.23
CA PHE A 367 27.62 18.31 -11.32
C PHE A 367 26.76 18.89 -12.43
N PHE A 368 26.79 18.30 -13.61
CA PHE A 368 25.97 18.75 -14.72
C PHE A 368 25.30 17.50 -15.26
N THR A 369 24.01 17.60 -15.60
CA THR A 369 23.33 16.42 -16.12
C THR A 369 22.63 16.78 -17.42
N THR A 370 22.35 15.77 -18.23
CA THR A 370 21.58 15.97 -19.44
C THR A 370 20.37 15.06 -19.46
N ILE A 371 19.19 15.62 -19.66
CA ILE A 371 17.98 14.81 -19.81
C ILE A 371 17.33 15.24 -21.11
N GLY A 372 17.49 14.42 -22.14
CA GLY A 372 16.96 14.76 -23.44
C GLY A 372 17.50 16.07 -23.98
N ASN A 373 16.60 17.01 -24.17
CA ASN A 373 17.01 18.34 -24.62
C ASN A 373 17.64 19.22 -23.52
N TPQ A 374 17.31 19.00 -22.24
CA TPQ A 374 17.76 19.88 -21.16
CB TPQ A 374 16.93 19.82 -19.86
C TPQ A 374 19.13 19.49 -20.70
O TPQ A 374 19.50 18.32 -20.70
C1 TPQ A 374 15.43 19.68 -20.05
C2 TPQ A 374 14.68 20.81 -20.67
O2 TPQ A 374 15.27 21.86 -21.03
C3 TPQ A 374 13.22 20.73 -20.89
C4 TPQ A 374 12.51 19.50 -20.49
O4 TPQ A 374 11.16 19.42 -20.69
C5 TPQ A 374 13.25 18.36 -19.86
O5 TPQ A 374 12.59 17.35 -19.54
C6 TPQ A 374 14.71 18.43 -19.64
N ASP A 375 19.89 20.50 -20.25
CA ASP A 375 21.13 20.23 -19.50
C ASP A 375 21.10 21.13 -18.32
N TYR A 376 21.33 20.57 -17.13
CA TYR A 376 21.30 21.41 -15.97
C TYR A 376 22.55 21.25 -15.14
N GLY A 377 23.04 22.37 -14.63
CA GLY A 377 24.13 22.31 -13.65
C GLY A 377 23.52 22.51 -12.27
N PHE A 378 23.89 21.65 -11.32
CA PHE A 378 23.43 21.72 -9.92
C PHE A 378 24.68 22.16 -9.10
N TYR A 379 24.60 23.31 -8.43
CA TYR A 379 25.74 23.83 -7.69
C TYR A 379 25.38 24.07 -6.26
N TRP A 380 26.14 23.50 -5.33
CA TRP A 380 26.05 23.85 -3.92
C TRP A 380 27.25 24.70 -3.54
N TYR A 381 27.00 25.78 -2.80
CA TYR A 381 28.04 26.68 -2.33
C TYR A 381 28.02 26.83 -0.83
N LEU A 382 29.22 26.82 -0.23
CA LEU A 382 29.40 27.12 1.17
C LEU A 382 30.25 28.37 1.27
N TYR A 383 29.80 29.41 1.97
CA TYR A 383 30.58 30.66 2.02
C TYR A 383 31.29 30.81 3.34
N LEU A 384 32.32 31.66 3.39
CA LEU A 384 33.05 31.87 4.63
C LEU A 384 32.18 32.30 5.78
N ASP A 385 31.19 33.15 5.51
CA ASP A 385 30.36 33.71 6.55
CA ASP A 385 30.37 33.72 6.56
C ASP A 385 29.26 32.78 7.08
N GLY A 386 29.23 31.52 6.61
CA GLY A 386 28.21 30.60 7.06
C GLY A 386 27.00 30.44 6.15
N THR A 387 26.92 31.24 5.09
CA THR A 387 25.86 31.09 4.12
C THR A 387 25.97 29.81 3.30
N ILE A 388 24.83 29.15 3.06
CA ILE A 388 24.71 27.96 2.25
C ILE A 388 23.78 28.31 1.07
N GLU A 389 24.16 28.00 -0.17
CA GLU A 389 23.31 28.37 -1.29
C GLU A 389 23.27 27.22 -2.27
N PHE A 390 22.11 27.05 -2.92
CA PHE A 390 22.01 26.17 -4.05
C PHE A 390 21.68 27.01 -5.28
N GLU A 391 22.25 26.65 -6.42
CA GLU A 391 21.91 27.31 -7.68
C GLU A 391 21.76 26.25 -8.75
N ALA A 392 20.65 26.29 -9.49
CA ALA A 392 20.52 25.51 -10.70
C ALA A 392 20.80 26.38 -11.92
N LYS A 393 21.56 25.86 -12.88
CA LYS A 393 21.82 26.55 -14.15
C LYS A 393 21.21 25.73 -15.26
N ALA A 394 20.17 26.30 -15.86
CA ALA A 394 19.40 25.60 -16.90
C ALA A 394 19.85 26.03 -18.28
N THR A 395 20.20 25.06 -19.11
CA THR A 395 20.64 25.33 -20.47
C THR A 395 20.23 24.11 -21.30
N GLY A 396 20.90 23.90 -22.43
CA GLY A 396 20.47 22.85 -23.35
C GLY A 396 19.80 23.48 -24.57
N VAL A 397 18.94 22.70 -25.20
CA VAL A 397 18.20 23.16 -26.35
C VAL A 397 16.71 23.17 -25.96
N VAL A 398 15.96 24.21 -26.30
CA VAL A 398 14.57 24.23 -25.84
C VAL A 398 13.74 23.16 -26.57
N PHE A 399 12.72 22.65 -25.87
CA PHE A 399 11.83 21.64 -26.48
C PHE A 399 10.97 22.37 -27.48
N THR A 400 10.92 21.85 -28.71
CA THR A 400 10.26 22.62 -29.78
C THR A 400 8.97 22.02 -30.30
N SER A 401 8.29 22.82 -31.14
CA SER A 401 7.02 22.47 -31.74
C SER A 401 6.90 23.30 -33.00
N ALA A 402 5.81 23.13 -33.74
CA ALA A 402 5.53 24.12 -34.76
C ALA A 402 5.08 25.44 -34.12
N PHE A 403 5.29 26.55 -34.84
CA PHE A 403 4.67 27.79 -34.39
C PHE A 403 3.44 27.99 -35.22
N PRO A 404 2.26 28.06 -34.57
CA PRO A 404 0.99 28.08 -35.30
C PRO A 404 0.87 29.33 -36.16
N GLU A 405 0.28 29.31 -37.34
N GLU A 405 0.35 29.07 -37.35
CA GLU A 405 0.39 30.51 -38.23
CA GLU A 405 -0.35 30.04 -38.13
C GLU A 405 -0.33 31.84 -37.81
C GLU A 405 -1.46 30.51 -37.24
N GLY A 406 -1.21 31.72 -36.84
CA GLY A 406 -2.12 32.70 -36.30
C GLY A 406 -1.55 33.09 -34.95
N GLY A 407 -0.34 32.64 -34.63
CA GLY A 407 0.25 32.96 -33.33
C GLY A 407 -0.26 32.01 -32.25
N SER A 408 0.13 32.25 -31.00
CA SER A 408 -0.21 31.32 -29.94
C SER A 408 -0.18 31.99 -28.58
N ASP A 409 -1.14 31.68 -27.73
CA ASP A 409 -1.06 32.10 -26.34
C ASP A 409 -0.18 31.19 -25.49
N ASN A 410 0.38 30.09 -26.04
CA ASN A 410 1.05 29.09 -25.20
C ASN A 410 2.38 28.60 -25.78
N ILE A 411 2.81 29.23 -26.86
CA ILE A 411 4.02 28.82 -27.59
C ILE A 411 4.68 30.08 -28.07
N SER A 412 6.01 30.19 -27.99
CA SER A 412 6.68 31.36 -28.60
C SER A 412 7.45 30.98 -29.85
N GLN A 413 7.65 31.98 -30.71
CA GLN A 413 8.30 31.77 -31.99
C GLN A 413 9.84 31.88 -31.85
N LEU A 414 10.58 30.96 -32.46
CA LEU A 414 12.05 30.93 -32.38
C LEU A 414 12.74 31.18 -33.71
N ALA A 415 12.09 30.75 -34.79
CA ALA A 415 12.63 30.78 -36.14
C ALA A 415 11.44 30.56 -37.03
N PRO A 416 11.58 30.74 -38.36
CA PRO A 416 10.36 30.60 -39.16
C PRO A 416 9.71 29.24 -39.04
N GLY A 417 8.44 29.23 -38.61
CA GLY A 417 7.69 27.99 -38.43
C GLY A 417 7.95 27.24 -37.13
N LEU A 418 8.96 27.69 -36.36
CA LEU A 418 9.47 26.95 -35.22
C LEU A 418 9.00 27.59 -33.93
N GLY A 419 8.38 26.79 -33.07
CA GLY A 419 7.90 27.27 -31.78
C GLY A 419 8.54 26.56 -30.60
N ALA A 420 8.30 27.14 -29.43
CA ALA A 420 8.76 26.57 -28.19
C ALA A 420 7.63 26.68 -27.18
N PRO A 421 7.01 25.55 -26.84
CA PRO A 421 5.92 25.70 -25.85
C PRO A 421 6.39 26.16 -24.49
N PHE A 422 5.52 26.93 -23.83
CA PHE A 422 5.80 27.45 -22.50
C PHE A 422 5.88 26.31 -21.49
N HIS A 423 6.72 26.46 -20.48
CA HIS A 423 6.92 25.39 -19.51
C HIS A 423 7.56 26.00 -18.27
N GLN A 424 7.60 25.21 -17.20
CA GLN A 424 8.35 25.62 -16.02
C GLN A 424 9.38 24.57 -15.68
N HIS A 425 10.41 24.94 -14.92
CA HIS A 425 11.32 23.92 -14.39
C HIS A 425 11.27 24.10 -12.88
N ILE A 426 10.67 23.13 -12.19
CA ILE A 426 10.43 23.31 -10.76
C ILE A 426 11.14 22.26 -9.92
N PHE A 427 11.92 22.74 -8.96
CA PHE A 427 12.78 21.91 -8.12
C PHE A 427 12.17 21.79 -6.74
N SER A 428 12.51 20.71 -6.03
CA SER A 428 12.19 20.59 -4.62
C SER A 428 13.51 20.29 -3.89
N ALA A 429 13.95 21.19 -3.03
CA ALA A 429 15.11 20.89 -2.19
C ALA A 429 14.60 20.30 -0.90
N ARG A 430 15.06 19.10 -0.60
CA ARG A 430 14.78 18.46 0.68
C ARG A 430 15.94 18.71 1.65
N LEU A 431 15.67 19.46 2.71
CA LEU A 431 16.70 19.83 3.66
C LEU A 431 16.32 19.20 4.99
N ASP A 432 16.95 18.07 5.31
CA ASP A 432 16.79 17.43 6.61
C ASP A 432 17.63 18.24 7.59
N MET A 433 16.96 19.08 8.36
CA MET A 433 17.63 20.10 9.15
C MET A 433 18.30 19.53 10.39
N ALA A 434 19.37 20.17 10.83
CA ALA A 434 19.96 19.79 12.12
C ALA A 434 20.65 20.98 12.75
N ILE A 435 19.90 22.06 12.94
CA ILE A 435 20.51 23.26 13.47
C ILE A 435 20.94 23.02 14.90
N ASP A 436 22.25 22.93 15.12
CA ASP A 436 22.82 22.63 16.45
C ASP A 436 22.27 21.32 16.99
N GLY A 437 21.91 20.43 16.08
CA GLY A 437 21.36 19.15 16.46
C GLY A 437 19.98 18.98 15.92
N PHE A 438 19.30 17.90 16.29
CA PHE A 438 18.04 17.57 15.65
C PHE A 438 16.77 18.21 16.21
N THR A 439 16.85 18.84 17.39
CA THR A 439 15.66 19.48 17.96
C THR A 439 15.45 20.84 17.30
N ASN A 440 14.60 20.88 16.25
CA ASN A 440 14.44 22.11 15.46
C ASN A 440 12.98 22.52 15.32
N ARG A 441 12.75 23.77 14.95
N ARG A 441 12.73 23.77 14.96
CA ARG A 441 11.42 24.18 14.53
CA ARG A 441 11.39 24.23 14.63
C ARG A 441 11.52 25.26 13.48
C ARG A 441 11.51 25.25 13.51
N VAL A 442 10.40 25.56 12.84
CA VAL A 442 10.39 26.53 11.74
C VAL A 442 9.42 27.64 12.08
N GLU A 443 9.86 28.88 11.88
CA GLU A 443 8.96 30.04 12.00
C GLU A 443 8.85 30.72 10.66
N GLU A 444 7.66 31.21 10.36
CA GLU A 444 7.50 32.07 9.20
C GLU A 444 7.63 33.50 9.63
N GLU A 445 8.55 34.25 9.01
CA GLU A 445 8.80 35.63 9.39
C GLU A 445 8.35 36.60 8.30
N ASP A 446 7.45 37.51 8.68
CA ASP A 446 6.96 38.54 7.74
C ASP A 446 7.40 39.88 8.29
N VAL A 447 7.70 40.84 7.38
CA VAL A 447 7.76 42.25 7.81
C VAL A 447 6.39 42.71 8.28
N VAL A 448 6.37 43.62 9.26
CA VAL A 448 5.13 44.17 9.80
C VAL A 448 5.11 45.66 9.61
N ARG A 449 4.19 46.12 8.79
CA ARG A 449 4.01 47.56 8.66
C ARG A 449 3.22 48.06 9.84
N GLN A 450 3.53 49.30 10.25
CA GLN A 450 2.85 49.94 11.38
C GLN A 450 2.19 51.24 10.95
N THR A 451 1.01 51.49 11.54
CA THR A 451 0.25 52.70 11.28
C THR A 451 0.77 53.89 12.07
N MET A 452 0.85 55.04 11.42
CA MET A 452 1.19 56.29 12.06
C MET A 452 0.16 56.60 13.12
N GLY A 453 0.62 56.96 14.31
CA GLY A 453 -0.30 57.21 15.42
C GLY A 453 0.44 57.11 16.73
N PRO A 454 -0.29 56.96 17.84
CA PRO A 454 0.34 56.85 19.15
C PRO A 454 1.39 55.73 19.16
N GLY A 455 2.59 56.08 19.63
CA GLY A 455 3.68 55.12 19.72
C GLY A 455 4.48 55.16 18.44
N ASN A 456 4.01 55.91 17.46
CA ASN A 456 4.62 55.95 16.13
C ASN A 456 4.18 57.23 15.42
N GLU A 457 4.38 58.36 16.08
CA GLU A 457 3.79 59.61 15.62
C GLU A 457 4.35 60.10 14.30
N ARG A 458 5.56 59.68 13.95
CA ARG A 458 6.15 60.15 12.70
C ARG A 458 5.94 59.13 11.57
N GLY A 459 5.32 58.01 11.91
CA GLY A 459 4.93 57.02 10.92
C GLY A 459 6.10 56.33 10.24
N ASN A 460 7.20 56.14 10.98
CA ASN A 460 8.40 55.53 10.43
C ASN A 460 8.61 54.10 10.88
N ALA A 461 7.92 53.69 11.95
CA ALA A 461 8.22 52.39 12.54
C ALA A 461 7.88 51.24 11.62
N PHE A 462 8.71 50.22 11.62
CA PHE A 462 8.32 48.94 11.07
C PHE A 462 8.96 47.81 11.89
N SER A 463 8.38 46.63 11.77
CA SER A 463 8.69 45.54 12.67
C SER A 463 8.68 44.23 11.90
N ARG A 464 8.63 43.14 12.66
CA ARG A 464 8.70 41.79 12.11
C ARG A 464 7.84 40.91 13.01
N LYS A 465 7.32 39.84 12.45
CA LYS A 465 6.59 38.89 13.25
C LYS A 465 7.03 37.49 12.85
N ARG A 466 7.06 36.59 13.82
CA ARG A 466 7.49 35.20 13.56
C ARG A 466 6.38 34.30 14.06
N THR A 467 5.97 33.35 13.22
CA THR A 467 4.89 32.46 13.60
C THR A 467 5.45 31.04 13.57
N VAL A 468 5.45 30.36 14.72
CA VAL A 468 5.91 28.96 14.76
C VAL A 468 4.96 28.05 14.03
N LEU A 469 5.50 27.21 13.15
CA LEU A 469 4.70 26.14 12.52
C LEU A 469 4.74 24.94 13.48
N THR A 470 3.60 24.61 14.09
CA THR A 470 3.66 23.66 15.23
C THR A 470 3.37 22.20 14.84
N ARG A 471 2.60 22.02 13.77
CA ARG A 471 2.20 20.70 13.32
CA ARG A 471 2.20 20.69 13.33
C ARG A 471 2.15 20.69 11.82
N GLU A 472 2.28 19.51 11.23
CA GLU A 472 2.36 19.42 9.77
C GLU A 472 1.16 20.05 9.03
N SER A 473 -0.02 19.98 9.64
CA SER A 473 -1.23 20.53 9.01
C SER A 473 -1.11 22.02 8.80
N GLU A 474 -0.22 22.66 9.56
CA GLU A 474 -0.01 24.11 9.50
C GLU A 474 1.20 24.51 8.70
N ALA A 475 1.90 23.55 8.12
CA ALA A 475 3.26 23.83 7.67
C ALA A 475 3.40 23.85 6.16
N VAL A 476 2.28 24.02 5.47
CA VAL A 476 2.31 24.14 4.02
C VAL A 476 2.16 25.62 3.72
N ARG A 477 3.25 26.26 3.31
CA ARG A 477 3.32 27.73 3.27
C ARG A 477 3.57 28.26 1.86
N GLU A 478 3.08 29.48 1.61
CA GLU A 478 3.33 30.14 0.35
C GLU A 478 4.17 31.38 0.54
N ALA A 479 4.84 31.77 -0.54
CA ALA A 479 5.63 33.00 -0.56
C ALA A 479 4.78 34.26 -0.34
N ASP A 480 5.43 35.31 0.17
CA ASP A 480 4.83 36.64 0.18
C ASP A 480 5.98 37.63 0.05
N ALA A 481 6.40 37.83 -1.20
CA ALA A 481 7.55 38.71 -1.47
C ALA A 481 7.32 40.12 -0.99
N ARG A 482 6.08 40.58 -1.10
CA ARG A 482 5.72 41.96 -0.81
C ARG A 482 5.95 42.24 0.68
N THR A 483 5.87 41.18 1.50
CA THR A 483 6.04 41.31 2.94
CA THR A 483 6.01 41.29 2.93
C THR A 483 7.34 40.68 3.40
N GLY A 484 8.26 40.48 2.47
CA GLY A 484 9.59 39.99 2.79
C GLY A 484 9.60 38.67 3.54
N ARG A 485 8.66 37.80 3.19
CA ARG A 485 8.54 36.56 3.94
C ARG A 485 9.71 35.63 3.79
N THR A 486 10.20 35.18 4.92
CA THR A 486 11.26 34.16 4.96
C THR A 486 10.88 33.12 6.01
N TRP A 487 11.65 32.03 6.09
CA TRP A 487 11.38 31.02 7.11
C TRP A 487 12.63 30.78 7.89
N ILE A 488 12.51 30.73 9.22
CA ILE A 488 13.70 30.56 10.07
C ILE A 488 13.64 29.17 10.70
N ILE A 489 14.71 28.39 10.54
CA ILE A 489 14.84 27.11 11.23
C ILE A 489 15.70 27.33 12.47
N SER A 490 15.19 27.02 13.66
CA SER A 490 15.96 27.30 14.86
C SER A 490 16.02 26.08 15.73
N ASN A 491 16.86 26.14 16.74
CA ASN A 491 16.90 25.13 17.77
C ASN A 491 16.47 25.78 19.06
N PRO A 492 15.24 25.46 19.52
CA PRO A 492 14.71 26.17 20.68
C PRO A 492 15.47 25.85 21.97
N GLU A 493 16.28 24.80 21.97
CA GLU A 493 17.05 24.41 23.15
C GLU A 493 18.52 24.81 23.06
N SER A 494 18.89 25.52 22.01
CA SER A 494 20.24 26.00 21.89
C SER A 494 20.25 27.51 21.70
N LYS A 495 20.82 28.22 22.68
CA LYS A 495 20.80 29.67 22.68
C LYS A 495 22.19 30.23 22.45
N ASN A 496 22.24 31.36 21.75
CA ASN A 496 23.50 32.08 21.60
C ASN A 496 23.79 32.90 22.83
N ARG A 497 24.89 33.65 22.84
CA ARG A 497 25.28 34.38 24.07
C ARG A 497 24.32 35.47 24.47
N LEU A 498 23.44 35.85 23.55
CA LEU A 498 22.42 36.85 23.88
C LEU A 498 21.11 36.23 24.37
N ASN A 499 21.15 34.93 24.67
CA ASN A 499 19.96 34.19 25.10
C ASN A 499 18.83 34.13 24.04
N GLU A 500 19.19 34.18 22.76
CA GLU A 500 18.22 34.00 21.68
C GLU A 500 18.51 32.65 21.00
N PRO A 501 17.45 31.95 20.53
CA PRO A 501 17.64 30.63 19.93
C PRO A 501 18.47 30.74 18.65
N VAL A 502 19.41 29.82 18.48
CA VAL A 502 20.21 29.87 17.25
C VAL A 502 19.37 29.49 16.04
N GLY A 503 19.66 30.07 14.88
CA GLY A 503 18.83 29.78 13.72
C GLY A 503 19.53 30.03 12.40
N TYR A 504 18.88 29.58 11.33
CA TYR A 504 19.26 29.90 9.95
C TYR A 504 17.98 30.35 9.25
N LYS A 505 18.12 31.34 8.35
CA LYS A 505 16.98 31.89 7.65
C LYS A 505 17.08 31.51 6.18
N LEU A 506 16.00 30.94 5.67
CA LEU A 506 15.90 30.55 4.27
C LEU A 506 15.35 31.72 3.50
N HIS A 507 16.14 32.16 2.52
CA HIS A 507 15.76 33.22 1.59
C HIS A 507 15.44 32.61 0.25
N ALA A 508 14.17 32.65 -0.11
CA ALA A 508 13.73 32.12 -1.40
C ALA A 508 13.78 33.24 -2.43
N HIS A 509 13.71 32.83 -3.70
CA HIS A 509 13.65 33.79 -4.81
C HIS A 509 12.25 34.27 -5.12
N ASN A 510 11.23 33.58 -4.55
CA ASN A 510 9.81 33.92 -4.73
C ASN A 510 9.42 33.94 -6.19
N GLN A 511 9.85 32.93 -6.93
CA GLN A 511 9.45 32.73 -8.31
C GLN A 511 8.07 32.06 -8.30
N PRO A 512 7.32 32.18 -9.40
CA PRO A 512 6.03 31.50 -9.42
C PRO A 512 6.12 30.01 -9.19
N THR A 513 5.10 29.50 -8.48
CA THR A 513 4.97 28.07 -8.28
C THR A 513 4.15 27.46 -9.45
N LEU A 514 3.77 26.19 -9.29
CA LEU A 514 3.09 25.47 -10.38
C LEU A 514 1.84 26.20 -10.90
N LEU A 515 1.85 26.49 -12.21
CA LEU A 515 0.78 27.29 -12.81
C LEU A 515 -0.47 26.52 -13.22
N ALA A 516 -0.30 25.22 -13.45
CA ALA A 516 -1.45 24.39 -13.83
C ALA A 516 -2.67 24.55 -12.94
N ASP A 517 -3.83 24.29 -13.54
CA ASP A 517 -5.08 24.30 -12.80
C ASP A 517 -4.95 23.31 -11.64
N PRO A 518 -5.49 23.68 -10.48
CA PRO A 518 -5.33 22.80 -9.30
C PRO A 518 -6.00 21.43 -9.48
N GLY A 519 -6.89 21.29 -10.44
CA GLY A 519 -7.62 20.03 -10.66
C GLY A 519 -6.89 19.13 -11.64
N SER A 520 -5.78 19.63 -12.17
CA SER A 520 -5.07 18.93 -13.24
C SER A 520 -4.34 17.71 -12.70
N SER A 521 -4.06 16.77 -13.61
CA SER A 521 -3.22 15.63 -13.31
C SER A 521 -1.85 16.04 -12.74
N ILE A 522 -1.20 17.03 -13.37
CA ILE A 522 0.10 17.45 -12.87
C ILE A 522 0.06 18.10 -11.47
N ALA A 523 -0.97 18.89 -11.19
CA ALA A 523 -1.15 19.45 -9.84
C ALA A 523 -1.33 18.37 -8.78
N ARG A 524 -1.89 17.21 -9.17
CA ARG A 524 -2.05 16.13 -8.22
CA ARG A 524 -2.05 16.12 -8.24
C ARG A 524 -0.79 15.27 -8.06
N ARG A 525 -0.04 15.06 -9.16
CA ARG A 525 1.17 14.24 -9.10
C ARG A 525 2.40 15.01 -8.66
N ALA A 526 2.33 16.33 -8.82
CA ALA A 526 3.42 17.21 -8.38
C ALA A 526 2.84 18.24 -7.42
N ALA A 527 2.07 17.75 -6.43
CA ALA A 527 1.45 18.65 -5.48
C ALA A 527 2.48 19.52 -4.72
N PHE A 528 3.66 18.98 -4.48
CA PHE A 528 4.73 19.74 -3.84
C PHE A 528 4.94 21.08 -4.52
N ALA A 529 4.80 21.08 -5.84
CA ALA A 529 5.15 22.25 -6.65
C ALA A 529 4.13 23.39 -6.56
N THR A 530 2.99 23.11 -5.90
CA THR A 530 1.96 24.14 -5.76
C THR A 530 2.16 25.06 -4.56
N LYS A 531 3.15 24.78 -3.74
CA LYS A 531 3.41 25.59 -2.53
C LYS A 531 4.91 25.74 -2.35
N ASP A 532 5.31 26.85 -1.78
CA ASP A 532 6.75 27.14 -1.71
C ASP A 532 7.49 26.37 -0.62
N LEU A 533 6.81 26.05 0.47
CA LEU A 533 7.50 25.48 1.61
C LEU A 533 6.64 24.49 2.33
N TRP A 534 7.19 23.31 2.62
CA TRP A 534 6.50 22.32 3.42
C TRP A 534 7.46 21.92 4.53
N VAL A 535 6.92 21.61 5.70
CA VAL A 535 7.76 21.08 6.78
C VAL A 535 7.19 19.76 7.25
N THR A 536 8.01 18.70 7.25
CA THR A 536 7.50 17.42 7.76
C THR A 536 8.35 16.94 8.92
N ARG A 537 7.80 15.99 9.67
CA ARG A 537 8.56 15.32 10.68
C ARG A 537 9.37 14.26 9.97
N TYR A 538 10.65 14.11 10.32
CA TYR A 538 11.51 13.12 9.68
C TYR A 538 10.95 11.71 9.81
N ALA A 539 10.99 11.00 8.68
CA ALA A 539 10.73 9.55 8.63
C ALA A 539 11.64 8.96 7.57
N ASP A 540 12.24 7.81 7.88
CA ASP A 540 13.24 7.31 6.94
CA ASP A 540 13.19 7.10 7.00
C ASP A 540 12.65 6.91 5.59
N ASP A 541 11.36 6.60 5.51
CA ASP A 541 10.73 6.24 4.25
C ASP A 541 10.12 7.41 3.48
N GLU A 542 10.30 8.63 4.00
CA GLU A 542 9.75 9.81 3.35
C GLU A 542 10.90 10.56 2.68
N ARG A 543 11.18 10.15 1.45
CA ARG A 543 12.41 10.54 0.78
C ARG A 543 12.15 11.56 -0.32
N TYR A 544 11.07 11.38 -1.05
CA TYR A 544 10.81 12.23 -2.23
C TYR A 544 9.47 12.91 -2.13
N PRO A 545 9.36 14.15 -2.64
CA PRO A 545 8.08 14.85 -2.41
C PRO A 545 6.97 14.32 -3.27
N THR A 546 7.33 13.49 -4.24
CA THR A 546 6.42 12.88 -5.20
C THR A 546 6.25 11.39 -4.95
N GLY A 547 6.78 10.88 -3.83
CA GLY A 547 6.81 9.43 -3.60
C GLY A 547 7.91 8.64 -4.31
N ASP A 548 7.95 7.32 -4.06
CA ASP A 548 9.06 6.48 -4.52
C ASP A 548 8.97 6.15 -6.00
N PHE A 549 7.78 5.84 -6.49
CA PHE A 549 7.62 5.48 -7.91
C PHE A 549 6.76 6.51 -8.64
N VAL A 550 7.41 7.47 -9.27
CA VAL A 550 6.71 8.63 -9.83
C VAL A 550 6.05 8.31 -11.18
N ASN A 551 6.70 7.47 -11.96
CA ASN A 551 6.32 7.19 -13.33
C ASN A 551 4.89 6.60 -13.39
N GLN A 552 3.98 7.29 -14.07
CA GLN A 552 2.56 6.86 -14.24
C GLN A 552 1.84 6.63 -12.91
N HIS A 553 2.31 7.28 -11.86
CA HIS A 553 1.61 7.16 -10.57
C HIS A 553 0.38 8.10 -10.58
N SER A 554 -0.77 7.61 -10.11
N SER A 554 -0.75 7.59 -10.08
CA SER A 554 -1.95 8.47 -9.93
CA SER A 554 -2.06 8.28 -10.10
C SER A 554 -1.60 9.65 -9.04
C SER A 554 -2.07 9.70 -9.56
N GLY A 555 -2.41 10.69 -9.11
N GLY A 555 -1.34 9.93 -8.48
CA GLY A 555 -2.23 11.82 -8.20
CA GLY A 555 -1.46 11.20 -7.78
C GLY A 555 -2.27 11.41 -6.72
C GLY A 555 -1.51 11.11 -6.26
N GLY A 556 -1.66 12.24 -5.86
N GLY A 556 -1.61 12.27 -5.61
CA GLY A 556 -1.80 12.10 -4.41
CA GLY A 556 -1.68 12.33 -4.17
C GLY A 556 -0.62 11.62 -3.55
C GLY A 556 -0.51 11.69 -3.44
N ALA A 557 0.46 11.17 -4.19
CA ALA A 557 1.59 10.54 -3.53
C ALA A 557 2.57 11.56 -2.95
N GLY A 558 3.37 11.17 -1.96
CA GLY A 558 4.39 12.09 -1.49
C GLY A 558 3.87 13.08 -0.47
N LEU A 559 4.32 14.33 -0.54
CA LEU A 559 4.05 15.30 0.51
CA LEU A 559 4.04 15.29 0.52
C LEU A 559 2.61 15.42 0.98
N PRO A 560 1.65 15.47 0.05
CA PRO A 560 0.30 15.65 0.61
C PRO A 560 -0.19 14.45 1.41
N SER A 561 0.35 13.27 1.14
N SER A 561 0.34 13.26 1.15
CA SER A 561 0.01 12.10 1.95
CA SER A 561 -0.04 12.11 1.97
C SER A 561 0.72 12.18 3.28
C SER A 561 0.72 12.14 3.29
N TYR A 562 2.02 12.48 3.23
CA TYR A 562 2.86 12.53 4.42
C TYR A 562 2.31 13.50 5.47
N ILE A 563 1.97 14.73 5.04
CA ILE A 563 1.56 15.69 6.04
C ILE A 563 0.20 15.40 6.64
N ALA A 564 -0.55 14.45 6.09
CA ALA A 564 -1.82 14.04 6.67
C ALA A 564 -1.67 13.41 8.06
N GLN A 565 -0.45 12.99 8.37
CA GLN A 565 -0.10 12.46 9.68
C GLN A 565 -0.16 13.54 10.76
N ASP A 566 -0.12 14.81 10.36
CA ASP A 566 -0.25 15.95 11.27
C ASP A 566 0.63 15.83 12.51
N ARG A 567 1.91 15.51 12.26
CA ARG A 567 2.85 15.27 13.35
C ARG A 567 3.41 16.56 13.97
N ASP A 568 3.85 16.46 15.22
CA ASP A 568 4.49 17.58 15.92
C ASP A 568 5.84 17.92 15.27
N ILE A 569 5.99 19.17 14.87
CA ILE A 569 7.23 19.65 14.26
C ILE A 569 7.82 20.80 15.08
N ASP A 570 7.34 20.95 16.32
CA ASP A 570 7.78 22.07 17.12
C ASP A 570 8.89 21.58 18.06
N GLY A 571 10.16 21.72 17.66
CA GLY A 571 11.24 21.18 18.49
C GLY A 571 11.37 19.68 18.30
N GLN A 572 11.49 19.28 17.04
CA GLN A 572 11.55 17.88 16.67
C GLN A 572 12.47 17.71 15.48
N ASP A 573 12.75 16.48 15.12
CA ASP A 573 13.59 16.15 13.96
C ASP A 573 12.77 16.39 12.69
N ILE A 574 13.08 17.48 11.99
CA ILE A 574 12.21 17.90 10.89
C ILE A 574 12.94 18.07 9.58
N VAL A 575 12.13 18.12 8.53
CA VAL A 575 12.62 18.23 7.15
C VAL A 575 11.88 19.36 6.49
N VAL A 576 12.63 20.29 5.87
CA VAL A 576 12.08 21.39 5.10
C VAL A 576 12.13 21.03 3.61
N TRP A 577 11.00 21.21 2.91
CA TRP A 577 10.97 20.94 1.49
C TRP A 577 10.63 22.23 0.79
N HIS A 578 11.61 22.80 0.09
CA HIS A 578 11.41 24.10 -0.56
C HIS A 578 11.27 23.93 -2.07
N THR A 579 10.15 24.41 -2.58
CA THR A 579 9.83 24.41 -4.01
C THR A 579 10.33 25.71 -4.62
N PHE A 580 11.05 25.61 -5.75
CA PHE A 580 11.52 26.82 -6.45
C PHE A 580 11.68 26.51 -7.91
N GLY A 581 11.36 27.46 -8.76
CA GLY A 581 11.51 27.11 -10.15
C GLY A 581 11.60 28.31 -11.07
N LEU A 582 11.87 27.98 -12.33
CA LEU A 582 11.89 28.95 -13.42
C LEU A 582 10.68 28.80 -14.31
N THR A 583 10.06 29.90 -14.67
CA THR A 583 8.95 29.85 -15.59
C THR A 583 9.52 30.39 -16.92
N HIS A 584 9.43 29.59 -17.97
CA HIS A 584 10.20 29.84 -19.19
C HIS A 584 9.24 30.10 -20.35
N PHE A 585 9.23 31.34 -20.82
CA PHE A 585 8.57 31.71 -22.07
C PHE A 585 9.70 31.88 -23.05
N PRO A 586 9.98 30.88 -23.86
CA PRO A 586 11.28 30.97 -24.55
C PRO A 586 11.40 32.15 -25.50
N ARG A 587 12.62 32.68 -25.54
CA ARG A 587 12.91 33.84 -26.38
CA ARG A 587 12.95 33.84 -26.37
C ARG A 587 13.72 33.41 -27.59
N VAL A 588 13.74 34.27 -28.60
CA VAL A 588 14.55 34.01 -29.78
CA VAL A 588 14.55 33.96 -29.77
C VAL A 588 16.01 33.76 -29.38
N GLU A 589 16.48 34.49 -28.37
CA GLU A 589 17.86 34.33 -27.90
C GLU A 589 18.16 32.96 -27.32
N ASP A 590 17.12 32.18 -27.01
CA ASP A 590 17.30 30.82 -26.51
C ASP A 590 17.61 29.82 -27.62
N TRP A 591 17.46 30.25 -28.87
CA TRP A 591 17.63 29.39 -30.05
C TRP A 591 18.92 29.76 -30.81
N PRO A 592 19.71 28.78 -31.30
CA PRO A 592 19.51 27.33 -31.31
C PRO A 592 20.03 26.55 -30.10
N ILE A 593 20.77 27.22 -29.21
CA ILE A 593 21.12 26.60 -27.95
C ILE A 593 21.04 27.72 -26.92
N MET A 594 20.53 27.40 -25.73
CA MET A 594 20.08 28.47 -24.83
C MET A 594 21.18 28.92 -23.84
N PRO A 595 21.36 30.23 -23.69
N PRO A 595 21.34 30.24 -23.67
CA PRO A 595 22.22 30.69 -22.61
CA PRO A 595 22.26 30.67 -22.62
C PRO A 595 21.66 30.30 -21.24
C PRO A 595 21.67 30.30 -21.25
N VAL A 596 22.55 30.05 -20.29
CA VAL A 596 22.16 29.65 -18.96
C VAL A 596 21.25 30.63 -18.28
N ASP A 597 20.19 30.13 -17.65
CA ASP A 597 19.42 30.95 -16.72
C ASP A 597 19.45 30.23 -15.39
N THR A 598 19.17 30.96 -14.33
CA THR A 598 19.42 30.45 -12.97
C THR A 598 18.24 30.59 -12.03
N VAL A 599 18.20 29.73 -11.03
CA VAL A 599 17.23 29.85 -9.93
C VAL A 599 17.82 29.10 -8.77
N GLY A 600 17.40 29.41 -7.54
CA GLY A 600 18.03 28.76 -6.40
C GLY A 600 17.47 29.35 -5.13
N PHE A 601 18.23 29.22 -4.04
CA PHE A 601 17.81 29.74 -2.72
C PHE A 601 19.02 29.77 -1.83
N LYS A 602 18.95 30.43 -0.68
CA LYS A 602 20.10 30.33 0.23
C LYS A 602 19.60 30.32 1.64
N LEU A 603 20.45 29.88 2.54
CA LEU A 603 20.19 29.98 3.97
C LEU A 603 21.35 30.72 4.64
N ARG A 604 21.05 31.72 5.46
CA ARG A 604 22.05 32.54 6.10
C ARG A 604 21.90 32.36 7.61
N PRO A 605 23.00 32.38 8.35
CA PRO A 605 22.85 32.22 9.80
C PRO A 605 22.04 33.39 10.38
N GLU A 606 21.23 33.12 11.42
CA GLU A 606 20.42 34.15 12.06
C GLU A 606 20.54 33.97 13.56
N GLY A 607 21.54 34.60 14.12
CA GLY A 607 21.84 34.40 15.55
C GLY A 607 22.34 33.00 15.82
N PHE A 608 22.88 32.34 14.80
CA PHE A 608 23.56 31.06 15.02
C PHE A 608 24.90 31.29 15.73
N PHE A 609 25.60 32.35 15.32
CA PHE A 609 26.88 32.66 15.91
C PHE A 609 26.77 33.78 16.96
N ASP A 610 27.81 33.92 17.79
CA ASP A 610 27.80 34.94 18.83
C ASP A 610 28.28 36.32 18.35
N ARG A 611 28.75 36.38 17.11
CA ARG A 611 29.25 37.59 16.45
C ARG A 611 29.65 37.08 15.07
N SER A 612 30.08 37.98 14.19
CA SER A 612 30.56 37.55 12.90
C SER A 612 31.53 36.37 12.99
N PRO A 613 31.29 35.31 12.18
CA PRO A 613 32.19 34.14 12.26
C PRO A 613 33.44 34.31 11.37
N VAL A 614 33.59 35.49 10.78
CA VAL A 614 34.74 35.73 9.88
C VAL A 614 35.68 36.81 10.32
N LEU A 615 35.77 37.05 11.64
CA LEU A 615 36.74 38.06 12.12
C LEU A 615 38.18 37.55 12.07
N ASP A 616 38.34 36.23 11.95
CA ASP A 616 39.69 35.68 11.87
C ASP A 616 40.21 35.46 10.46
N VAL A 617 39.49 35.95 9.47
CA VAL A 617 39.98 35.92 8.09
C VAL A 617 41.09 36.97 7.93
N PRO A 618 42.25 36.58 7.39
CA PRO A 618 43.34 37.55 7.37
C PRO A 618 43.24 38.42 6.14
N ALA A 619 43.94 39.55 6.13
CA ALA A 619 43.97 40.37 4.93
C ALA A 619 44.60 39.55 3.81
N ASN A 620 44.13 39.76 2.58
CA ASN A 620 44.72 39.07 1.43
C ASN A 620 46.14 39.55 1.20
N PRO A 621 47.02 38.62 0.80
CA PRO A 621 48.42 38.87 0.40
C PRO A 621 48.52 39.66 -0.92
N ALA B 1 -3.16 -9.16 -15.62
CA ALA B 1 -3.25 -9.42 -14.18
C ALA B 1 -4.67 -9.80 -13.78
N SER B 2 -4.85 -10.93 -13.10
CA SER B 2 -6.19 -11.31 -12.67
C SER B 2 -6.75 -10.29 -11.71
N PRO B 3 -7.98 -9.83 -11.99
CA PRO B 3 -8.72 -8.95 -11.10
C PRO B 3 -9.07 -9.64 -9.78
N PHE B 4 -8.88 -10.96 -9.73
CA PHE B 4 -9.11 -11.70 -8.50
C PHE B 4 -7.86 -12.01 -7.68
N ARG B 5 -6.72 -11.41 -8.02
CA ARG B 5 -5.50 -11.67 -7.29
C ARG B 5 -5.63 -11.20 -5.84
N LEU B 6 -4.81 -11.75 -4.95
CA LEU B 6 -4.77 -11.29 -3.56
C LEU B 6 -4.34 -9.81 -3.50
N ALA B 7 -4.86 -9.08 -2.53
CA ALA B 7 -4.34 -7.76 -2.24
C ALA B 7 -2.85 -7.83 -1.97
N SER B 8 -2.09 -6.88 -2.53
CA SER B 8 -0.65 -6.80 -2.26
C SER B 8 -0.38 -5.73 -1.22
N ALA B 9 0.81 -5.76 -0.62
CA ALA B 9 1.17 -4.75 0.38
C ALA B 9 1.12 -3.36 -0.22
N GLY B 10 1.55 -3.26 -1.48
CA GLY B 10 1.54 -2.01 -2.22
C GLY B 10 0.14 -1.45 -2.36
N GLU B 11 -0.84 -2.31 -2.65
CA GLU B 11 -2.22 -1.83 -2.73
C GLU B 11 -2.71 -1.26 -1.39
N ILE B 12 -2.38 -1.93 -0.31
CA ILE B 12 -2.81 -1.47 0.98
C ILE B 12 -2.15 -0.12 1.31
N SER B 13 -0.85 0.00 1.01
CA SER B 13 -0.13 1.26 1.18
C SER B 13 -0.73 2.36 0.33
N GLU B 14 -1.17 2.04 -0.89
CA GLU B 14 -1.84 3.04 -1.72
C GLU B 14 -3.22 3.44 -1.17
N VAL B 15 -4.02 2.48 -0.68
CA VAL B 15 -5.26 2.84 0.00
C VAL B 15 -4.97 3.82 1.14
N GLN B 16 -3.94 3.51 1.94
CA GLN B 16 -3.53 4.39 3.02
C GLN B 16 -3.24 5.79 2.50
N GLY B 17 -2.45 5.88 1.42
CA GLY B 17 -2.06 7.17 0.91
C GLY B 17 -3.24 7.93 0.38
N ILE B 18 -4.17 7.23 -0.27
CA ILE B 18 -5.36 7.87 -0.84
C ILE B 18 -6.25 8.43 0.27
N LEU B 19 -6.51 7.62 1.29
CA LEU B 19 -7.32 8.07 2.43
C LEU B 19 -6.63 9.27 3.08
N ARG B 20 -5.31 9.19 3.24
CA ARG B 20 -4.57 10.29 3.86
C ARG B 20 -4.75 11.59 3.08
N THR B 21 -4.50 11.54 1.78
CA THR B 21 -4.58 12.71 0.94
C THR B 21 -5.98 13.31 0.92
N ALA B 22 -6.99 12.44 1.01
CA ALA B 22 -8.39 12.87 0.99
C ALA B 22 -8.90 13.43 2.34
N GLY B 23 -8.05 13.39 3.36
CA GLY B 23 -8.44 13.89 4.68
C GLY B 23 -9.21 12.91 5.52
N LEU B 24 -9.13 11.64 5.16
CA LEU B 24 -10.00 10.61 5.73
C LEU B 24 -9.24 9.73 6.73
N LEU B 25 -7.94 9.98 6.85
CA LEU B 25 -7.14 9.10 7.70
C LEU B 25 -6.08 9.85 8.53
N GLY B 26 -6.52 10.81 9.35
CA GLY B 26 -5.62 11.53 10.24
C GLY B 26 -5.31 10.65 11.43
N PRO B 27 -4.49 11.16 12.35
CA PRO B 27 -4.03 10.34 13.48
C PRO B 27 -5.14 9.87 14.44
N GLU B 28 -6.34 10.47 14.42
CA GLU B 28 -7.44 9.99 15.27
C GLU B 28 -8.24 8.83 14.64
N LYS B 29 -7.86 8.44 13.43
CA LYS B 29 -8.58 7.41 12.71
C LYS B 29 -7.99 6.01 12.90
N ARG B 30 -8.86 5.00 12.83
CA ARG B 30 -8.43 3.61 12.93
C ARG B 30 -9.21 2.80 11.91
N ILE B 31 -8.50 2.02 11.10
CA ILE B 31 -9.18 1.15 10.14
C ILE B 31 -9.65 -0.11 10.85
N ALA B 32 -10.98 -0.32 10.88
CA ALA B 32 -11.59 -1.48 11.55
C ALA B 32 -11.85 -2.63 10.58
N TYR B 33 -11.86 -2.32 9.27
CA TYR B 33 -12.04 -3.35 8.25
C TYR B 33 -11.50 -2.77 6.96
N LEU B 34 -10.76 -3.58 6.18
CA LEU B 34 -10.25 -3.16 4.87
C LEU B 34 -10.17 -4.41 4.02
N GLY B 35 -10.65 -4.34 2.79
CA GLY B 35 -10.56 -5.51 1.95
C GLY B 35 -10.83 -5.12 0.50
N VAL B 36 -10.25 -5.88 -0.42
CA VAL B 36 -10.50 -5.65 -1.82
C VAL B 36 -11.95 -6.06 -2.13
N LEU B 37 -12.57 -5.36 -3.08
CA LEU B 37 -13.87 -5.77 -3.61
C LEU B 37 -13.75 -6.65 -4.82
N ASP B 38 -14.73 -7.52 -5.02
CA ASP B 38 -14.74 -8.36 -6.18
C ASP B 38 -15.12 -7.52 -7.41
N PRO B 39 -14.70 -7.97 -8.59
CA PRO B 39 -15.04 -7.25 -9.82
C PRO B 39 -16.55 -7.20 -9.98
N ALA B 40 -17.05 -6.18 -10.67
CA ALA B 40 -18.47 -6.13 -11.00
C ALA B 40 -18.81 -7.15 -12.07
N ARG B 41 -20.06 -7.61 -12.07
CA ARG B 41 -20.56 -8.46 -13.14
C ARG B 41 -20.21 -7.90 -14.54
N GLY B 42 -19.68 -8.75 -15.41
CA GLY B 42 -19.42 -8.36 -16.79
C GLY B 42 -18.32 -7.34 -16.97
N ALA B 43 -17.55 -7.10 -15.91
CA ALA B 43 -16.34 -6.27 -16.01
C ALA B 43 -15.25 -7.08 -16.70
N GLY B 44 -15.49 -8.38 -16.85
CA GLY B 44 -14.60 -9.32 -17.53
C GLY B 44 -14.25 -8.96 -18.97
N SER B 45 -14.71 -7.79 -19.39
CA SER B 45 -14.11 -7.08 -20.51
C SER B 45 -12.64 -6.96 -20.16
N GLU B 46 -12.28 -5.88 -19.48
CA GLU B 46 -10.92 -5.65 -19.00
C GLU B 46 -10.77 -4.38 -18.19
N ALA B 47 -9.59 -3.77 -18.31
CA ALA B 47 -9.17 -2.59 -17.56
C ALA B 47 -9.17 -2.85 -16.05
N GLU B 48 -8.00 -2.70 -15.44
CA GLU B 48 -7.87 -2.73 -13.99
C GLU B 48 -8.93 -1.80 -13.41
N ASP B 49 -9.75 -2.30 -12.49
CA ASP B 49 -10.30 -1.42 -11.46
C ASP B 49 -10.39 -2.14 -10.15
N ARG B 50 -9.27 -2.05 -9.44
CA ARG B 50 -9.17 -2.62 -8.12
C ARG B 50 -9.67 -1.61 -7.09
N ARG B 51 -10.79 -1.95 -6.47
CA ARG B 51 -11.39 -1.12 -5.44
C ARG B 51 -11.27 -1.78 -4.06
N PHE B 52 -11.12 -0.94 -3.04
CA PHE B 52 -11.04 -1.42 -1.66
C PHE B 52 -12.10 -0.75 -0.82
N ARG B 53 -12.75 -1.54 0.04
N ARG B 53 -12.73 -1.54 0.05
CA ARG B 53 -13.72 -1.00 0.98
CA ARG B 53 -13.72 -1.01 0.98
C ARG B 53 -13.12 -0.92 2.37
C ARG B 53 -13.11 -0.93 2.37
N VAL B 54 -13.34 0.21 3.04
CA VAL B 54 -12.73 0.49 4.32
C VAL B 54 -13.80 0.98 5.31
N PHE B 55 -13.75 0.49 6.54
CA PHE B 55 -14.58 1.01 7.64
C PHE B 55 -13.58 1.76 8.56
N ILE B 56 -13.82 3.06 8.83
CA ILE B 56 -12.89 3.87 9.60
C ILE B 56 -13.48 4.40 10.89
N HIS B 57 -12.93 3.95 12.02
CA HIS B 57 -13.35 4.40 13.33
C HIS B 57 -12.56 5.66 13.69
N ASP B 58 -13.13 6.48 14.58
CA ASP B 58 -12.52 7.71 15.03
C ASP B 58 -12.47 7.66 16.55
N VAL B 59 -11.28 7.75 17.12
CA VAL B 59 -11.19 7.55 18.56
C VAL B 59 -11.54 8.85 19.31
N SER B 60 -11.76 9.94 18.58
CA SER B 60 -12.02 11.19 19.23
C SER B 60 -13.51 11.33 19.53
N GLY B 61 -14.32 10.45 18.95
CA GLY B 61 -15.75 10.51 19.17
C GLY B 61 -16.56 10.90 17.95
N ALA B 62 -15.88 11.22 16.86
CA ALA B 62 -16.59 11.61 15.64
C ALA B 62 -17.19 10.37 15.00
N ARG B 63 -18.09 10.57 14.05
CA ARG B 63 -18.78 9.44 13.44
CA ARG B 63 -18.78 9.43 13.46
C ARG B 63 -17.85 8.64 12.55
N PRO B 64 -18.03 7.32 12.55
CA PRO B 64 -17.22 6.45 11.69
C PRO B 64 -17.61 6.65 10.24
N GLN B 65 -16.79 6.15 9.32
CA GLN B 65 -17.09 6.36 7.90
C GLN B 65 -16.94 5.03 7.17
N GLU B 66 -17.75 4.82 6.14
CA GLU B 66 -17.50 3.77 5.19
C GLU B 66 -16.97 4.42 3.93
N VAL B 67 -15.84 3.93 3.43
CA VAL B 67 -15.19 4.54 2.30
C VAL B 67 -14.81 3.47 1.29
N THR B 68 -15.04 3.77 0.02
CA THR B 68 -14.54 2.91 -1.03
C THR B 68 -13.58 3.73 -1.87
N VAL B 69 -12.38 3.17 -2.11
CA VAL B 69 -11.40 3.85 -2.93
C VAL B 69 -11.02 2.98 -4.13
N SER B 70 -10.71 3.65 -5.22
CA SER B 70 -10.07 3.01 -6.36
C SER B 70 -8.54 3.09 -6.26
N VAL B 71 -7.90 1.96 -5.96
CA VAL B 71 -6.43 2.00 -5.90
C VAL B 71 -5.84 2.16 -7.29
N THR B 72 -6.56 1.64 -8.29
CA THR B 72 -6.13 1.80 -9.68
C THR B 72 -5.95 3.26 -10.06
N ASN B 73 -6.91 4.09 -9.63
CA ASN B 73 -6.99 5.47 -10.08
C ASN B 73 -6.57 6.46 -9.00
N GLY B 74 -6.29 5.97 -7.80
CA GLY B 74 -5.81 6.82 -6.72
C GLY B 74 -6.89 7.77 -6.21
N THR B 75 -8.13 7.32 -6.26
CA THR B 75 -9.27 8.16 -5.95
C THR B 75 -10.21 7.56 -4.88
N VAL B 76 -10.99 8.43 -4.24
CA VAL B 76 -12.09 8.01 -3.35
C VAL B 76 -13.35 7.96 -4.21
N ILE B 77 -14.01 6.81 -4.22
CA ILE B 77 -15.27 6.63 -4.96
C ILE B 77 -16.41 7.17 -4.13
N SER B 78 -16.42 6.85 -2.85
CA SER B 78 -17.51 7.25 -1.96
C SER B 78 -17.00 7.26 -0.54
N ALA B 79 -17.51 8.18 0.27
CA ALA B 79 -17.20 8.22 1.68
C ALA B 79 -18.46 8.73 2.38
N VAL B 80 -18.97 7.94 3.33
CA VAL B 80 -20.17 8.34 4.05
C VAL B 80 -20.04 8.22 5.56
N GLU B 81 -20.57 9.21 6.26
CA GLU B 81 -20.64 9.17 7.71
C GLU B 81 -21.74 8.21 8.13
N LEU B 82 -21.41 7.35 9.08
CA LEU B 82 -22.34 6.33 9.52
C LEU B 82 -23.04 6.77 10.77
N ASP B 83 -24.32 6.47 10.85
CA ASP B 83 -25.10 6.71 12.06
C ASP B 83 -25.19 5.35 12.76
N THR B 84 -24.28 5.07 13.70
CA THR B 84 -24.16 3.70 14.24
C THR B 84 -25.39 3.23 15.02
N ALA B 85 -26.13 4.16 15.60
CA ALA B 85 -27.33 3.79 16.30
C ALA B 85 -28.36 3.23 15.31
N ALA B 86 -28.23 3.61 14.04
CA ALA B 86 -29.15 3.11 13.03
C ALA B 86 -28.62 1.86 12.36
N THR B 87 -27.43 1.97 11.81
CA THR B 87 -26.89 0.90 10.97
C THR B 87 -25.86 -0.04 11.60
N GLY B 88 -25.51 0.17 12.86
CA GLY B 88 -24.61 -0.74 13.57
C GLY B 88 -23.26 -0.11 13.87
N GLU B 89 -22.59 -0.62 14.91
CA GLU B 89 -21.22 -0.21 15.22
C GLU B 89 -20.21 -0.97 14.36
N LEU B 90 -18.98 -0.46 14.30
CA LEU B 90 -17.92 -1.11 13.51
C LEU B 90 -17.41 -2.36 14.21
N PRO B 91 -16.72 -3.23 13.47
CA PRO B 91 -16.16 -4.46 14.10
C PRO B 91 -15.23 -4.14 15.27
N VAL B 92 -15.10 -5.08 16.22
CA VAL B 92 -14.20 -4.91 17.36
C VAL B 92 -12.78 -4.66 16.84
N LEU B 93 -12.09 -3.71 17.46
CA LEU B 93 -10.73 -3.40 17.03
C LEU B 93 -9.76 -4.23 17.83
N GLU B 94 -8.67 -4.67 17.20
CA GLU B 94 -7.66 -5.40 17.93
C GLU B 94 -7.15 -4.58 19.12
N GLU B 95 -7.05 -3.27 18.94
CA GLU B 95 -6.53 -2.42 20.03
C GLU B 95 -7.43 -2.35 21.25
N GLU B 96 -8.64 -2.89 21.13
CA GLU B 96 -9.57 -2.97 22.25
C GLU B 96 -9.38 -4.26 23.06
N PHE B 97 -8.47 -5.14 22.61
CA PHE B 97 -8.16 -6.39 23.34
C PHE B 97 -8.04 -6.19 24.86
N GLU B 98 -7.29 -5.16 25.26
CA GLU B 98 -6.97 -5.00 26.67
C GLU B 98 -7.73 -3.86 27.32
N VAL B 99 -8.53 -3.13 26.55
CA VAL B 99 -9.18 -1.92 27.09
C VAL B 99 -10.19 -2.25 28.20
N VAL B 100 -10.97 -3.32 28.06
CA VAL B 100 -11.99 -3.62 29.07
C VAL B 100 -11.33 -3.89 30.43
N GLU B 101 -10.29 -4.72 30.41
CA GLU B 101 -9.57 -5.06 31.62
C GLU B 101 -8.96 -3.82 32.24
N GLN B 102 -8.30 -2.99 31.43
CA GLN B 102 -7.69 -1.74 31.92
C GLN B 102 -8.68 -0.77 32.60
N LEU B 103 -9.84 -0.56 31.98
CA LEU B 103 -10.82 0.40 32.51
C LEU B 103 -11.38 -0.14 33.82
N LEU B 104 -11.57 -1.46 33.88
CA LEU B 104 -12.23 -2.07 35.02
C LEU B 104 -11.26 -2.09 36.21
N ALA B 105 -9.96 -2.11 35.94
CA ALA B 105 -8.98 -2.27 37.01
C ALA B 105 -8.92 -1.09 37.99
N THR B 106 -9.37 0.07 37.55
CA THR B 106 -9.44 1.25 38.41
C THR B 106 -10.87 1.61 38.84
N ASP B 107 -11.84 0.75 38.57
CA ASP B 107 -13.22 1.05 38.89
C ASP B 107 -13.54 0.53 40.27
N GLU B 108 -14.00 1.43 41.14
CA GLU B 108 -14.27 1.04 42.52
C GLU B 108 -15.27 -0.12 42.66
N ARG B 109 -16.28 -0.17 41.81
CA ARG B 109 -17.25 -1.26 41.91
C ARG B 109 -16.63 -2.60 41.52
N TRP B 110 -15.81 -2.59 40.49
CA TRP B 110 -15.12 -3.80 40.03
C TRP B 110 -14.15 -4.26 41.13
N LEU B 111 -13.41 -3.31 41.68
CA LEU B 111 -12.48 -3.63 42.75
C LEU B 111 -13.22 -4.19 43.95
N LYS B 112 -14.41 -3.67 44.24
CA LYS B 112 -15.13 -4.14 45.43
C LYS B 112 -15.55 -5.61 45.22
N ALA B 113 -15.98 -5.93 44.00
CA ALA B 113 -16.35 -7.29 43.67
C ALA B 113 -15.15 -8.24 43.77
N LEU B 114 -13.99 -7.79 43.27
CA LEU B 114 -12.79 -8.62 43.31
C LEU B 114 -12.36 -8.81 44.76
N ALA B 115 -12.44 -7.75 45.56
CA ALA B 115 -12.01 -7.82 46.96
C ALA B 115 -12.87 -8.79 47.77
N ALA B 116 -14.19 -8.82 47.50
CA ALA B 116 -15.07 -9.72 48.23
C ALA B 116 -14.68 -11.18 47.98
N ARG B 117 -14.12 -11.43 46.79
CA ARG B 117 -13.72 -12.76 46.37
C ARG B 117 -12.22 -13.03 46.61
N ASN B 118 -11.53 -12.09 47.24
CA ASN B 118 -10.11 -12.26 47.52
C ASN B 118 -9.25 -12.52 46.30
N LEU B 119 -9.62 -11.84 45.21
CA LEU B 119 -8.89 -11.97 43.95
C LEU B 119 -7.97 -10.78 43.73
N ASP B 120 -6.74 -11.07 43.31
CA ASP B 120 -5.74 -10.04 43.06
C ASP B 120 -6.04 -9.46 41.67
N VAL B 121 -6.31 -8.14 41.62
CA VAL B 121 -6.71 -7.51 40.37
C VAL B 121 -5.66 -7.70 39.28
N SER B 122 -4.40 -7.79 39.69
CA SER B 122 -3.35 -7.93 38.69
C SER B 122 -3.43 -9.26 37.97
N LYS B 123 -4.21 -10.20 38.52
CA LYS B 123 -4.28 -11.56 37.97
C LYS B 123 -5.60 -11.78 37.26
N VAL B 124 -6.43 -10.74 37.19
CA VAL B 124 -7.74 -10.96 36.62
C VAL B 124 -7.77 -10.52 35.16
N ARG B 125 -7.96 -11.48 34.26
CA ARG B 125 -8.11 -11.22 32.84
C ARG B 125 -9.55 -10.95 32.48
N VAL B 126 -9.77 -10.01 31.58
CA VAL B 126 -11.08 -9.68 31.04
C VAL B 126 -10.98 -9.52 29.51
N ALA B 127 -11.85 -10.16 28.72
CA ALA B 127 -11.81 -9.98 27.24
C ALA B 127 -12.76 -8.91 26.72
N PRO B 128 -12.50 -8.36 25.51
CA PRO B 128 -13.46 -7.45 24.89
C PRO B 128 -14.59 -8.31 24.33
N LEU B 129 -15.61 -8.57 25.15
CA LEU B 129 -16.76 -9.37 24.69
C LEU B 129 -17.79 -8.49 23.98
N SER B 130 -18.30 -8.94 22.82
CA SER B 130 -19.29 -8.14 22.12
C SER B 130 -20.58 -8.01 22.93
N ALA B 131 -21.27 -6.88 22.76
CA ALA B 131 -22.36 -6.54 23.67
C ALA B 131 -23.76 -6.95 23.26
N GLY B 132 -23.98 -7.03 21.96
CA GLY B 132 -25.31 -7.19 21.41
C GLY B 132 -26.19 -6.03 21.83
N VAL B 133 -27.52 -6.22 21.73
CA VAL B 133 -28.44 -5.15 22.00
C VAL B 133 -29.51 -5.70 22.93
N PHE B 134 -29.60 -5.15 24.12
CA PHE B 134 -30.56 -5.66 25.09
C PHE B 134 -31.39 -4.51 25.64
N GLU B 135 -31.51 -4.38 26.95
CA GLU B 135 -32.50 -3.46 27.52
C GLU B 135 -31.90 -2.11 27.91
N TYR B 136 -30.62 -1.90 27.61
CA TYR B 136 -29.88 -0.75 28.14
C TYR B 136 -29.88 0.44 27.16
N ALA B 137 -30.73 1.41 27.44
CA ALA B 137 -30.96 2.50 26.48
C ALA B 137 -29.72 3.35 26.23
N GLU B 138 -28.88 3.51 27.26
CA GLU B 138 -27.69 4.35 27.17
C GLU B 138 -26.67 3.79 26.17
N GLU B 139 -26.86 2.53 25.77
CA GLU B 139 -25.87 1.89 24.90
C GLU B 139 -26.13 2.16 23.42
N ARG B 140 -27.34 2.63 23.10
CA ARG B 140 -27.72 2.80 21.70
C ARG B 140 -26.91 3.93 21.11
N GLY B 141 -26.13 3.61 20.08
CA GLY B 141 -25.27 4.58 19.44
C GLY B 141 -23.91 4.78 20.12
N ARG B 142 -23.63 3.99 21.16
CA ARG B 142 -22.34 3.97 21.83
C ARG B 142 -21.63 2.64 21.54
N ARG B 143 -20.30 2.68 21.46
CA ARG B 143 -19.47 1.52 21.27
C ARG B 143 -19.19 0.86 22.63
N ILE B 144 -19.93 -0.22 22.93
CA ILE B 144 -19.85 -0.89 24.22
C ILE B 144 -19.12 -2.22 24.08
N LEU B 145 -18.32 -2.60 25.08
CA LEU B 145 -17.91 -3.99 25.23
C LEU B 145 -18.31 -4.46 26.63
N ARG B 146 -18.52 -5.76 26.78
CA ARG B 146 -18.84 -6.30 28.10
C ARG B 146 -17.64 -7.11 28.55
N GLY B 147 -17.52 -7.35 29.83
CA GLY B 147 -16.35 -8.08 30.29
C GLY B 147 -16.71 -9.11 31.33
N LEU B 148 -16.12 -10.30 31.22
CA LEU B 148 -16.21 -11.33 32.24
C LEU B 148 -14.80 -11.66 32.71
N ALA B 149 -14.66 -11.92 33.99
CA ALA B 149 -13.36 -12.10 34.63
C ALA B 149 -12.94 -13.58 34.71
N PHE B 150 -11.65 -13.82 34.47
CA PHE B 150 -11.00 -15.13 34.56
C PHE B 150 -9.68 -14.92 35.24
N VAL B 151 -9.38 -15.73 36.26
CA VAL B 151 -8.15 -15.55 37.03
C VAL B 151 -6.99 -16.33 36.43
N GLN B 152 -5.83 -15.66 36.27
CA GLN B 152 -4.60 -16.32 35.86
C GLN B 152 -3.68 -16.35 37.07
N ASP B 153 -3.42 -17.55 37.59
CA ASP B 153 -2.61 -17.71 38.82
C ASP B 153 -1.15 -17.26 38.64
N PHE B 154 -0.70 -17.34 37.41
CA PHE B 154 0.63 -16.94 36.97
C PHE B 154 0.57 -16.66 35.47
N PRO B 155 1.58 -15.98 34.90
CA PRO B 155 1.45 -15.50 33.51
C PRO B 155 1.17 -16.57 32.46
N GLU B 156 1.62 -17.80 32.65
CA GLU B 156 1.36 -18.87 31.67
C GLU B 156 0.20 -19.79 32.01
N ASP B 157 -0.56 -19.41 33.02
CA ASP B 157 -1.73 -20.18 33.44
C ASP B 157 -2.90 -20.02 32.47
N SER B 158 -3.70 -21.07 32.29
CA SER B 158 -4.89 -20.99 31.48
C SER B 158 -6.05 -20.35 32.30
N ALA B 159 -6.38 -19.12 32.00
CA ALA B 159 -7.34 -18.36 32.79
C ALA B 159 -8.72 -18.99 32.72
N TRP B 160 -8.97 -19.77 31.66
CA TRP B 160 -10.26 -20.42 31.45
C TRP B 160 -10.61 -21.39 32.56
N ALA B 161 -9.62 -21.91 33.27
CA ALA B 161 -9.90 -22.81 34.37
C ALA B 161 -10.54 -22.11 35.55
N HIS B 162 -10.46 -20.77 35.58
CA HIS B 162 -10.82 -20.02 36.79
C HIS B 162 -11.82 -18.88 36.53
N PRO B 163 -12.99 -19.20 36.01
CA PRO B 163 -13.97 -18.14 35.72
C PRO B 163 -14.50 -17.57 37.02
N VAL B 164 -14.74 -16.27 37.05
CA VAL B 164 -15.35 -15.61 38.20
C VAL B 164 -16.83 -15.38 37.91
N ASP B 165 -17.70 -16.26 38.42
CA ASP B 165 -19.11 -16.17 38.04
C ASP B 165 -19.78 -15.13 38.92
N GLY B 166 -20.96 -14.70 38.49
CA GLY B 166 -21.77 -13.78 39.27
C GLY B 166 -21.36 -12.36 39.07
N LEU B 167 -20.46 -12.11 38.12
CA LEU B 167 -19.88 -10.79 37.95
C LEU B 167 -19.77 -10.44 36.48
N VAL B 168 -20.30 -9.29 36.11
CA VAL B 168 -20.17 -8.83 34.71
C VAL B 168 -20.13 -7.31 34.65
N ALA B 169 -19.34 -6.74 33.75
CA ALA B 169 -19.27 -5.29 33.63
C ALA B 169 -19.41 -4.83 32.19
N TYR B 170 -19.87 -3.60 32.00
CA TYR B 170 -20.06 -3.06 30.64
C TYR B 170 -19.22 -1.79 30.57
N VAL B 171 -18.58 -1.54 29.44
CA VAL B 171 -17.75 -0.34 29.30
C VAL B 171 -18.05 0.37 27.99
N ASP B 172 -18.04 1.69 28.06
CA ASP B 172 -18.13 2.52 26.87
C ASP B 172 -16.70 2.76 26.41
N VAL B 173 -16.31 2.17 25.29
CA VAL B 173 -14.90 2.17 24.87
C VAL B 173 -14.41 3.55 24.44
N VAL B 174 -15.22 4.29 23.70
CA VAL B 174 -14.75 5.59 23.21
C VAL B 174 -14.55 6.61 24.34
N SER B 175 -15.49 6.67 25.28
CA SER B 175 -15.41 7.64 26.35
C SER B 175 -14.50 7.13 27.49
N LYS B 176 -14.12 5.85 27.41
CA LYS B 176 -13.26 5.24 28.42
C LYS B 176 -13.95 5.25 29.76
N GLU B 177 -15.24 4.88 29.78
CA GLU B 177 -16.01 4.88 31.02
C GLU B 177 -16.61 3.50 31.30
N VAL B 178 -16.71 3.15 32.58
CA VAL B 178 -17.35 1.89 32.97
C VAL B 178 -18.81 2.20 33.27
N THR B 179 -19.72 1.67 32.46
CA THR B 179 -21.13 2.06 32.58
C THR B 179 -21.90 1.30 33.65
N ARG B 180 -21.64 0.00 33.75
CA ARG B 180 -22.28 -0.81 34.79
CA ARG B 180 -22.29 -0.85 34.74
C ARG B 180 -21.33 -1.87 35.31
N VAL B 181 -21.45 -2.17 36.61
CA VAL B 181 -20.82 -3.35 37.20
C VAL B 181 -21.93 -4.12 37.94
N ILE B 182 -22.14 -5.38 37.55
CA ILE B 182 -23.22 -6.18 38.08
C ILE B 182 -22.67 -7.34 38.86
N ASP B 183 -23.07 -7.50 40.11
CA ASP B 183 -22.57 -8.58 40.96
C ASP B 183 -23.80 -9.28 41.52
N THR B 184 -24.09 -10.46 40.98
CA THR B 184 -25.27 -11.20 41.41
C THR B 184 -24.99 -12.09 42.62
N GLY B 185 -23.73 -12.18 43.01
CA GLY B 185 -23.36 -12.95 44.21
C GLY B 185 -22.11 -13.79 43.97
N VAL B 186 -21.47 -14.18 45.06
CA VAL B 186 -20.22 -14.91 45.00
C VAL B 186 -20.44 -16.39 44.67
N PHE B 187 -19.73 -16.88 43.65
CA PHE B 187 -19.61 -18.30 43.35
C PHE B 187 -18.15 -18.64 43.60
N PRO B 188 -17.87 -19.84 44.12
CA PRO B 188 -16.48 -20.26 44.22
C PRO B 188 -15.82 -20.17 42.84
N VAL B 189 -14.59 -19.68 42.81
CA VAL B 189 -13.83 -19.72 41.55
C VAL B 189 -13.18 -21.08 41.46
N PRO B 190 -13.43 -21.80 40.37
CA PRO B 190 -12.89 -23.16 40.27
C PRO B 190 -11.40 -23.20 40.49
N ALA B 191 -10.97 -24.20 41.24
CA ALA B 191 -9.60 -24.22 41.70
C ALA B 191 -8.59 -24.94 40.83
N GLU B 192 -8.97 -26.07 40.22
CA GLU B 192 -7.98 -26.85 39.47
C GLU B 192 -7.45 -26.06 38.29
N HIS B 193 -6.17 -26.26 37.97
CA HIS B 193 -5.67 -25.63 36.76
C HIS B 193 -6.07 -26.45 35.53
N GLY B 194 -5.96 -25.82 34.36
CA GLY B 194 -6.25 -26.46 33.09
C GLY B 194 -5.04 -26.32 32.17
N ASN B 195 -3.85 -26.44 32.73
CA ASN B 195 -2.61 -26.32 31.96
C ASN B 195 -2.19 -27.61 31.25
N TYR B 196 -2.59 -27.73 29.98
CA TYR B 196 -2.44 -28.96 29.19
C TYR B 196 -0.98 -29.15 28.72
N THR B 197 -0.08 -28.24 29.11
CA THR B 197 1.35 -28.54 28.93
C THR B 197 2.12 -28.86 30.22
N ASP B 198 1.43 -28.89 31.36
CA ASP B 198 2.06 -29.23 32.65
C ASP B 198 2.08 -30.75 32.75
N PRO B 199 3.27 -31.34 32.96
CA PRO B 199 3.44 -32.80 33.09
C PRO B 199 2.59 -33.39 34.21
N GLU B 200 2.27 -32.62 35.22
CA GLU B 200 1.48 -33.20 36.28
CA GLU B 200 1.40 -33.06 36.33
C GLU B 200 0.04 -33.46 35.81
N LEU B 201 -0.41 -32.75 34.78
CA LEU B 201 -1.73 -32.96 34.23
C LEU B 201 -1.72 -33.89 33.01
N THR B 202 -0.68 -33.81 32.20
CA THR B 202 -0.59 -34.66 31.01
C THR B 202 -0.20 -36.09 31.36
N GLY B 203 0.55 -36.24 32.44
CA GLY B 203 1.25 -37.49 32.69
C GLY B 203 2.43 -37.54 31.73
N PRO B 204 3.22 -38.61 31.81
CA PRO B 204 4.37 -38.83 30.94
C PRO B 204 3.89 -38.89 29.49
N LEU B 205 4.57 -38.21 28.58
CA LEU B 205 4.14 -38.26 27.20
C LEU B 205 4.31 -39.62 26.56
N ARG B 206 3.38 -39.95 25.67
CA ARG B 206 3.40 -41.25 25.01
C ARG B 206 4.65 -41.38 24.19
N THR B 207 5.21 -42.58 24.15
CA THR B 207 6.39 -42.83 23.36
C THR B 207 6.07 -43.84 22.29
N THR B 208 4.78 -44.10 22.07
CA THR B 208 4.31 -45.19 21.23
C THR B 208 4.01 -44.75 19.79
N GLN B 209 4.03 -43.46 19.51
CA GLN B 209 3.58 -42.97 18.19
C GLN B 209 4.74 -42.95 17.23
N LYS B 210 4.78 -43.93 16.33
CA LYS B 210 5.81 -43.98 15.29
C LYS B 210 5.45 -43.00 14.18
N PRO B 211 6.45 -42.46 13.49
CA PRO B 211 6.13 -41.44 12.49
C PRO B 211 5.27 -41.93 11.32
N ILE B 212 4.45 -41.01 10.83
CA ILE B 212 3.71 -41.21 9.59
C ILE B 212 4.17 -40.15 8.60
N SER B 213 4.88 -40.59 7.55
CA SER B 213 5.53 -39.68 6.62
C SER B 213 4.72 -39.60 5.34
N ILE B 214 4.27 -38.39 4.98
CA ILE B 214 3.60 -38.16 3.71
C ILE B 214 4.49 -37.27 2.82
N THR B 215 4.85 -37.76 1.64
CA THR B 215 5.73 -37.01 0.77
C THR B 215 5.22 -37.08 -0.66
N GLN B 216 5.69 -36.14 -1.47
CA GLN B 216 5.42 -36.17 -2.89
C GLN B 216 6.74 -35.97 -3.62
N PRO B 217 7.37 -37.07 -4.05
CA PRO B 217 8.73 -37.08 -4.61
C PRO B 217 8.80 -36.30 -5.90
N GLU B 218 7.67 -36.08 -6.56
CA GLU B 218 7.64 -35.31 -7.80
C GLU B 218 6.99 -33.96 -7.61
N GLY B 219 6.67 -33.62 -6.35
CA GLY B 219 6.03 -32.37 -6.03
C GLY B 219 4.54 -32.59 -6.24
N PRO B 220 3.73 -31.55 -6.07
CA PRO B 220 2.26 -31.67 -6.09
C PRO B 220 1.69 -31.61 -7.51
N SER B 221 0.43 -32.05 -7.64
CA SER B 221 -0.24 -32.14 -8.94
C SER B 221 -0.96 -30.86 -9.33
N PHE B 222 -1.04 -29.90 -8.43
CA PHE B 222 -1.60 -28.59 -8.76
C PHE B 222 -0.55 -27.55 -9.12
N THR B 223 -0.98 -26.54 -9.87
CA THR B 223 -0.08 -25.43 -10.16
C THR B 223 -0.69 -24.17 -9.57
N VAL B 224 0.15 -23.23 -9.19
CA VAL B 224 -0.32 -21.95 -8.69
C VAL B 224 0.24 -20.90 -9.63
N THR B 225 -0.63 -20.11 -10.22
CA THR B 225 -0.15 -19.05 -11.12
C THR B 225 -0.79 -17.74 -10.73
N GLY B 226 -0.16 -16.62 -11.10
CA GLY B 226 -0.80 -15.35 -10.73
C GLY B 226 -0.98 -15.13 -9.24
N GLY B 227 -0.17 -15.83 -8.43
CA GLY B 227 -0.18 -15.72 -6.99
C GLY B 227 -1.22 -16.60 -6.33
N ASN B 228 -2.38 -16.76 -6.95
CA ASN B 228 -3.47 -17.40 -6.21
C ASN B 228 -4.42 -18.16 -7.10
N HIS B 229 -4.03 -18.42 -8.33
CA HIS B 229 -4.89 -19.20 -9.21
C HIS B 229 -4.44 -20.64 -9.21
N ILE B 230 -5.37 -21.54 -8.92
CA ILE B 230 -5.09 -22.99 -8.85
C ILE B 230 -5.65 -23.75 -10.05
N GLU B 231 -4.83 -24.62 -10.63
CA GLU B 231 -5.31 -25.62 -11.55
C GLU B 231 -4.93 -26.99 -10.98
N TRP B 232 -5.91 -27.88 -10.83
CA TRP B 232 -5.64 -29.19 -10.23
C TRP B 232 -6.70 -30.16 -10.70
N GLU B 233 -6.29 -31.21 -11.43
CA GLU B 233 -7.19 -32.33 -11.78
C GLU B 233 -8.53 -31.86 -12.34
N LYS B 234 -8.43 -30.97 -13.33
CA LYS B 234 -9.53 -30.41 -14.11
C LYS B 234 -10.21 -29.24 -13.40
N TRP B 235 -9.92 -29.04 -12.11
CA TRP B 235 -10.53 -27.91 -11.40
C TRP B 235 -9.69 -26.62 -11.65
N SER B 236 -10.39 -25.47 -11.70
CA SER B 236 -9.77 -24.15 -11.85
C SER B 236 -10.45 -23.25 -10.82
N LEU B 237 -9.69 -22.40 -10.13
CA LEU B 237 -10.28 -21.49 -9.14
C LEU B 237 -9.25 -20.48 -8.69
N ASP B 238 -9.69 -19.44 -7.97
CA ASP B 238 -8.77 -18.46 -7.40
C ASP B 238 -9.03 -18.43 -5.90
N VAL B 239 -7.95 -18.37 -5.12
CA VAL B 239 -8.05 -18.37 -3.65
C VAL B 239 -7.90 -16.93 -3.17
N GLY B 240 -9.00 -16.34 -2.70
CA GLY B 240 -8.94 -15.02 -2.08
C GLY B 240 -8.80 -15.11 -0.57
N PHE B 241 -8.54 -13.95 0.04
CA PHE B 241 -8.53 -13.90 1.50
C PHE B 241 -9.02 -12.52 1.91
N ASP B 242 -10.00 -12.49 2.81
CA ASP B 242 -10.61 -11.24 3.27
C ASP B 242 -10.52 -11.23 4.77
N VAL B 243 -10.23 -10.07 5.35
CA VAL B 243 -9.97 -10.04 6.78
C VAL B 243 -11.19 -10.44 7.62
N ARG B 244 -12.38 -10.24 7.08
CA ARG B 244 -13.61 -10.61 7.76
C ARG B 244 -13.94 -12.11 7.54
N GLU B 245 -13.98 -12.54 6.27
CA GLU B 245 -14.46 -13.88 5.94
C GLU B 245 -13.38 -14.95 6.00
N GLY B 246 -12.11 -14.55 5.88
CA GLY B 246 -11.01 -15.51 5.80
C GLY B 246 -10.85 -15.96 4.37
N VAL B 247 -10.52 -17.24 4.18
CA VAL B 247 -10.32 -17.75 2.83
C VAL B 247 -11.63 -17.74 2.07
N VAL B 248 -11.58 -17.23 0.83
CA VAL B 248 -12.75 -17.15 -0.04
C VAL B 248 -12.40 -17.85 -1.33
N LEU B 249 -13.30 -18.63 -1.91
CA LEU B 249 -12.92 -19.23 -3.20
C LEU B 249 -13.68 -18.55 -4.32
N HIS B 250 -13.00 -18.20 -5.42
CA HIS B 250 -13.66 -17.53 -6.53
C HIS B 250 -13.58 -18.39 -7.76
N ASN B 251 -14.60 -18.28 -8.63
CA ASN B 251 -14.47 -18.85 -9.97
C ASN B 251 -14.18 -20.34 -9.99
N ILE B 252 -14.84 -21.08 -9.11
CA ILE B 252 -14.69 -22.54 -9.11
C ILE B 252 -15.31 -23.11 -10.38
N ALA B 253 -14.49 -23.76 -11.18
CA ALA B 253 -14.88 -24.25 -12.50
C ALA B 253 -14.19 -25.58 -12.76
N PHE B 254 -14.73 -26.35 -13.70
CA PHE B 254 -14.22 -27.68 -13.98
C PHE B 254 -14.07 -27.82 -15.49
N ARG B 255 -12.92 -28.33 -15.92
CA ARG B 255 -12.53 -28.38 -17.35
C ARG B 255 -13.00 -29.74 -17.84
N ASP B 256 -14.20 -29.76 -18.45
CA ASP B 256 -14.84 -30.99 -18.91
C ASP B 256 -14.50 -31.10 -20.39
N GLY B 257 -13.54 -31.97 -20.71
CA GLY B 257 -13.04 -32.01 -22.06
C GLY B 257 -12.39 -30.68 -22.44
N ASP B 258 -12.90 -30.04 -23.48
CA ASP B 258 -12.35 -28.79 -24.00
C ASP B 258 -13.02 -27.54 -23.42
N ARG B 259 -13.93 -27.72 -22.48
CA ARG B 259 -14.72 -26.59 -22.02
C ARG B 259 -14.53 -26.32 -20.54
N LEU B 260 -14.27 -25.06 -20.21
CA LEU B 260 -14.22 -24.67 -18.79
C LEU B 260 -15.65 -24.36 -18.32
N ARG B 261 -16.20 -25.18 -17.42
CA ARG B 261 -17.60 -25.01 -17.02
C ARG B 261 -17.65 -24.40 -15.62
N PRO B 262 -18.21 -23.18 -15.47
CA PRO B 262 -18.38 -22.64 -14.10
C PRO B 262 -19.27 -23.51 -13.25
N ILE B 263 -18.95 -23.53 -11.95
CA ILE B 263 -19.82 -24.19 -10.98
C ILE B 263 -20.25 -23.24 -9.87
N ILE B 264 -19.27 -22.64 -9.18
CA ILE B 264 -19.60 -21.67 -8.11
C ILE B 264 -18.78 -20.39 -8.37
N ASN B 265 -19.46 -19.25 -8.47
CA ASN B 265 -18.75 -17.98 -8.65
C ASN B 265 -17.98 -17.51 -7.43
N ARG B 266 -18.58 -17.66 -6.25
CA ARG B 266 -17.88 -17.28 -5.01
C ARG B 266 -18.39 -18.15 -3.89
N ALA B 267 -17.46 -18.70 -3.11
CA ALA B 267 -17.86 -19.51 -1.94
C ALA B 267 -17.14 -18.96 -0.74
N SER B 268 -17.89 -18.68 0.33
CA SER B 268 -17.28 -18.19 1.54
C SER B 268 -18.12 -18.57 2.74
N ILE B 269 -17.52 -18.48 3.93
CA ILE B 269 -18.28 -18.52 5.16
C ILE B 269 -18.54 -17.07 5.49
N ALA B 270 -19.77 -16.63 5.28
CA ALA B 270 -20.09 -15.20 5.36
C ALA B 270 -20.54 -14.75 6.74
N GLU B 271 -20.73 -15.68 7.68
CA GLU B 271 -21.00 -15.33 9.07
C GLU B 271 -20.73 -16.60 9.89
N MET B 272 -20.34 -16.43 11.15
CA MET B 272 -20.31 -17.54 12.07
C MET B 272 -20.57 -16.97 13.45
N VAL B 273 -21.56 -17.54 14.14
CA VAL B 273 -21.98 -17.01 15.43
C VAL B 273 -22.05 -18.11 16.49
N VAL B 274 -21.71 -17.74 17.72
CA VAL B 274 -21.75 -18.65 18.86
C VAL B 274 -22.72 -18.13 19.89
N PRO B 275 -24.01 -18.54 19.78
CA PRO B 275 -25.01 -18.12 20.77
C PRO B 275 -24.95 -19.00 22.01
N TYR B 276 -25.06 -18.41 23.20
CA TYR B 276 -25.04 -19.18 24.45
C TYR B 276 -26.44 -19.36 25.05
N GLY B 277 -26.64 -20.52 25.66
CA GLY B 277 -27.94 -20.95 26.15
C GLY B 277 -28.10 -20.97 27.66
N ASP B 278 -27.26 -20.19 28.35
CA ASP B 278 -27.32 -20.08 29.79
C ASP B 278 -28.11 -18.81 30.14
N PRO B 279 -29.26 -18.98 30.81
CA PRO B 279 -30.10 -17.82 31.15
C PRO B 279 -29.59 -16.96 32.31
N SER B 280 -28.48 -17.32 32.93
CA SER B 280 -27.92 -16.43 33.94
C SER B 280 -27.71 -15.06 33.35
N PRO B 281 -28.03 -14.01 34.09
CA PRO B 281 -27.77 -12.68 33.55
C PRO B 281 -26.27 -12.34 33.38
N ILE B 282 -25.39 -13.13 33.99
CA ILE B 282 -23.96 -12.96 33.79
C ILE B 282 -23.55 -13.28 32.36
N ARG B 283 -24.29 -14.18 31.68
CA ARG B 283 -23.92 -14.58 30.31
C ARG B 283 -25.09 -14.58 29.31
N SER B 284 -26.31 -14.24 29.73
CA SER B 284 -27.43 -14.43 28.79
C SER B 284 -27.41 -13.51 27.59
N TRP B 285 -26.60 -12.46 27.65
CA TRP B 285 -26.41 -11.55 26.50
C TRP B 285 -25.37 -12.01 25.51
N GLN B 286 -24.67 -13.11 25.79
CA GLN B 286 -23.51 -13.40 24.97
C GLN B 286 -23.79 -14.24 23.71
N ASN B 287 -23.38 -13.63 22.59
CA ASN B 287 -23.50 -14.17 21.23
C ASN B 287 -22.32 -13.64 20.45
N TYR B 288 -21.31 -14.48 20.22
CA TYR B 288 -20.09 -13.97 19.60
C TYR B 288 -20.18 -14.21 18.10
N PHE B 289 -20.34 -13.15 17.32
CA PHE B 289 -20.29 -13.27 15.89
C PHE B 289 -18.84 -13.24 15.52
N ASP B 290 -18.21 -14.41 15.47
CA ASP B 290 -16.76 -14.51 15.29
C ASP B 290 -16.38 -13.88 13.97
N THR B 291 -17.20 -14.06 12.93
CA THR B 291 -16.91 -13.46 11.62
C THR B 291 -17.33 -12.00 11.59
N GLY B 292 -18.61 -11.68 11.85
CA GLY B 292 -19.16 -10.35 11.64
C GLY B 292 -18.69 -9.32 12.65
N GLU B 293 -18.51 -9.72 13.92
CA GLU B 293 -18.04 -8.78 14.93
C GLU B 293 -16.55 -8.75 15.11
N TYR B 294 -15.91 -9.90 15.09
CA TYR B 294 -14.46 -9.99 15.33
C TYR B 294 -13.52 -10.02 14.12
N LEU B 295 -14.01 -10.57 12.99
CA LEU B 295 -13.31 -10.72 11.71
C LEU B 295 -12.31 -11.91 11.79
N VAL B 296 -12.71 -13.07 11.29
CA VAL B 296 -11.89 -14.26 11.49
C VAL B 296 -10.60 -14.27 10.69
N GLY B 297 -10.56 -13.60 9.55
CA GLY B 297 -9.34 -13.58 8.77
C GLY B 297 -8.22 -12.86 9.49
N GLN B 298 -8.57 -11.81 10.23
CA GLN B 298 -7.61 -10.99 10.94
C GLN B 298 -6.83 -11.84 11.93
N TYR B 299 -7.45 -12.88 12.46
CA TYR B 299 -6.79 -13.69 13.50
C TYR B 299 -6.34 -15.05 12.98
N ALA B 300 -6.26 -15.17 11.64
CA ALA B 300 -5.76 -16.40 11.04
C ALA B 300 -4.35 -16.71 11.60
N ASN B 301 -4.11 -17.97 11.98
CA ASN B 301 -2.85 -18.38 12.55
C ASN B 301 -1.77 -18.54 11.46
N SER B 302 -0.50 -18.33 11.85
CA SER B 302 0.61 -18.80 11.02
C SER B 302 0.81 -20.30 11.23
N LEU B 303 0.69 -21.07 10.15
CA LEU B 303 0.64 -22.54 10.24
C LEU B 303 1.98 -23.22 10.03
N GLU B 304 2.43 -23.95 11.05
CA GLU B 304 3.78 -24.54 11.08
C GLU B 304 3.81 -25.86 10.29
N LEU B 305 4.83 -26.02 9.45
CA LEU B 305 4.91 -27.17 8.57
C LEU B 305 5.23 -28.41 9.39
N GLY B 306 4.49 -29.49 9.12
CA GLY B 306 4.69 -30.76 9.78
C GLY B 306 3.85 -30.84 11.03
N CYS B 307 3.30 -29.70 11.43
CA CYS B 307 2.47 -29.63 12.61
C CYS B 307 1.03 -29.40 12.19
N ASP B 308 0.79 -28.29 11.51
CA ASP B 308 -0.59 -27.91 11.18
C ASP B 308 -1.01 -28.49 9.83
N CYS B 309 -0.09 -28.51 8.88
CA CYS B 309 -0.34 -29.03 7.54
C CYS B 309 0.81 -29.98 7.22
N LEU B 310 0.48 -31.22 6.95
CA LEU B 310 1.47 -32.28 6.78
C LEU B 310 1.53 -32.65 5.31
N GLY B 311 2.71 -32.99 4.81
CA GLY B 311 2.84 -33.39 3.41
C GLY B 311 3.51 -32.30 2.59
N ASP B 312 3.26 -32.27 1.29
CA ASP B 312 3.90 -31.28 0.45
C ASP B 312 2.97 -30.09 0.38
N ILE B 313 3.31 -29.01 1.09
CA ILE B 313 2.38 -27.91 1.30
C ILE B 313 2.86 -26.67 0.55
N THR B 314 1.95 -26.06 -0.20
CA THR B 314 2.18 -24.76 -0.80
C THR B 314 1.40 -23.72 0.00
N TYR B 315 2.09 -22.73 0.48
CA TYR B 315 1.51 -21.72 1.36
C TYR B 315 1.18 -20.42 0.63
N LEU B 316 0.13 -19.77 1.09
CA LEU B 316 -0.07 -18.35 0.72
C LEU B 316 0.09 -17.58 2.01
N SER B 317 0.62 -16.37 1.88
CA SER B 317 0.78 -15.48 3.03
C SER B 317 0.03 -14.19 2.74
N PRO B 318 -1.27 -14.15 3.10
CA PRO B 318 -2.07 -13.02 2.67
C PRO B 318 -1.74 -11.75 3.45
N VAL B 319 -2.00 -10.60 2.82
CA VAL B 319 -1.70 -9.31 3.41
C VAL B 319 -3.03 -8.69 3.81
N ILE B 320 -3.05 -8.07 4.99
CA ILE B 320 -4.21 -7.34 5.49
C ILE B 320 -3.69 -5.97 5.96
N SER B 321 -4.59 -5.08 6.33
CA SER B 321 -4.19 -3.79 6.87
C SER B 321 -4.21 -3.79 8.39
N ASP B 322 -3.22 -3.17 9.03
CA ASP B 322 -3.35 -2.89 10.47
C ASP B 322 -4.26 -1.69 10.70
N ALA B 323 -4.40 -1.24 11.94
CA ALA B 323 -5.38 -0.19 12.21
C ALA B 323 -5.02 1.16 11.60
N PHE B 324 -3.80 1.30 11.08
CA PHE B 324 -3.36 2.59 10.56
C PHE B 324 -3.17 2.57 9.07
N GLY B 325 -3.47 1.43 8.43
CA GLY B 325 -3.33 1.35 6.99
C GLY B 325 -2.00 0.81 6.51
N ASN B 326 -1.14 0.32 7.42
CA ASN B 326 0.11 -0.32 6.98
C ASN B 326 -0.19 -1.79 6.70
N PRO B 327 0.37 -2.33 5.62
CA PRO B 327 0.19 -3.75 5.32
C PRO B 327 0.88 -4.66 6.35
N ARG B 328 0.24 -5.77 6.64
CA ARG B 328 0.90 -6.80 7.43
CA ARG B 328 0.78 -6.82 7.52
C ARG B 328 0.55 -8.14 6.82
N GLU B 329 1.54 -9.02 6.80
CA GLU B 329 1.33 -10.30 6.19
C GLU B 329 1.04 -11.30 7.28
N ILE B 330 0.18 -12.26 6.98
CA ILE B 330 -0.05 -13.41 7.84
C ILE B 330 0.79 -14.53 7.23
N ARG B 331 1.98 -14.74 7.78
CA ARG B 331 2.92 -15.64 7.15
C ARG B 331 2.40 -17.07 7.21
N ASN B 332 2.40 -17.78 6.09
CA ASN B 332 1.89 -19.17 6.06
C ASN B 332 0.50 -19.28 6.64
N GLY B 333 -0.34 -18.33 6.28
CA GLY B 333 -1.71 -18.32 6.77
C GLY B 333 -2.63 -19.28 6.05
N ILE B 334 -2.31 -19.67 4.82
CA ILE B 334 -3.20 -20.56 4.05
C ILE B 334 -2.41 -21.74 3.59
N CYS B 335 -2.89 -22.94 3.86
CA CYS B 335 -2.28 -24.15 3.37
C CYS B 335 -2.99 -24.63 2.13
N MET B 336 -2.23 -25.10 1.14
CA MET B 336 -2.79 -25.70 -0.04
C MET B 336 -2.06 -27.00 -0.29
N HIS B 337 -2.79 -28.10 -0.47
CA HIS B 337 -2.14 -29.37 -0.70
C HIS B 337 -3.14 -30.37 -1.23
N GLU B 338 -2.63 -31.43 -1.85
CA GLU B 338 -3.54 -32.53 -2.20
C GLU B 338 -3.32 -33.72 -1.30
N GLU B 339 -4.39 -34.46 -1.05
CA GLU B 339 -4.36 -35.57 -0.08
C GLU B 339 -4.92 -36.81 -0.78
N ASP B 340 -4.33 -37.96 -0.53
CA ASP B 340 -5.01 -39.22 -0.92
C ASP B 340 -6.35 -39.33 -0.21
N TRP B 341 -7.36 -39.87 -0.89
CA TRP B 341 -8.66 -40.01 -0.26
C TRP B 341 -9.27 -41.37 -0.53
N GLY B 342 -8.47 -42.40 -0.35
CA GLY B 342 -9.04 -43.76 -0.34
C GLY B 342 -9.47 -44.24 -1.71
N ILE B 343 -10.46 -45.14 -1.75
CA ILE B 343 -10.93 -45.69 -3.01
C ILE B 343 -11.90 -44.71 -3.70
N LEU B 344 -11.66 -44.46 -4.99
CA LEU B 344 -12.54 -43.65 -5.82
C LEU B 344 -13.65 -44.48 -6.42
N ALA B 345 -13.31 -45.60 -7.01
CA ALA B 345 -14.29 -46.49 -7.64
C ALA B 345 -13.70 -47.86 -7.70
N LYS B 346 -14.52 -48.88 -7.51
CA LYS B 346 -14.01 -50.24 -7.52
C LYS B 346 -15.10 -51.21 -7.95
N HIS B 347 -14.75 -52.17 -8.79
CA HIS B 347 -15.68 -53.27 -9.09
C HIS B 347 -14.93 -54.49 -9.57
N SER B 348 -15.32 -55.67 -9.07
CA SER B 348 -14.73 -56.93 -9.49
C SER B 348 -15.86 -57.67 -10.19
N ASP B 349 -15.79 -57.83 -11.50
CA ASP B 349 -16.94 -58.43 -12.19
C ASP B 349 -16.74 -59.88 -12.55
N LEU B 350 -17.68 -60.73 -12.12
CA LEU B 350 -17.55 -62.16 -12.43
C LEU B 350 -17.71 -62.52 -13.88
N TRP B 351 -18.58 -61.80 -14.56
CA TRP B 351 -18.92 -62.14 -15.92
C TRP B 351 -17.83 -61.69 -16.88
N SER B 352 -17.26 -60.51 -16.65
CA SER B 352 -16.26 -60.00 -17.57
C SER B 352 -14.83 -60.37 -17.18
N GLY B 353 -14.65 -60.73 -15.91
CA GLY B 353 -13.34 -61.10 -15.42
C GLY B 353 -12.48 -59.89 -15.12
N ILE B 354 -13.02 -58.71 -15.30
CA ILE B 354 -12.25 -57.50 -15.08
C ILE B 354 -12.35 -57.05 -13.64
N ASN B 355 -11.20 -56.85 -13.01
CA ASN B 355 -11.13 -56.28 -11.68
C ASN B 355 -10.50 -54.90 -11.79
N TYR B 356 -11.18 -53.91 -11.21
CA TYR B 356 -10.83 -52.53 -11.43
C TYR B 356 -10.85 -51.82 -10.10
N THR B 357 -9.79 -51.05 -9.81
CA THR B 357 -9.80 -50.24 -8.61
C THR B 357 -9.09 -48.93 -8.92
N ARG B 358 -9.61 -47.81 -8.45
CA ARG B 358 -8.96 -46.51 -8.62
C ARG B 358 -8.97 -45.76 -7.32
N ARG B 359 -7.95 -44.91 -7.08
CA ARG B 359 -7.90 -44.12 -5.86
C ARG B 359 -8.38 -42.70 -6.05
N ASN B 360 -9.02 -42.16 -5.02
CA ASN B 360 -9.46 -40.78 -4.99
C ASN B 360 -8.35 -39.90 -4.38
N ARG B 361 -8.45 -38.61 -4.65
CA ARG B 361 -7.68 -37.61 -3.95
C ARG B 361 -8.51 -36.32 -3.85
N ARG B 362 -8.09 -35.40 -2.99
CA ARG B 362 -8.76 -34.12 -2.85
C ARG B 362 -7.75 -33.01 -2.70
N MET B 363 -8.10 -31.86 -3.28
CA MET B 363 -7.35 -30.64 -3.08
C MET B 363 -7.91 -29.95 -1.87
N VAL B 364 -7.02 -29.53 -0.97
CA VAL B 364 -7.39 -28.92 0.27
C VAL B 364 -6.94 -27.46 0.31
N ILE B 365 -7.83 -26.54 0.67
CA ILE B 365 -7.41 -25.16 0.85
C ILE B 365 -7.90 -24.75 2.23
N SER B 366 -6.98 -24.45 3.14
CA SER B 366 -7.41 -24.26 4.55
C SER B 366 -6.74 -23.15 5.29
N PHE B 367 -7.35 -22.70 6.37
CA PHE B 367 -6.70 -21.79 7.30
C PHE B 367 -7.23 -22.11 8.68
N PHE B 368 -6.57 -21.61 9.71
CA PHE B 368 -7.09 -21.80 11.08
C PHE B 368 -7.09 -20.44 11.73
N THR B 369 -8.09 -20.18 12.57
CA THR B 369 -8.19 -18.87 13.21
C THR B 369 -8.47 -19.04 14.70
N THR B 370 -8.28 -17.99 15.48
CA THR B 370 -8.44 -18.06 16.95
C THR B 370 -9.22 -16.83 17.36
N ILE B 371 -10.32 -17.06 18.05
CA ILE B 371 -11.13 -15.94 18.49
C ILE B 371 -11.31 -16.22 19.98
N GLY B 372 -10.51 -15.52 20.79
CA GLY B 372 -10.58 -15.74 22.23
C GLY B 372 -10.26 -17.15 22.65
N ASN B 373 -11.25 -17.84 23.22
CA ASN B 373 -11.06 -19.23 23.58
C ASN B 373 -11.21 -20.22 22.39
N TPQ B 374 -11.86 -19.83 21.27
CA TPQ B 374 -12.18 -20.78 20.19
CB TPQ B 374 -13.45 -20.54 19.31
C TPQ B 374 -11.07 -20.80 19.20
O TPQ B 374 -10.40 -19.79 19.01
C1 TPQ B 374 -14.64 -19.98 20.04
C2 TPQ B 374 -15.36 -20.88 20.98
O2 TPQ B 374 -14.98 -22.05 21.13
C3 TPQ B 374 -16.53 -20.38 21.72
C4 TPQ B 374 -16.96 -18.97 21.51
O4 TPQ B 374 -18.05 -18.46 22.17
C5 TPQ B 374 -16.23 -18.08 20.56
O5 TPQ B 374 -16.60 -16.93 20.38
C6 TPQ B 374 -15.07 -18.59 19.82
N ASP B 375 -10.82 -21.97 18.61
CA ASP B 375 -9.93 -21.99 17.43
C ASP B 375 -10.63 -22.84 16.42
N TYR B 376 -10.68 -22.37 15.17
CA TYR B 376 -11.45 -23.11 14.18
C TYR B 376 -10.62 -23.28 12.95
N GLY B 377 -10.68 -24.48 12.37
CA GLY B 377 -10.09 -24.70 11.08
C GLY B 377 -11.19 -24.69 10.05
N PHE B 378 -10.94 -23.95 8.95
CA PHE B 378 -11.89 -23.88 7.83
C PHE B 378 -11.24 -24.59 6.64
N TYR B 379 -11.84 -25.67 6.15
CA TYR B 379 -11.24 -26.45 5.08
C TYR B 379 -12.17 -26.50 3.91
N TRP B 380 -11.71 -26.16 2.72
CA TRP B 380 -12.45 -26.44 1.49
C TRP B 380 -11.76 -27.59 0.77
N TYR B 381 -12.57 -28.52 0.24
CA TYR B 381 -12.08 -29.70 -0.46
C TYR B 381 -12.68 -29.76 -1.84
N LEU B 382 -11.84 -30.09 -2.83
CA LEU B 382 -12.31 -30.39 -4.19
C LEU B 382 -11.90 -31.82 -4.46
N TYR B 383 -12.84 -32.64 -4.89
CA TYR B 383 -12.58 -34.06 -5.16
C TYR B 383 -12.50 -34.38 -6.63
N LEU B 384 -11.81 -35.47 -6.97
CA LEU B 384 -11.69 -35.83 -8.39
C LEU B 384 -13.02 -35.95 -9.09
N ASP B 385 -14.02 -36.43 -8.36
CA ASP B 385 -15.29 -36.72 -9.00
C ASP B 385 -16.22 -35.52 -9.13
N GLY B 386 -15.74 -34.32 -8.82
CA GLY B 386 -16.54 -33.12 -8.92
C GLY B 386 -17.22 -32.71 -7.64
N THR B 387 -17.13 -33.52 -6.56
CA THR B 387 -17.70 -33.09 -5.28
C THR B 387 -16.94 -31.90 -4.68
N ILE B 388 -17.67 -30.97 -4.08
CA ILE B 388 -17.08 -29.78 -3.43
C ILE B 388 -17.51 -29.89 -1.98
N GLU B 389 -16.60 -29.75 -1.01
CA GLU B 389 -17.03 -29.90 0.40
C GLU B 389 -16.41 -28.81 1.24
N PHE B 390 -17.10 -28.40 2.28
CA PHE B 390 -16.53 -27.55 3.28
C PHE B 390 -16.60 -28.29 4.62
N GLU B 391 -15.56 -28.14 5.44
CA GLU B 391 -15.56 -28.70 6.78
C GLU B 391 -15.03 -27.66 7.73
N ALA B 392 -15.72 -27.42 8.84
CA ALA B 392 -15.18 -26.68 9.96
C ALA B 392 -14.71 -27.63 11.05
N LYS B 393 -13.54 -27.36 11.62
CA LYS B 393 -12.99 -28.14 12.73
C LYS B 393 -12.94 -27.20 13.94
N ALA B 394 -13.81 -27.47 14.93
CA ALA B 394 -13.91 -26.62 16.13
C ALA B 394 -13.08 -27.19 17.24
N THR B 395 -12.20 -26.38 17.81
CA THR B 395 -11.38 -26.79 18.94
C THR B 395 -11.10 -25.55 19.79
N GLY B 396 -10.01 -25.55 20.54
CA GLY B 396 -9.81 -24.45 21.50
C GLY B 396 -10.05 -24.94 22.94
N VAL B 397 -10.36 -23.97 23.78
CA VAL B 397 -10.74 -24.23 25.17
C VAL B 397 -12.20 -23.81 25.30
N VAL B 398 -13.03 -24.61 25.98
CA VAL B 398 -14.42 -24.21 26.08
CA VAL B 398 -14.43 -24.28 26.20
C VAL B 398 -14.60 -22.97 27.00
N PHE B 399 -15.62 -22.18 26.71
CA PHE B 399 -15.89 -20.97 27.49
C PHE B 399 -16.55 -21.47 28.77
N THR B 400 -16.03 -21.03 29.92
CA THR B 400 -16.40 -21.63 31.19
C THR B 400 -17.17 -20.68 32.09
N SER B 401 -17.72 -21.26 33.17
CA SER B 401 -18.51 -20.56 34.16
C SER B 401 -18.33 -21.35 35.43
N ALA B 402 -19.05 -20.97 36.49
CA ALA B 402 -19.07 -21.86 37.63
C ALA B 402 -20.06 -22.99 37.33
N PHE B 403 -19.91 -24.14 37.97
CA PHE B 403 -20.99 -25.14 37.90
C PHE B 403 -21.83 -24.99 39.12
N PRO B 404 -23.14 -24.71 38.96
CA PRO B 404 -24.00 -24.43 40.13
C PRO B 404 -24.08 -25.65 41.02
N GLU B 405 -24.12 -25.38 42.31
CA GLU B 405 -24.09 -26.41 43.34
C GLU B 405 -25.26 -27.40 43.18
N GLY B 406 -26.42 -26.91 42.78
CA GLY B 406 -27.51 -27.85 42.53
C GLY B 406 -27.59 -28.51 41.16
N GLY B 407 -26.55 -28.42 40.35
CA GLY B 407 -26.62 -28.86 38.95
C GLY B 407 -27.25 -27.79 38.07
N SER B 408 -27.43 -28.06 36.78
CA SER B 408 -27.94 -27.03 35.89
C SER B 408 -28.56 -27.62 34.64
N ASP B 409 -29.64 -27.02 34.15
CA ASP B 409 -30.24 -27.38 32.88
C ASP B 409 -29.54 -26.73 31.71
N ASN B 410 -28.55 -25.87 31.95
CA ASN B 410 -28.02 -25.05 30.86
C ASN B 410 -26.50 -24.98 30.86
N ILE B 411 -25.88 -25.77 31.73
CA ILE B 411 -24.44 -25.74 31.90
C ILE B 411 -24.01 -27.16 32.23
N SER B 412 -22.88 -27.63 31.68
CA SER B 412 -22.39 -28.98 32.06
C SER B 412 -21.15 -28.89 32.94
N GLN B 413 -20.89 -29.93 33.74
CA GLN B 413 -19.72 -29.89 34.62
C GLN B 413 -18.47 -30.47 33.95
N LEU B 414 -17.35 -29.78 34.08
CA LEU B 414 -16.08 -30.15 33.46
C LEU B 414 -15.02 -30.61 34.43
N ALA B 415 -15.06 -30.05 35.63
CA ALA B 415 -14.10 -30.30 36.70
C ALA B 415 -14.78 -29.81 37.98
N PRO B 416 -14.24 -30.13 39.15
CA PRO B 416 -14.95 -29.75 40.37
C PRO B 416 -15.26 -28.26 40.42
N GLY B 417 -16.55 -27.90 40.42
CA GLY B 417 -16.92 -26.51 40.48
C GLY B 417 -16.92 -25.77 39.14
N LEU B 418 -16.38 -26.41 38.09
CA LEU B 418 -16.17 -25.76 36.79
C LEU B 418 -17.25 -26.15 35.77
N GLY B 419 -17.94 -25.14 35.25
CA GLY B 419 -19.04 -25.37 34.30
C GLY B 419 -18.71 -24.89 32.91
N ALA B 420 -19.47 -25.42 31.98
CA ALA B 420 -19.40 -24.98 30.58
C ALA B 420 -20.81 -24.68 30.08
N PRO B 421 -21.15 -23.41 29.88
CA PRO B 421 -22.50 -23.12 29.39
C PRO B 421 -22.74 -23.69 27.98
N PHE B 422 -23.93 -24.20 27.78
CA PHE B 422 -24.30 -24.76 26.49
C PHE B 422 -24.29 -23.63 25.45
N HIS B 423 -24.03 -24.00 24.21
CA HIS B 423 -23.93 -23.02 23.14
C HIS B 423 -23.97 -23.72 21.81
N GLN B 424 -24.18 -22.95 20.73
CA GLN B 424 -24.04 -23.51 19.39
C GLN B 424 -22.95 -22.78 18.63
N HIS B 425 -22.38 -23.41 17.59
CA HIS B 425 -21.48 -22.70 16.68
C HIS B 425 -22.15 -22.78 15.31
N ILE B 426 -22.66 -21.67 14.79
CA ILE B 426 -23.50 -21.75 13.60
C ILE B 426 -22.93 -20.89 12.47
N PHE B 427 -22.67 -21.55 11.35
CA PHE B 427 -22.04 -20.99 10.19
C PHE B 427 -23.06 -20.68 9.12
N SER B 428 -22.75 -19.70 8.26
CA SER B 428 -23.50 -19.44 7.02
C SER B 428 -22.57 -19.49 5.85
N ALA B 429 -22.75 -20.47 4.96
CA ALA B 429 -21.96 -20.48 3.74
C ALA B 429 -22.73 -19.74 2.68
N ARG B 430 -22.10 -18.73 2.12
CA ARG B 430 -22.69 -17.98 1.03
C ARG B 430 -22.11 -18.51 -0.29
N LEU B 431 -22.98 -19.13 -1.10
CA LEU B 431 -22.54 -19.72 -2.34
C LEU B 431 -23.21 -18.97 -3.47
N ASP B 432 -22.47 -18.04 -4.09
CA ASP B 432 -22.94 -17.35 -5.30
C ASP B 432 -22.78 -18.33 -6.41
N MET B 433 -23.92 -18.88 -6.89
CA MET B 433 -23.87 -20.05 -7.76
C MET B 433 -23.61 -19.63 -9.19
N ALA B 434 -23.02 -20.54 -9.96
CA ALA B 434 -22.83 -20.30 -11.39
C ALA B 434 -22.78 -21.64 -12.10
N ILE B 435 -23.82 -22.46 -11.93
CA ILE B 435 -23.85 -23.79 -12.53
C ILE B 435 -23.90 -23.61 -14.04
N ASP B 436 -22.81 -23.94 -14.74
CA ASP B 436 -22.72 -23.72 -16.19
C ASP B 436 -23.02 -22.27 -16.60
N GLY B 437 -22.74 -21.33 -15.72
CA GLY B 437 -23.03 -19.93 -15.95
C GLY B 437 -24.06 -19.42 -14.97
N PHE B 438 -24.55 -18.20 -15.18
CA PHE B 438 -25.31 -17.57 -14.12
C PHE B 438 -26.80 -17.83 -14.11
N THR B 439 -27.35 -18.43 -15.17
CA THR B 439 -28.79 -18.66 -15.22
C THR B 439 -29.13 -19.91 -14.43
N ASN B 440 -29.49 -19.75 -13.16
CA ASN B 440 -29.62 -20.89 -12.27
C ASN B 440 -30.97 -20.89 -11.55
N ARG B 441 -31.38 -22.05 -11.03
CA ARG B 441 -32.51 -22.11 -10.14
C ARG B 441 -32.30 -23.19 -9.11
N VAL B 442 -33.08 -23.14 -8.03
CA VAL B 442 -32.98 -24.12 -6.95
C VAL B 442 -34.28 -24.90 -6.83
N GLU B 443 -34.13 -26.20 -6.67
CA GLU B 443 -35.27 -27.08 -6.39
C GLU B 443 -35.05 -27.77 -5.07
N GLU B 444 -36.10 -27.92 -4.30
CA GLU B 444 -36.00 -28.71 -3.08
C GLU B 444 -36.44 -30.12 -3.44
N GLU B 445 -35.60 -31.11 -3.11
CA GLU B 445 -35.95 -32.49 -3.46
C GLU B 445 -36.19 -33.29 -2.20
N ASP B 446 -37.37 -33.93 -2.12
CA ASP B 446 -37.65 -34.85 -1.03
C ASP B 446 -37.89 -36.23 -1.58
N VAL B 447 -37.55 -37.26 -0.79
CA VAL B 447 -38.03 -38.60 -1.10
C VAL B 447 -39.55 -38.62 -0.96
N VAL B 448 -40.19 -39.47 -1.77
CA VAL B 448 -41.66 -39.58 -1.73
C VAL B 448 -42.02 -41.03 -1.44
N ARG B 449 -42.63 -41.27 -0.29
CA ARG B 449 -43.19 -42.59 0.00
C ARG B 449 -44.47 -42.84 -0.75
N GLN B 450 -44.70 -44.11 -1.11
CA GLN B 450 -45.88 -44.48 -1.87
C GLN B 450 -46.70 -45.53 -1.11
N THR B 451 -48.02 -45.40 -1.19
CA THR B 451 -48.90 -46.38 -0.58
C THR B 451 -49.03 -47.65 -1.39
N MET B 452 -49.00 -48.79 -0.71
CA MET B 452 -49.32 -50.08 -1.32
C MET B 452 -50.77 -50.09 -1.87
N GLY B 453 -50.93 -50.48 -3.13
CA GLY B 453 -52.25 -50.45 -3.75
C GLY B 453 -52.07 -50.52 -5.26
N PRO B 454 -53.06 -50.09 -6.02
CA PRO B 454 -52.88 -50.22 -7.47
C PRO B 454 -51.70 -49.46 -8.04
N GLY B 455 -50.93 -50.12 -8.90
CA GLY B 455 -49.73 -49.51 -9.46
C GLY B 455 -48.53 -49.77 -8.58
N ASN B 456 -48.76 -50.41 -7.43
CA ASN B 456 -47.72 -50.64 -6.41
C ASN B 456 -48.18 -51.80 -5.52
N GLU B 457 -48.62 -52.87 -6.13
CA GLU B 457 -49.30 -53.91 -5.35
C GLU B 457 -48.40 -54.60 -4.33
N ARG B 458 -47.08 -54.53 -4.52
CA ARG B 458 -46.20 -55.15 -3.54
C ARG B 458 -45.71 -54.15 -2.48
N GLY B 459 -46.07 -52.88 -2.65
CA GLY B 459 -45.77 -51.88 -1.64
C GLY B 459 -44.29 -51.58 -1.50
N ASN B 460 -43.56 -51.68 -2.60
CA ASN B 460 -42.13 -51.45 -2.59
C ASN B 460 -41.74 -50.12 -3.20
N ALA B 461 -42.61 -49.52 -4.00
CA ALA B 461 -42.22 -48.35 -4.75
C ALA B 461 -41.85 -47.18 -3.84
N PHE B 462 -40.84 -46.41 -4.22
CA PHE B 462 -40.67 -45.06 -3.67
C PHE B 462 -40.12 -44.16 -4.75
N SER B 463 -40.29 -42.84 -4.54
CA SER B 463 -40.01 -41.86 -5.57
C SER B 463 -39.33 -40.63 -4.99
N ARG B 464 -39.34 -39.55 -5.76
CA ARG B 464 -38.71 -38.29 -5.39
C ARG B 464 -39.60 -37.20 -5.94
N LYS B 465 -39.58 -36.04 -5.29
CA LYS B 465 -40.23 -34.89 -5.89
C LYS B 465 -39.32 -33.68 -5.83
N ARG B 466 -39.46 -32.78 -6.80
CA ARG B 466 -38.62 -31.59 -6.81
C ARG B 466 -39.52 -30.38 -6.95
N THR B 467 -39.32 -29.39 -6.09
CA THR B 467 -40.17 -28.20 -6.11
C THR B 467 -39.28 -26.97 -6.39
N VAL B 468 -39.58 -26.27 -7.47
CA VAL B 468 -38.79 -25.08 -7.81
C VAL B 468 -39.10 -23.95 -6.86
N LEU B 469 -38.03 -23.31 -6.38
CA LEU B 469 -38.19 -22.09 -5.59
C LEU B 469 -38.22 -20.94 -6.59
N THR B 470 -39.37 -20.31 -6.77
CA THR B 470 -39.49 -19.38 -7.90
C THR B 470 -39.21 -17.93 -7.53
N ARG B 471 -39.47 -17.57 -6.27
CA ARG B 471 -39.25 -16.21 -5.81
CA ARG B 471 -39.25 -16.19 -5.81
C ARG B 471 -38.68 -16.20 -4.41
N GLU B 472 -38.03 -15.10 -4.02
CA GLU B 472 -37.42 -15.12 -2.68
C GLU B 472 -38.40 -15.39 -1.54
N SER B 473 -39.66 -14.95 -1.66
CA SER B 473 -40.62 -15.20 -0.59
C SER B 473 -40.87 -16.70 -0.34
N GLU B 474 -40.52 -17.54 -1.31
CA GLU B 474 -40.68 -18.99 -1.14
C GLU B 474 -39.37 -19.69 -0.88
N ALA B 475 -38.30 -18.94 -0.67
CA ALA B 475 -36.97 -19.54 -0.73
C ALA B 475 -36.27 -19.62 0.60
N VAL B 476 -37.05 -19.63 1.66
CA VAL B 476 -36.50 -19.79 3.00
C VAL B 476 -36.92 -21.17 3.45
N ARG B 477 -35.96 -22.09 3.50
CA ARG B 477 -36.29 -23.52 3.65
C ARG B 477 -35.65 -24.16 4.88
N GLU B 478 -36.30 -25.22 5.36
CA GLU B 478 -35.78 -25.95 6.49
C GLU B 478 -35.45 -27.35 6.05
N ALA B 479 -34.58 -27.95 6.85
CA ALA B 479 -34.21 -29.37 6.67
C ALA B 479 -35.40 -30.31 6.89
N ASP B 480 -35.29 -31.48 6.29
CA ASP B 480 -36.19 -32.60 6.59
C ASP B 480 -35.40 -33.88 6.39
N ALA B 481 -34.65 -34.27 7.43
CA ALA B 481 -33.71 -35.40 7.28
C ALA B 481 -34.53 -36.67 7.04
N ARG B 482 -35.69 -36.78 7.68
CA ARG B 482 -36.54 -37.96 7.63
C ARG B 482 -36.95 -38.27 6.16
N THR B 483 -37.14 -37.22 5.35
CA THR B 483 -37.53 -37.39 3.95
C THR B 483 -36.35 -37.12 3.05
N GLY B 484 -35.13 -37.19 3.57
CA GLY B 484 -33.97 -37.11 2.71
C GLY B 484 -33.83 -35.82 1.93
N ARG B 485 -34.27 -34.71 2.55
CA ARG B 485 -34.38 -33.46 1.79
C ARG B 485 -33.00 -32.89 1.39
N THR B 486 -32.90 -32.53 0.13
CA THR B 486 -31.66 -31.88 -0.40
C THR B 486 -32.11 -30.73 -1.28
N TRP B 487 -31.17 -29.95 -1.78
CA TRP B 487 -31.47 -28.85 -2.68
C TRP B 487 -30.59 -28.93 -3.90
N ILE B 488 -31.18 -28.83 -5.09
CA ILE B 488 -30.44 -28.97 -6.34
C ILE B 488 -30.34 -27.62 -6.99
N ILE B 489 -29.13 -27.20 -7.33
CA ILE B 489 -28.98 -25.98 -8.11
C ILE B 489 -28.74 -26.40 -9.53
N SER B 490 -29.59 -25.94 -10.45
CA SER B 490 -29.46 -26.36 -11.85
C SER B 490 -29.41 -25.16 -12.79
N ASN B 491 -29.09 -25.41 -14.06
CA ASN B 491 -29.15 -24.39 -15.06
C ASN B 491 -30.23 -24.82 -16.04
N PRO B 492 -31.38 -24.14 -16.02
CA PRO B 492 -32.47 -24.66 -16.87
C PRO B 492 -32.17 -24.49 -18.36
N GLU B 493 -31.16 -23.70 -18.72
CA GLU B 493 -30.78 -23.54 -20.12
C GLU B 493 -29.61 -24.40 -20.56
N SER B 494 -29.09 -25.22 -19.66
CA SER B 494 -27.96 -26.03 -20.02
C SER B 494 -28.29 -27.49 -19.73
N LYS B 495 -28.39 -28.29 -20.78
CA LYS B 495 -28.82 -29.68 -20.65
C LYS B 495 -27.67 -30.63 -20.89
N ASN B 496 -27.66 -31.73 -20.14
CA ASN B 496 -26.72 -32.80 -20.43
C ASN B 496 -27.16 -33.61 -21.63
N ARG B 497 -26.38 -34.63 -22.00
CA ARG B 497 -26.67 -35.36 -23.22
C ARG B 497 -27.97 -36.14 -23.15
N LEU B 498 -28.52 -36.28 -21.95
CA LEU B 498 -29.80 -36.98 -21.80
C LEU B 498 -30.99 -36.03 -21.74
N ASN B 499 -30.74 -34.78 -22.11
CA ASN B 499 -31.74 -33.71 -22.15
C ASN B 499 -32.29 -33.33 -20.77
N GLU B 500 -31.49 -33.52 -19.73
CA GLU B 500 -31.88 -33.09 -18.37
C GLU B 500 -31.01 -31.88 -17.98
N PRO B 501 -31.58 -30.89 -17.28
CA PRO B 501 -30.77 -29.73 -16.86
C PRO B 501 -29.61 -30.17 -15.96
N VAL B 502 -28.44 -29.60 -16.25
CA VAL B 502 -27.27 -29.90 -15.41
C VAL B 502 -27.46 -29.34 -14.02
N GLY B 503 -26.95 -30.04 -13.00
CA GLY B 503 -27.16 -29.55 -11.65
C GLY B 503 -26.11 -30.03 -10.69
N TYR B 504 -26.18 -29.49 -9.46
CA TYR B 504 -25.37 -29.92 -8.33
C TYR B 504 -26.33 -30.02 -7.17
N LYS B 505 -26.13 -31.02 -6.32
CA LYS B 505 -27.02 -31.26 -5.18
C LYS B 505 -26.29 -30.95 -3.88
N LEU B 506 -26.90 -30.09 -3.07
CA LEU B 506 -26.39 -29.74 -1.74
C LEU B 506 -26.87 -30.75 -0.73
N HIS B 507 -25.92 -31.45 -0.09
CA HIS B 507 -26.14 -32.39 0.99
C HIS B 507 -25.76 -31.73 2.27
N ALA B 508 -26.76 -31.43 3.09
CA ALA B 508 -26.52 -30.89 4.41
C ALA B 508 -26.41 -31.97 5.45
N HIS B 509 -25.88 -31.58 6.61
CA HIS B 509 -25.75 -32.53 7.75
C HIS B 509 -27.02 -32.62 8.58
N ASN B 510 -27.90 -31.65 8.37
CA ASN B 510 -29.16 -31.55 9.09
C ASN B 510 -29.00 -31.51 10.61
N GLN B 511 -28.04 -30.72 11.07
CA GLN B 511 -27.89 -30.45 12.49
C GLN B 511 -28.91 -29.40 12.90
N PRO B 512 -29.20 -29.33 14.20
CA PRO B 512 -30.19 -28.34 14.67
C PRO B 512 -29.78 -26.93 14.26
N THR B 513 -30.76 -26.11 13.94
CA THR B 513 -30.53 -24.69 13.70
C THR B 513 -30.66 -23.90 15.02
N LEU B 514 -30.81 -22.57 14.93
CA LEU B 514 -30.72 -21.74 16.14
C LEU B 514 -31.79 -22.12 17.15
N LEU B 515 -31.37 -22.39 18.38
CA LEU B 515 -32.37 -22.87 19.34
C LEU B 515 -33.12 -21.78 20.15
N ALA B 516 -32.53 -20.60 20.24
CA ALA B 516 -33.18 -19.48 20.93
C ALA B 516 -34.62 -19.27 20.57
N ASP B 517 -35.38 -18.72 21.53
CA ASP B 517 -36.78 -18.40 21.32
C ASP B 517 -36.85 -17.44 20.12
N PRO B 518 -37.84 -17.62 19.22
CA PRO B 518 -37.87 -16.77 18.03
C PRO B 518 -38.08 -15.26 18.30
N GLY B 519 -38.48 -14.89 19.51
CA GLY B 519 -38.64 -13.48 19.86
C GLY B 519 -37.39 -12.88 20.51
N SER B 520 -36.31 -13.68 20.62
CA SER B 520 -35.10 -13.16 21.23
C SER B 520 -34.35 -12.20 20.35
N SER B 521 -33.49 -11.42 20.99
CA SER B 521 -32.55 -10.57 20.27
C SER B 521 -31.68 -11.37 19.29
N ILE B 522 -31.13 -12.49 19.77
CA ILE B 522 -30.27 -13.26 18.87
C ILE B 522 -31.05 -13.83 17.68
N ALA B 523 -32.27 -14.26 17.85
CA ALA B 523 -33.05 -14.69 16.70
C ALA B 523 -33.24 -13.59 15.67
N ARG B 524 -33.29 -12.32 16.13
CA ARG B 524 -33.55 -11.22 15.22
C ARG B 524 -32.25 -10.79 14.53
N ARG B 525 -31.15 -10.86 15.27
CA ARG B 525 -29.83 -10.45 14.78
C ARG B 525 -29.13 -11.53 13.98
N ALA B 526 -29.49 -12.77 14.26
CA ALA B 526 -28.90 -13.91 13.54
C ALA B 526 -30.07 -14.69 12.95
N ALA B 527 -30.97 -13.96 12.30
CA ALA B 527 -32.13 -14.59 11.69
C ALA B 527 -31.73 -15.69 10.69
N PHE B 528 -30.63 -15.50 9.98
CA PHE B 528 -30.16 -16.52 9.06
C PHE B 528 -30.05 -17.89 9.70
N ALA B 529 -29.71 -17.89 10.98
CA ALA B 529 -29.39 -19.12 11.67
C ALA B 529 -30.62 -19.94 12.02
N THR B 530 -31.80 -19.34 11.85
CA THR B 530 -33.07 -20.00 12.15
C THR B 530 -33.59 -20.93 11.06
N LYS B 531 -32.97 -20.88 9.87
CA LYS B 531 -33.40 -21.72 8.76
C LYS B 531 -32.20 -22.30 8.04
N ASP B 532 -32.33 -23.48 7.43
CA ASP B 532 -31.16 -24.14 6.86
C ASP B 532 -30.75 -23.59 5.51
N LEU B 533 -31.69 -23.10 4.72
CA LEU B 533 -31.38 -22.73 3.37
C LEU B 533 -32.11 -21.48 2.91
N TRP B 534 -31.38 -20.49 2.40
CA TRP B 534 -32.00 -19.31 1.85
C TRP B 534 -31.49 -19.16 0.43
N VAL B 535 -32.35 -18.66 -0.46
CA VAL B 535 -31.91 -18.34 -1.82
C VAL B 535 -32.29 -16.90 -2.10
N THR B 536 -31.29 -16.10 -2.48
CA THR B 536 -31.55 -14.73 -2.91
C THR B 536 -31.11 -14.47 -4.35
N ARG B 537 -31.63 -13.38 -4.90
CA ARG B 537 -31.17 -12.89 -6.16
C ARG B 537 -29.90 -12.11 -5.89
N TYR B 538 -28.84 -12.35 -6.69
CA TYR B 538 -27.58 -11.67 -6.53
C TYR B 538 -27.70 -10.14 -6.52
N ALA B 539 -27.01 -9.52 -5.58
CA ALA B 539 -26.86 -8.07 -5.59
C ALA B 539 -25.52 -7.78 -4.97
N ASP B 540 -24.81 -6.80 -5.56
N ASP B 540 -24.76 -6.84 -5.55
CA ASP B 540 -23.43 -6.47 -5.18
CA ASP B 540 -23.39 -6.67 -5.10
C ASP B 540 -23.30 -6.18 -3.69
C ASP B 540 -23.25 -6.15 -3.66
N ASP B 541 -24.29 -5.49 -3.15
CA ASP B 541 -24.22 -5.05 -1.77
C ASP B 541 -24.82 -6.04 -0.78
N GLU B 542 -25.23 -7.23 -1.25
CA GLU B 542 -25.78 -8.19 -0.29
C GLU B 542 -24.72 -9.24 -0.01
N ARG B 543 -23.88 -8.98 0.99
CA ARG B 543 -22.65 -9.73 1.16
C ARG B 543 -22.72 -10.66 2.37
N TYR B 544 -23.39 -10.22 3.42
CA TYR B 544 -23.36 -10.98 4.69
C TYR B 544 -24.78 -11.24 5.16
N PRO B 545 -25.03 -12.41 5.74
CA PRO B 545 -26.43 -12.75 6.08
C PRO B 545 -26.93 -11.95 7.27
N THR B 546 -26.02 -11.25 7.93
CA THR B 546 -26.31 -10.46 9.11
C THR B 546 -26.12 -8.98 8.84
N GLY B 547 -25.85 -8.63 7.58
CA GLY B 547 -25.63 -7.21 7.28
C GLY B 547 -24.19 -6.76 7.43
N ASP B 548 -23.90 -5.51 7.10
CA ASP B 548 -22.50 -5.04 7.05
C ASP B 548 -21.92 -4.75 8.41
N PHE B 549 -22.73 -4.16 9.29
CA PHE B 549 -22.24 -3.75 10.61
C PHE B 549 -23.01 -4.52 11.66
N VAL B 550 -22.47 -5.64 12.09
CA VAL B 550 -23.24 -6.54 12.95
C VAL B 550 -23.17 -6.14 14.43
N ASN B 551 -22.06 -5.55 14.83
CA ASN B 551 -21.83 -5.21 16.22
C ASN B 551 -22.90 -4.24 16.72
N GLN B 552 -23.65 -4.64 17.75
CA GLN B 552 -24.69 -3.80 18.37
C GLN B 552 -25.74 -3.32 17.39
N HIS B 553 -25.99 -4.09 16.32
CA HIS B 553 -27.10 -3.77 15.43
C HIS B 553 -28.37 -4.39 16.04
N SER B 554 -29.44 -3.63 16.08
N SER B 554 -29.48 -3.68 16.01
CA SER B 554 -30.70 -4.20 16.50
CA SER B 554 -30.67 -4.09 16.78
C SER B 554 -31.16 -5.08 15.34
C SER B 554 -31.42 -5.29 16.19
N GLY B 555 -32.12 -5.96 15.55
N GLY B 555 -31.21 -5.59 14.91
CA GLY B 555 -32.39 -7.03 14.60
CA GLY B 555 -31.86 -6.74 14.32
C GLY B 555 -32.73 -6.66 13.15
C GLY B 555 -32.49 -6.56 12.95
N GLY B 556 -32.77 -7.66 12.28
CA GLY B 556 -33.44 -7.59 10.98
C GLY B 556 -32.55 -7.34 9.78
N ALA B 557 -31.27 -7.06 10.03
CA ALA B 557 -30.36 -6.78 8.92
C ALA B 557 -30.01 -8.05 8.18
N GLY B 558 -29.58 -7.90 6.93
CA GLY B 558 -29.10 -9.08 6.24
C GLY B 558 -30.28 -9.82 5.63
N LEU B 559 -30.24 -11.14 5.68
CA LEU B 559 -31.15 -11.98 4.89
C LEU B 559 -32.65 -11.67 5.03
N PRO B 560 -33.16 -11.45 6.24
CA PRO B 560 -34.60 -11.22 6.22
C PRO B 560 -34.96 -9.95 5.45
N SER B 561 -34.06 -8.97 5.43
CA SER B 561 -34.31 -7.76 4.65
C SER B 561 -34.07 -7.98 3.15
N TYR B 562 -33.05 -8.76 2.77
CA TYR B 562 -32.87 -9.08 1.35
C TYR B 562 -34.07 -9.84 0.78
N ILE B 563 -34.51 -10.86 1.52
CA ILE B 563 -35.55 -11.77 1.04
C ILE B 563 -36.85 -11.01 0.87
N ALA B 564 -36.99 -9.90 1.59
CA ALA B 564 -38.21 -9.13 1.55
C ALA B 564 -38.50 -8.49 0.19
N GLN B 565 -37.47 -8.40 -0.64
CA GLN B 565 -37.61 -7.84 -1.98
C GLN B 565 -38.35 -8.80 -2.92
N ASP B 566 -38.48 -10.07 -2.52
CA ASP B 566 -39.30 -11.05 -3.25
C ASP B 566 -38.96 -11.10 -4.74
N ARG B 567 -37.67 -11.18 -5.01
CA ARG B 567 -37.21 -11.12 -6.40
C ARG B 567 -37.31 -12.48 -7.11
N ASP B 568 -37.41 -12.43 -8.43
CA ASP B 568 -37.39 -13.66 -9.24
C ASP B 568 -36.07 -14.40 -9.10
N ILE B 569 -36.13 -15.68 -8.73
CA ILE B 569 -34.93 -16.50 -8.64
C ILE B 569 -35.01 -17.73 -9.54
N ASP B 570 -35.94 -17.71 -10.49
CA ASP B 570 -36.19 -18.88 -11.32
C ASP B 570 -35.47 -18.69 -12.63
N GLY B 571 -34.21 -19.15 -12.69
CA GLY B 571 -33.43 -18.99 -13.90
C GLY B 571 -32.81 -17.61 -13.91
N GLN B 572 -32.06 -17.32 -12.85
CA GLN B 572 -31.50 -15.99 -12.64
C GLN B 572 -30.17 -16.12 -11.87
N ASP B 573 -29.48 -15.01 -11.73
CA ASP B 573 -28.21 -14.98 -10.99
C ASP B 573 -28.52 -15.03 -9.50
N ILE B 574 -28.26 -16.18 -8.90
CA ILE B 574 -28.68 -16.42 -7.53
C ILE B 574 -27.56 -16.82 -6.60
N VAL B 575 -27.90 -16.70 -5.32
CA VAL B 575 -26.99 -16.95 -4.21
C VAL B 575 -27.71 -17.86 -3.21
N VAL B 576 -27.06 -18.94 -2.83
CA VAL B 576 -27.58 -19.87 -1.84
C VAL B 576 -26.84 -19.62 -0.53
N TRP B 577 -27.57 -19.52 0.56
CA TRP B 577 -26.94 -19.27 1.87
C TRP B 577 -27.36 -20.45 2.74
N HIS B 578 -26.38 -21.33 3.04
CA HIS B 578 -26.68 -22.51 3.85
C HIS B 578 -26.21 -22.32 5.30
N THR B 579 -27.16 -22.46 6.21
CA THR B 579 -26.89 -22.48 7.65
C THR B 579 -26.55 -23.87 8.13
N PHE B 580 -25.46 -23.99 8.90
CA PHE B 580 -25.11 -25.32 9.45
C PHE B 580 -24.33 -25.09 10.71
N GLY B 581 -24.49 -25.96 11.72
CA GLY B 581 -23.79 -25.67 12.95
C GLY B 581 -23.67 -26.86 13.89
N LEU B 582 -22.86 -26.68 14.92
CA LEU B 582 -22.72 -27.66 16.00
C LEU B 582 -23.44 -27.18 17.24
N THR B 583 -24.19 -28.06 17.90
CA THR B 583 -24.78 -27.75 19.16
C THR B 583 -23.95 -28.47 20.21
N HIS B 584 -23.40 -27.70 21.15
CA HIS B 584 -22.37 -28.20 22.04
C HIS B 584 -22.85 -28.17 23.48
N PHE B 585 -23.01 -29.36 24.04
CA PHE B 585 -23.22 -29.60 25.46
C PHE B 585 -21.87 -30.15 25.93
N PRO B 586 -21.03 -29.29 26.47
CA PRO B 586 -19.65 -29.77 26.61
C PRO B 586 -19.47 -30.95 27.56
N ARG B 587 -18.54 -31.84 27.19
CA ARG B 587 -18.33 -33.10 27.91
C ARG B 587 -17.04 -32.94 28.71
N VAL B 588 -16.87 -33.79 29.72
CA VAL B 588 -15.62 -33.80 30.49
C VAL B 588 -14.42 -33.95 29.55
N GLU B 589 -14.58 -34.73 28.49
CA GLU B 589 -13.48 -34.94 27.54
C GLU B 589 -13.04 -33.70 26.78
N ASP B 590 -13.84 -32.62 26.86
CA ASP B 590 -13.50 -31.37 26.17
C ASP B 590 -12.58 -30.51 27.01
N TRP B 591 -12.35 -30.94 28.24
CA TRP B 591 -11.56 -30.15 29.19
C TRP B 591 -10.25 -30.93 29.48
N PRO B 592 -9.09 -30.23 29.55
CA PRO B 592 -8.89 -28.78 29.56
C PRO B 592 -8.69 -28.13 28.18
N ILE B 593 -8.53 -28.94 27.13
CA ILE B 593 -8.44 -28.40 25.74
C ILE B 593 -9.24 -29.41 24.94
N MET B 594 -10.05 -28.93 23.97
CA MET B 594 -11.07 -29.84 23.41
C MET B 594 -10.57 -30.53 22.15
N PRO B 595 -10.86 -31.82 22.02
CA PRO B 595 -10.53 -32.51 20.75
C PRO B 595 -11.43 -31.95 19.66
N VAL B 596 -10.94 -31.90 18.43
CA VAL B 596 -11.70 -31.37 17.31
C VAL B 596 -13.03 -32.04 17.14
N ASP B 597 -14.07 -31.25 16.87
CA ASP B 597 -15.32 -31.79 16.36
C ASP B 597 -15.65 -31.05 15.07
N THR B 598 -16.52 -31.64 14.27
CA THR B 598 -16.65 -31.18 12.89
C THR B 598 -18.10 -30.98 12.43
N VAL B 599 -18.28 -30.07 11.47
CA VAL B 599 -19.57 -29.92 10.83
C VAL B 599 -19.29 -29.34 9.46
N GLY B 600 -20.20 -29.50 8.52
CA GLY B 600 -19.95 -29.04 7.18
C GLY B 600 -21.08 -29.36 6.24
N PHE B 601 -20.77 -29.43 4.95
CA PHE B 601 -21.78 -29.77 3.93
C PHE B 601 -21.02 -30.11 2.66
N LYS B 602 -21.72 -30.66 1.66
CA LYS B 602 -21.05 -30.91 0.37
C LYS B 602 -22.01 -30.70 -0.75
N LEU B 603 -21.46 -30.48 -1.94
CA LEU B 603 -22.26 -30.45 -3.14
C LEU B 603 -21.69 -31.48 -4.09
N ARG B 604 -22.59 -32.30 -4.63
CA ARG B 604 -22.18 -33.36 -5.58
C ARG B 604 -22.86 -33.09 -6.93
N PRO B 605 -22.17 -33.37 -8.02
CA PRO B 605 -22.80 -33.20 -9.34
C PRO B 605 -24.04 -34.07 -9.46
N GLU B 606 -25.04 -33.54 -10.15
CA GLU B 606 -26.31 -34.25 -10.34
C GLU B 606 -26.68 -34.13 -11.82
N GLY B 607 -26.20 -35.06 -12.64
CA GLY B 607 -26.35 -34.90 -14.09
C GLY B 607 -25.65 -33.65 -14.66
N PHE B 608 -24.65 -33.15 -13.94
CA PHE B 608 -23.81 -32.08 -14.50
C PHE B 608 -22.96 -32.65 -15.63
N PHE B 609 -22.46 -33.85 -15.44
CA PHE B 609 -21.61 -34.48 -16.45
C PHE B 609 -22.40 -35.50 -17.26
N ASP B 610 -21.85 -35.92 -18.40
CA ASP B 610 -22.57 -36.83 -19.30
C ASP B 610 -22.38 -38.32 -18.96
N ARG B 611 -21.51 -38.57 -17.98
CA ARG B 611 -21.17 -39.89 -17.41
C ARG B 611 -20.14 -39.57 -16.33
N SER B 612 -19.65 -40.58 -15.63
CA SER B 612 -18.61 -40.32 -14.63
C SER B 612 -17.48 -39.46 -15.19
N PRO B 613 -17.08 -38.43 -14.43
CA PRO B 613 -15.97 -37.58 -14.88
C PRO B 613 -14.59 -38.14 -14.52
N VAL B 614 -14.53 -39.35 -13.97
CA VAL B 614 -13.24 -39.88 -13.51
C VAL B 614 -12.87 -41.19 -14.19
N LEU B 615 -13.35 -41.40 -15.41
CA LEU B 615 -12.98 -42.61 -16.16
C LEU B 615 -11.56 -42.53 -16.66
N ASP B 616 -11.00 -41.31 -16.71
CA ASP B 616 -9.63 -41.16 -17.20
C ASP B 616 -8.56 -41.18 -16.12
N VAL B 617 -8.93 -41.48 -14.88
CA VAL B 617 -7.97 -41.59 -13.82
C VAL B 617 -7.22 -42.90 -14.03
N PRO B 618 -5.89 -42.87 -14.04
CA PRO B 618 -5.18 -44.12 -14.29
C PRO B 618 -5.05 -44.97 -13.02
N ALA B 619 -4.70 -46.26 -13.18
CA ALA B 619 -4.39 -47.09 -12.00
C ALA B 619 -3.21 -46.53 -11.23
N ASN B 620 -3.27 -46.57 -9.90
CA ASN B 620 -2.14 -46.18 -9.06
C ASN B 620 -0.88 -46.99 -9.38
N PRO B 621 0.29 -46.33 -9.40
CA PRO B 621 1.57 -46.97 -9.71
C PRO B 621 2.14 -47.73 -8.52
CU CU C . 13.12 25.93 -20.10
NA NA D . 15.97 16.85 10.84
C1 PGE E . -6.14 21.73 -36.00
O1 PGE E . -6.23 22.95 -35.39
C2 PGE E . -4.85 21.08 -35.60
O2 PGE E . -4.04 20.96 -36.71
C3 PGE E . -3.77 22.06 -37.49
C4 PGE E . -2.86 21.68 -38.60
O4 PGE E . -3.22 25.64 -41.03
C6 PGE E . -2.44 24.56 -40.68
C5 PGE E . -3.14 23.81 -39.60
O3 PGE E . -2.31 22.82 -39.13
C1 PGE F . 21.98 30.74 -42.01
O1 PGE F . 22.38 29.53 -41.45
C2 PGE F . 22.94 31.84 -41.68
O2 PGE F . 22.39 32.75 -40.80
C3 PGE F . 23.14 33.30 -39.78
C4 PGE F . 24.10 34.29 -40.32
O4 PGE F . 24.39 37.56 -40.48
C6 PGE F . 24.52 36.86 -39.29
C5 PGE F . 25.63 35.87 -39.41
O3 PGE F . 25.08 34.60 -39.38
C1 PGE G . 8.85 42.05 17.30
O1 PGE G . 9.14 42.03 18.67
C2 PGE G . 8.21 40.76 16.98
O2 PGE G . 9.03 39.71 17.26
C3 PGE G . 10.36 39.71 16.95
C4 PGE G . 10.84 38.30 16.95
O4 PGE G . 13.86 38.18 20.40
C6 PGE G . 13.84 38.47 19.03
C5 PGE G . 12.40 38.49 18.68
O3 PGE G . 12.16 38.33 17.34
O1 PG4 H . 15.02 8.96 -49.25
C1 PG4 H . 14.10 8.10 -48.68
C2 PG4 H . 12.94 8.93 -48.28
O2 PG4 H . 11.81 8.22 -47.98
C3 PG4 H . 10.67 8.91 -47.62
C4 PG4 H . 10.18 9.54 -48.86
O3 PG4 H . 9.19 10.47 -48.63
C5 PG4 H . 8.56 10.91 -49.77
C6 PG4 H . 9.53 11.77 -50.50
O4 PG4 H . 9.09 12.06 -51.77
C7 PG4 H . 9.81 12.92 -52.55
C8 PG4 H . 11.13 12.28 -52.70
O5 PG4 H . 12.04 13.04 -51.99
O1 PG4 I . 13.31 15.86 -24.03
C1 PG4 I . 12.30 16.11 -23.16
C2 PG4 I . 12.73 15.56 -21.87
O2 PG4 I . 12.75 14.19 -21.98
C3 PG4 I . 13.93 13.58 -22.33
C4 PG4 I . 13.72 12.12 -22.46
O3 PG4 I . 14.95 11.59 -22.87
C5 PG4 I . 15.21 11.75 -24.21
C6 PG4 I . 16.42 11.00 -24.68
O4 PG4 I . 16.77 11.52 -25.94
C7 PG4 I . 17.40 12.75 -25.98
C8 PG4 I . 17.51 13.32 -27.36
O5 PG4 I . 18.83 13.67 -27.67
OH2 1PE J . -6.97 12.36 -37.22
C12 1PE J . -7.79 13.19 -36.47
C22 1PE J . -7.29 13.31 -35.07
OH3 1PE J . -7.61 12.17 -34.34
C13 1PE J . -6.31 10.23 -34.62
C23 1PE J . -6.62 11.41 -33.76
OH4 1PE J . -5.51 10.66 -35.65
C14 1PE J . -6.11 9.44 -37.60
C24 1PE J . -5.06 9.76 -36.59
OH5 1PE J . -5.48 8.96 -38.72
C15 1PE J . -5.27 10.73 -40.27
C25 1PE J . -4.58 9.74 -39.40
OH6 1PE J . -5.19 11.99 -39.73
C16 1PE J . -5.17 14.37 -39.81
C26 1PE J . -5.03 13.10 -40.56
OH7 1PE J . -6.40 14.41 -39.18
C1 EDO K . 17.34 4.36 -2.02
O1 EDO K . 18.61 4.69 -1.45
C2 EDO K . 16.35 5.50 -1.93
O2 EDO K . 15.24 5.37 -2.84
C1 EDO L . -3.62 34.75 -30.85
O1 EDO L . -2.31 35.06 -30.39
C2 EDO L . -3.76 33.24 -31.00
O2 EDO L . -3.48 32.61 -29.74
C1 EDO M . 7.68 55.98 21.09
O1 EDO M . 7.82 56.28 22.49
C2 EDO M . 7.22 57.20 20.30
O2 EDO M . 5.85 57.51 20.62
C1 EDO N . -7.95 13.36 -30.91
O1 EDO N . -6.97 14.13 -30.19
C2 EDO N . -8.30 12.13 -30.10
O2 EDO N . -8.03 10.96 -30.88
C1 EDO O . 42.90 46.82 9.02
O1 EDO O . 43.56 47.97 8.49
C2 EDO O . 43.12 45.62 8.12
O2 EDO O . 43.76 44.58 8.87
C1 EDO P . 22.63 6.15 -3.17
O1 EDO P . 22.31 7.05 -2.12
C2 EDO P . 23.99 6.31 -3.84
O2 EDO P . 24.72 5.07 -4.06
C1 EDO Q . -4.83 34.54 -22.14
O1 EDO Q . -4.99 33.15 -22.53
C2 EDO Q . -3.66 35.21 -22.87
O2 EDO Q . -3.35 36.54 -22.35
C1 EDO R . -6.40 6.07 -33.78
O1 EDO R . -5.79 7.30 -33.36
C2 EDO R . -5.38 4.92 -33.96
O2 EDO R . -4.50 4.83 -32.83
C1 PEG S . 16.52 6.88 -21.91
O1 PEG S . 17.19 7.29 -23.05
C2 PEG S . 16.42 8.06 -20.98
O2 PEG S . 17.37 9.02 -21.29
C3 PEG S . 17.20 10.33 -20.85
C4 PEG S . 18.51 11.00 -20.59
O4 PEG S . 18.89 11.82 -21.65
C1 PEG T . -1.17 42.67 -8.41
O1 PEG T . -2.50 42.94 -8.63
C2 PEG T . -0.41 43.94 -8.30
O2 PEG T . -0.82 44.80 -9.31
C3 PEG T . -0.66 46.16 -9.25
C4 PEG T . -1.79 46.84 -9.95
O4 PEG T . -1.93 46.27 -11.20
C1 PEG U . 0.37 26.45 -38.88
O1 PEG U . 0.95 25.42 -39.58
C2 PEG U . -0.55 25.95 -37.79
O2 PEG U . -1.43 26.94 -37.48
C3 PEG U . -2.56 26.72 -36.70
C4 PEG U . -2.35 25.63 -35.71
O4 PEG U . -3.31 24.64 -35.85
C1 PEG V . 13.68 32.64 -21.83
O1 PEG V . 12.98 33.80 -21.85
C2 PEG V . 15.15 32.75 -21.59
O2 PEG V . 15.64 31.96 -20.64
C3 PEG V . 15.05 32.06 -19.43
C4 PEG V . 14.94 30.70 -18.90
O4 PEG V . 14.26 30.71 -17.71
C1 PEG W . 27.17 32.10 -8.93
O1 PEG W . 26.14 31.76 -8.10
C2 PEG W . 27.32 31.31 -10.17
O2 PEG W . 28.14 31.96 -11.07
C3 PEG W . 29.28 32.57 -10.64
C4 PEG W . 30.34 32.34 -11.66
O4 PEG W . 30.37 30.99 -11.98
C1 PEG X . 17.11 8.61 -0.59
O1 PEG X . 17.95 7.50 -0.52
C2 PEG X . 17.19 9.52 0.60
O2 PEG X . 16.67 8.95 1.75
C3 PEG X . 16.63 9.69 2.92
C4 PEG X . 15.88 8.97 4.00
O4 PEG X . 16.76 8.24 4.80
N6A HDZ Y . 3.87 43.58 -4.40
N6B HDZ Y . 3.62 44.66 -4.50
CU CU Z . -18.35 -25.28 21.46
NA NA AA . -25.09 -16.44 -8.93
C1 PGE BA . -28.17 -17.00 42.96
O1 PGE BA . -29.34 -16.92 42.25
C2 PGE BA . -27.14 -16.12 42.34
O2 PGE BA . -25.97 -16.22 43.09
C3 PGE BA . -25.58 -17.47 43.47
C4 PGE BA . -24.20 -17.47 44.05
O4 PGE BA . -25.48 -21.27 46.47
C6 PGE BA . -24.48 -20.34 46.26
C5 PGE BA . -25.03 -19.23 45.44
O3 PGE BA . -24.03 -18.70 44.65
C1 PGE CA . -3.42 -34.43 37.97
O1 PGE CA . -3.46 -33.49 38.98
C2 PGE CA . -4.66 -35.25 38.00
O2 PGE CA . -4.46 -36.47 37.39
C3 PGE CA . -3.97 -36.53 36.11
C4 PGE CA . -2.89 -37.55 36.14
O4 PGE CA . 0.29 -39.60 36.35
C6 PGE CA . -0.30 -38.44 35.88
C5 PGE CA . -1.34 -38.76 34.87
O3 PGE CA . -2.30 -37.77 34.92
C1 PGE DA . -19.34 -8.82 -4.68
O1 PGE DA . -19.91 -8.68 -5.93
C2 PGE DA . -20.37 -8.65 -3.62
O2 PGE DA . -20.48 -9.77 -2.82
C3 PGE DA . -19.36 -10.40 -2.30
C4 PGE DA . -18.63 -9.47 -1.41
O4 PGE DA . -16.26 -7.69 -0.54
C6 PGE DA . -16.19 -8.88 0.17
C5 PGE DA . -17.54 -9.27 0.68
O3 PGE DA . -18.22 -10.05 -0.24
O1 PG4 EA . -1.26 -11.06 46.95
C1 PG4 EA . -1.89 -9.83 46.79
C2 PG4 EA . -3.35 -10.08 46.50
O2 PG4 EA . -4.12 -8.95 46.53
C3 PG4 EA . -5.49 -9.13 46.71
C4 PG4 EA . -5.68 -9.74 48.07
O3 PG4 EA . -6.95 -10.25 48.21
C5 PG4 EA . -7.35 -10.64 49.48
C6 PG4 EA . -6.17 -11.28 50.08
O4 PG4 EA . -6.49 -12.47 50.66
C7 PG4 EA . -5.87 -12.74 51.83
C8 PG4 EA . -4.43 -12.87 51.56
O5 PG4 EA . -4.30 -13.83 50.57
O1 PG4 FA . -12.44 -14.12 25.08
C1 PG4 FA . -13.73 -14.59 25.21
C2 PG4 FA . -14.02 -15.65 24.20
O2 PG4 FA . -14.86 -15.41 23.11
C3 PG4 FA . -14.85 -14.19 22.42
C4 PG4 FA . -13.44 -13.84 22.11
O3 PG4 FA . -13.21 -12.49 22.26
C5 PG4 FA . -11.90 -12.04 22.04
C6 PG4 FA . -11.09 -12.37 23.23
O4 PG4 FA . -9.78 -11.94 23.13
C7 PG4 FA . -8.96 -12.33 24.16
C8 PG4 FA . -8.71 -13.80 24.07
O5 PG4 FA . -8.57 -14.33 25.33
OH2 1PE GA . -27.71 -7.67 41.91
C12 1PE GA . -27.82 -6.41 41.33
C22 1PE GA . -26.64 -6.11 40.47
OH3 1PE GA . -25.48 -6.00 41.23
C13 1PE GA . -23.57 -5.06 42.17
C23 1PE GA . -24.81 -4.80 41.38
OH4 1PE GA . -23.48 -4.27 43.30
C14 1PE GA . -22.69 -5.69 45.03
C24 1PE GA . -23.78 -4.79 44.53
OH5 1PE GA . -23.24 -6.94 45.23
C15 1PE GA . -23.49 -9.13 45.94
C25 1PE GA . -22.69 -7.87 46.08
OH6 1PE GA . -24.77 -8.78 45.59
C16 1PE GA . -27.10 -9.21 45.52
C26 1PE GA . -25.72 -9.78 45.41
OH7 1PE GA . -27.55 -8.84 44.27
C1 EDO HA . -24.11 -1.06 39.99
O1 EDO HA . -24.99 -1.92 39.22
C2 EDO HA . -23.62 0.11 39.14
O2 EDO HA . -23.47 -0.38 37.80
C1 EDO IA . -35.96 -27.02 30.36
O1 EDO IA . -36.38 -26.55 31.64
C2 EDO IA . -35.75 -28.53 30.39
O2 EDO IA . -34.73 -28.85 31.35
C1 EDO JA . -10.72 -8.64 0.87
O1 EDO JA . -11.85 -8.91 0.05
C2 EDO JA . -9.34 -8.99 0.36
O2 EDO JA . -8.37 -7.92 0.44
C1 EDO KA . -8.84 -52.90 -14.81
O1 EDO KA . -8.06 -54.10 -14.71
C2 EDO KA . -8.08 -51.72 -14.22
O2 EDO KA . -7.41 -50.97 -15.24
C1 EDO LA . -49.53 -46.12 -6.12
O1 EDO LA . -49.19 -46.53 -7.44
C2 EDO LA . -48.32 -45.49 -5.46
O2 EDO LA . -48.33 -44.05 -5.56
C1 EDO MA . -15.69 -5.29 1.38
O1 EDO MA . -14.88 -6.00 0.45
C2 EDO MA . -16.95 -6.02 1.76
O2 EDO MA . -17.47 -5.55 3.01
C1 EDO NA . -14.31 -41.51 -2.92
O1 EDO NA . -13.69 -42.13 -1.82
C2 EDO NA . -15.70 -40.90 -2.72
O2 EDO NA . -16.15 -40.65 -4.09
C1 EDO OA . -47.20 -51.26 -12.34
O1 EDO OA . -47.37 -52.17 -13.42
C2 EDO OA . -47.34 -52.03 -11.04
O2 EDO OA . -48.73 -52.30 -10.78
C1 EDO PA . -15.77 -28.71 19.05
O1 EDO PA . -14.74 -29.53 19.63
C2 EDO PA . -17.04 -28.64 19.87
O2 EDO PA . -18.14 -28.04 19.17
C1 EDO QA . -3.86 -52.05 -10.42
O1 EDO QA . -4.64 -51.99 -11.62
C2 EDO QA . -2.44 -51.55 -10.71
O2 EDO QA . -1.69 -52.58 -11.37
C1 PEG RA . -9.85 -8.58 19.80
O1 PEG RA . -9.25 -7.78 20.76
C2 PEG RA . -9.24 -9.94 19.86
O2 PEG RA . -10.16 -10.88 19.43
C3 PEG RA . -9.73 -12.04 18.80
C4 PEG RA . -9.25 -12.94 19.88
O4 PEG RA . -8.37 -13.87 19.40
C1 PEG SA . -0.29 -11.11 -1.07
O1 PEG SA . -0.12 -12.45 -0.77
C2 PEG SA . 0.73 -10.63 -2.04
O2 PEG SA . 0.28 -10.87 -3.32
C3 PEG SA . -0.54 -9.97 -3.93
C4 PEG SA . -0.91 -10.40 -5.30
O4 PEG SA . -1.71 -9.41 -5.85
C1 PEG TA . -11.72 -34.57 6.28
O1 PEG TA . -13.06 -34.70 6.03
C2 PEG TA . -11.30 -34.64 7.69
O2 PEG TA . -10.23 -35.47 7.73
C3 PEG TA . -9.07 -34.97 8.21
C4 PEG TA . -8.97 -35.33 9.64
O4 PEG TA . -9.70 -34.54 10.51
C1 PEG UA . -39.77 -37.12 16.62
O1 PEG UA . -39.78 -36.48 17.83
C2 PEG UA . -39.51 -38.57 16.80
O2 PEG UA . -39.92 -39.05 18.03
C3 PEG UA . -40.09 -40.41 18.25
C4 PEG UA . -40.19 -40.77 19.70
O4 PEG UA . -40.15 -39.63 20.50
C1 PEG VA . -36.02 -36.62 -14.24
O1 PEG VA . -36.53 -35.81 -15.23
C2 PEG VA . -35.95 -35.89 -12.94
O2 PEG VA . -37.15 -35.98 -12.28
C3 PEG VA . -37.28 -35.51 -10.99
C4 PEG VA . -38.72 -35.42 -10.59
O4 PEG VA . -39.30 -36.68 -10.46
C1 PEG WA . -22.27 -21.78 43.73
O1 PEG WA . -21.31 -22.69 44.11
C2 PEG WA . -23.40 -22.61 43.25
O2 PEG WA . -24.29 -21.87 42.53
C3 PEG WA . -25.62 -22.00 42.82
C4 PEG WA . -26.42 -21.35 41.74
O4 PEG WA . -26.54 -19.99 41.96
N6A HDZ XA . -37.41 -39.93 12.04
N6B HDZ XA . -37.04 -38.91 11.73
#